data_3C8P
# 
_entry.id   3C8P 
# 
_audit_conform.dict_name       mmcif_pdbx.dic 
_audit_conform.dict_version    5.398 
_audit_conform.dict_location   http://mmcif.pdb.org/dictionaries/ascii/mmcif_pdbx.dic 
# 
loop_
_database_2.database_id 
_database_2.database_code 
_database_2.pdbx_database_accession 
_database_2.pdbx_DOI 
PDB   3C8P         pdb_00003c8p 10.2210/pdb3c8p/pdb 
RCSB  RCSB046481   ?            ?                   
WWPDB D_1000046481 ?            ?                   
# 
loop_
_pdbx_audit_revision_history.ordinal 
_pdbx_audit_revision_history.data_content_type 
_pdbx_audit_revision_history.major_revision 
_pdbx_audit_revision_history.minor_revision 
_pdbx_audit_revision_history.revision_date 
1 'Structure model' 1 0 2008-06-17 
2 'Structure model' 1 1 2011-07-13 
3 'Structure model' 1 2 2024-10-30 
# 
_pdbx_audit_revision_details.ordinal             1 
_pdbx_audit_revision_details.revision_ordinal    1 
_pdbx_audit_revision_details.data_content_type   'Structure model' 
_pdbx_audit_revision_details.provider            repository 
_pdbx_audit_revision_details.type                'Initial release' 
_pdbx_audit_revision_details.description         ? 
_pdbx_audit_revision_details.details             ? 
# 
loop_
_pdbx_audit_revision_group.ordinal 
_pdbx_audit_revision_group.revision_ordinal 
_pdbx_audit_revision_group.data_content_type 
_pdbx_audit_revision_group.group 
1 2 'Structure model' 'Version format compliance' 
2 3 'Structure model' 'Data collection'           
3 3 'Structure model' 'Database references'       
4 3 'Structure model' 'Structure summary'         
# 
loop_
_pdbx_audit_revision_category.ordinal 
_pdbx_audit_revision_category.revision_ordinal 
_pdbx_audit_revision_category.data_content_type 
_pdbx_audit_revision_category.category 
1 3 'Structure model' chem_comp_atom            
2 3 'Structure model' chem_comp_bond            
3 3 'Structure model' database_2                
4 3 'Structure model' diffrn_source             
5 3 'Structure model' pdbx_entry_details        
6 3 'Structure model' pdbx_modification_feature 
# 
loop_
_pdbx_audit_revision_item.ordinal 
_pdbx_audit_revision_item.revision_ordinal 
_pdbx_audit_revision_item.data_content_type 
_pdbx_audit_revision_item.item 
1 3 'Structure model' '_database_2.pdbx_DOI'                 
2 3 'Structure model' '_database_2.pdbx_database_accession'  
3 3 'Structure model' '_diffrn_source.pdbx_synchrotron_site' 
# 
_pdbx_database_status.entry_id                        3C8P 
_pdbx_database_status.deposit_site                    RCSB 
_pdbx_database_status.process_site                    RCSB 
_pdbx_database_status.recvd_initial_deposition_date   2008-02-13 
_pdbx_database_status.status_code                     REL 
_pdbx_database_status.status_code_sf                  REL 
_pdbx_database_status.status_code_mr                  ? 
_pdbx_database_status.SG_entry                        ? 
_pdbx_database_status.pdb_format_compatible           Y 
_pdbx_database_status.status_code_cs                  ? 
_pdbx_database_status.status_code_nmr_data            ? 
_pdbx_database_status.methods_development_category    ? 
# 
loop_
_audit_author.name 
_audit_author.pdbx_ordinal 
'Pal, A.'          1 
'Debreczeni, J.E.' 2 
'Sevvana, M.'      3 
'Gruene, T.'       4 
'Kahle, B.'        5 
'Zeeck, A.'        6 
'Sheldrick, G.M.'  7 
# 
_citation.id                        primary 
_citation.title                     'Structures of viscotoxins A1 and B2 from European mistletoe solved using native data alone' 
_citation.journal_abbrev            'Acta Crystallogr.,Sect.D' 
_citation.journal_volume            64 
_citation.page_first                985 
_citation.page_last                 992 
_citation.year                      2008 
_citation.journal_id_ASTM           ABCRE6 
_citation.country                   DK 
_citation.journal_id_ISSN           0907-4449 
_citation.journal_id_CSD            0766 
_citation.book_publisher            ? 
_citation.pdbx_database_id_PubMed   18703848 
_citation.pdbx_database_id_DOI      10.1107/S0907444908022646 
# 
loop_
_citation_author.citation_id 
_citation_author.name 
_citation_author.ordinal 
_citation_author.identifier_ORCID 
primary 'Pal, A.'          1 ? 
primary 'Debreczeni, J.E.' 2 ? 
primary 'Sevvana, M.'      3 ? 
primary 'Gruene, T.'       4 ? 
primary 'Kahle, B.'        5 ? 
primary 'Zeeck, A.'        6 ? 
primary 'Sheldrick, G.M.'  7 ? 
# 
loop_
_entity.id 
_entity.type 
_entity.src_method 
_entity.pdbx_description 
_entity.formula_weight 
_entity.pdbx_number_of_molecules 
_entity.pdbx_ec 
_entity.pdbx_mutation 
_entity.pdbx_fragment 
_entity.details 
1 polymer nat 'Viscotoxin A1' 4896.630 2   ? ? ? ? 
2 water   nat water           18.015   135 ? ? ? ? 
# 
_entity_poly.entity_id                      1 
_entity_poly.type                           'polypeptide(L)' 
_entity_poly.nstd_linkage                   no 
_entity_poly.nstd_monomer                   no 
_entity_poly.pdbx_seq_one_letter_code       KSCCPSTTGRNIYNTCRLTGSSRETCAKLSGCKIISASTCPSNYPK 
_entity_poly.pdbx_seq_one_letter_code_can   KSCCPSTTGRNIYNTCRLTGSSRETCAKLSGCKIISASTCPSNYPK 
_entity_poly.pdbx_strand_id                 A,B 
_entity_poly.pdbx_target_identifier         ? 
# 
_pdbx_entity_nonpoly.entity_id   2 
_pdbx_entity_nonpoly.name        water 
_pdbx_entity_nonpoly.comp_id     HOH 
# 
loop_
_entity_poly_seq.entity_id 
_entity_poly_seq.num 
_entity_poly_seq.mon_id 
_entity_poly_seq.hetero 
1 1  LYS n 
1 2  SER n 
1 3  CYS n 
1 4  CYS n 
1 5  PRO n 
1 6  SER n 
1 7  THR n 
1 8  THR n 
1 9  GLY n 
1 10 ARG n 
1 11 ASN n 
1 12 ILE n 
1 13 TYR n 
1 14 ASN n 
1 15 THR n 
1 16 CYS n 
1 17 ARG n 
1 18 LEU n 
1 19 THR n 
1 20 GLY n 
1 21 SER n 
1 22 SER n 
1 23 ARG n 
1 24 GLU n 
1 25 THR n 
1 26 CYS n 
1 27 ALA n 
1 28 LYS n 
1 29 LEU n 
1 30 SER n 
1 31 GLY n 
1 32 CYS n 
1 33 LYS n 
1 34 ILE n 
1 35 ILE n 
1 36 SER n 
1 37 ALA n 
1 38 SER n 
1 39 THR n 
1 40 CYS n 
1 41 PRO n 
1 42 SER n 
1 43 ASN n 
1 44 TYR n 
1 45 PRO n 
1 46 LYS n 
# 
_entity_src_nat.entity_id                  1 
_entity_src_nat.pdbx_src_id                1 
_entity_src_nat.pdbx_alt_source_flag       sample 
_entity_src_nat.pdbx_beg_seq_num           ? 
_entity_src_nat.pdbx_end_seq_num           ? 
_entity_src_nat.common_name                'European Mistletoe' 
_entity_src_nat.pdbx_organism_scientific   'Viscum album' 
_entity_src_nat.pdbx_ncbi_taxonomy_id      3972 
_entity_src_nat.genus                      ? 
_entity_src_nat.species                    ? 
_entity_src_nat.strain                     ? 
_entity_src_nat.tissue                     ? 
_entity_src_nat.tissue_fraction            ? 
_entity_src_nat.pdbx_secretion             ? 
_entity_src_nat.pdbx_fragment              ? 
_entity_src_nat.pdbx_variant               ? 
_entity_src_nat.pdbx_cell_line             ? 
_entity_src_nat.pdbx_atcc                  ? 
_entity_src_nat.pdbx_cellular_location     ? 
_entity_src_nat.pdbx_organ                 ? 
_entity_src_nat.pdbx_organelle             ? 
_entity_src_nat.pdbx_cell                  ? 
_entity_src_nat.pdbx_plasmid_name          ? 
_entity_src_nat.pdbx_plasmid_details       ? 
_entity_src_nat.details                    ? 
# 
loop_
_chem_comp.id 
_chem_comp.type 
_chem_comp.mon_nstd_flag 
_chem_comp.name 
_chem_comp.pdbx_synonyms 
_chem_comp.formula 
_chem_comp.formula_weight 
ALA 'L-peptide linking' y ALANINE         ? 'C3 H7 N O2'     89.093  
ARG 'L-peptide linking' y ARGININE        ? 'C6 H15 N4 O2 1' 175.209 
ASN 'L-peptide linking' y ASPARAGINE      ? 'C4 H8 N2 O3'    132.118 
CYS 'L-peptide linking' y CYSTEINE        ? 'C3 H7 N O2 S'   121.158 
GLU 'L-peptide linking' y 'GLUTAMIC ACID' ? 'C5 H9 N O4'     147.129 
GLY 'peptide linking'   y GLYCINE         ? 'C2 H5 N O2'     75.067  
HOH non-polymer         . WATER           ? 'H2 O'           18.015  
ILE 'L-peptide linking' y ISOLEUCINE      ? 'C6 H13 N O2'    131.173 
LEU 'L-peptide linking' y LEUCINE         ? 'C6 H13 N O2'    131.173 
LYS 'L-peptide linking' y LYSINE          ? 'C6 H15 N2 O2 1' 147.195 
PRO 'L-peptide linking' y PROLINE         ? 'C5 H9 N O2'     115.130 
SER 'L-peptide linking' y SERINE          ? 'C3 H7 N O3'     105.093 
THR 'L-peptide linking' y THREONINE       ? 'C4 H9 N O3'     119.119 
TYR 'L-peptide linking' y TYROSINE        ? 'C9 H11 N O3'    181.189 
# 
loop_
_pdbx_poly_seq_scheme.asym_id 
_pdbx_poly_seq_scheme.entity_id 
_pdbx_poly_seq_scheme.seq_id 
_pdbx_poly_seq_scheme.mon_id 
_pdbx_poly_seq_scheme.ndb_seq_num 
_pdbx_poly_seq_scheme.pdb_seq_num 
_pdbx_poly_seq_scheme.auth_seq_num 
_pdbx_poly_seq_scheme.pdb_mon_id 
_pdbx_poly_seq_scheme.auth_mon_id 
_pdbx_poly_seq_scheme.pdb_strand_id 
_pdbx_poly_seq_scheme.pdb_ins_code 
_pdbx_poly_seq_scheme.hetero 
A 1 1  LYS 1  1  1  LYS LYS A . n 
A 1 2  SER 2  2  2  SER SER A . n 
A 1 3  CYS 3  3  3  CYS CYS A . n 
A 1 4  CYS 4  4  4  CYS CYS A . n 
A 1 5  PRO 5  5  5  PRO PRO A . n 
A 1 6  SER 6  6  6  SER SER A . n 
A 1 7  THR 7  7  7  THR THR A . n 
A 1 8  THR 8  8  8  THR THR A . n 
A 1 9  GLY 9  9  9  GLY GLY A . n 
A 1 10 ARG 10 10 10 ARG ARG A . n 
A 1 11 ASN 11 11 11 ASN ASN A . n 
A 1 12 ILE 12 12 12 ILE ILE A . n 
A 1 13 TYR 13 13 13 TYR TYR A . n 
A 1 14 ASN 14 14 14 ASN ASN A . n 
A 1 15 THR 15 15 15 THR THR A . n 
A 1 16 CYS 16 16 16 CYS CYS A . n 
A 1 17 ARG 17 17 17 ARG ARG A . n 
A 1 18 LEU 18 18 18 LEU LEU A . n 
A 1 19 THR 19 19 19 THR THR A . n 
A 1 20 GLY 20 20 20 GLY GLY A . n 
A 1 21 SER 21 21 21 SER SER A . n 
A 1 22 SER 22 22 22 SER SER A . n 
A 1 23 ARG 23 23 23 ARG ARG A . n 
A 1 24 GLU 24 24 24 GLU GLU A . n 
A 1 25 THR 25 25 25 THR THR A . n 
A 1 26 CYS 26 26 26 CYS CYS A . n 
A 1 27 ALA 27 27 27 ALA ALA A . n 
A 1 28 LYS 28 28 28 LYS LYS A . n 
A 1 29 LEU 29 29 29 LEU LEU A . n 
A 1 30 SER 30 30 30 SER SER A . n 
A 1 31 GLY 31 31 31 GLY GLY A . n 
A 1 32 CYS 32 32 32 CYS CYS A . n 
A 1 33 LYS 33 33 33 LYS LYS A . n 
A 1 34 ILE 34 34 34 ILE ILE A . n 
A 1 35 ILE 35 35 35 ILE ILE A . n 
A 1 36 SER 36 36 36 SER SER A . n 
A 1 37 ALA 37 37 37 ALA ALA A . n 
A 1 38 SER 38 38 38 SER SER A . n 
A 1 39 THR 39 39 39 THR THR A . n 
A 1 40 CYS 40 40 40 CYS CYS A . n 
A 1 41 PRO 41 41 41 PRO PRO A . n 
A 1 42 SER 42 42 42 SER SER A . n 
A 1 43 ASN 43 43 43 ASN ASN A . n 
A 1 44 TYR 44 44 44 TYR TYR A . n 
A 1 45 PRO 45 45 45 PRO PRO A . n 
A 1 46 LYS 46 46 46 LYS LYS A . n 
B 1 1  LYS 1  1  1  LYS LYS B . n 
B 1 2  SER 2  2  2  SER SER B . n 
B 1 3  CYS 3  3  3  CYS CYS B . n 
B 1 4  CYS 4  4  4  CYS CYS B . n 
B 1 5  PRO 5  5  5  PRO PRO B . n 
B 1 6  SER 6  6  6  SER SER B . n 
B 1 7  THR 7  7  7  THR THR B . n 
B 1 8  THR 8  8  8  THR THR B . n 
B 1 9  GLY 9  9  9  GLY GLY B . n 
B 1 10 ARG 10 10 10 ARG ARG B . n 
B 1 11 ASN 11 11 11 ASN ASN B . n 
B 1 12 ILE 12 12 12 ILE ILE B . n 
B 1 13 TYR 13 13 13 TYR TYR B . n 
B 1 14 ASN 14 14 14 ASN ASN B . n 
B 1 15 THR 15 15 15 THR THR B . n 
B 1 16 CYS 16 16 16 CYS CYS B . n 
B 1 17 ARG 17 17 17 ARG ARG B . n 
B 1 18 LEU 18 18 18 LEU LEU B . n 
B 1 19 THR 19 19 19 THR THR B . n 
B 1 20 GLY 20 20 20 GLY GLY B . n 
B 1 21 SER 21 21 21 SER SER B . n 
B 1 22 SER 22 22 22 SER SER B . n 
B 1 23 ARG 23 23 23 ARG ARG B . n 
B 1 24 GLU 24 24 24 GLU GLU B . n 
B 1 25 THR 25 25 25 THR THR B . n 
B 1 26 CYS 26 26 26 CYS CYS B . n 
B 1 27 ALA 27 27 27 ALA ALA B . n 
B 1 28 LYS 28 28 28 LYS LYS B . n 
B 1 29 LEU 29 29 29 LEU LEU B . n 
B 1 30 SER 30 30 30 SER SER B . n 
B 1 31 GLY 31 31 31 GLY GLY B . n 
B 1 32 CYS 32 32 32 CYS CYS B . n 
B 1 33 LYS 33 33 33 LYS LYS B . n 
B 1 34 ILE 34 34 34 ILE ILE B . n 
B 1 35 ILE 35 35 35 ILE ILE B . n 
B 1 36 SER 36 36 36 SER SER B . n 
B 1 37 ALA 37 37 37 ALA ALA B . n 
B 1 38 SER 38 38 38 SER SER B . n 
B 1 39 THR 39 39 39 THR THR B . n 
B 1 40 CYS 40 40 40 CYS CYS B . n 
B 1 41 PRO 41 41 41 PRO PRO B . n 
B 1 42 SER 42 42 42 SER SER B . n 
B 1 43 ASN 43 43 43 ASN ASN B . n 
B 1 44 TYR 44 44 44 TYR TYR B . n 
B 1 45 PRO 45 45 45 PRO PRO B . n 
B 1 46 LYS 46 46 46 LYS LYS B . n 
# 
loop_
_pdbx_nonpoly_scheme.asym_id 
_pdbx_nonpoly_scheme.entity_id 
_pdbx_nonpoly_scheme.mon_id 
_pdbx_nonpoly_scheme.ndb_seq_num 
_pdbx_nonpoly_scheme.pdb_seq_num 
_pdbx_nonpoly_scheme.auth_seq_num 
_pdbx_nonpoly_scheme.pdb_mon_id 
_pdbx_nonpoly_scheme.auth_mon_id 
_pdbx_nonpoly_scheme.pdb_strand_id 
_pdbx_nonpoly_scheme.pdb_ins_code 
C 2 HOH 1  3001 3001 HOH HOH A . 
C 2 HOH 2  3002 3002 HOH HOH A . 
C 2 HOH 3  3004 3004 HOH HOH A . 
C 2 HOH 4  3005 3005 HOH HOH A . 
C 2 HOH 5  3007 3007 HOH HOH A . 
C 2 HOH 6  3009 3009 HOH HOH A . 
C 2 HOH 7  3014 3014 HOH HOH A . 
C 2 HOH 8  3017 3017 HOH HOH A . 
C 2 HOH 9  3021 3021 HOH HOH A . 
C 2 HOH 10 3024 3024 HOH HOH A . 
C 2 HOH 11 3026 3026 HOH HOH A . 
C 2 HOH 12 3027 3027 HOH HOH A . 
C 2 HOH 13 3029 3029 HOH HOH A . 
C 2 HOH 14 3031 3031 HOH HOH A . 
C 2 HOH 15 3033 3033 HOH HOH A . 
C 2 HOH 16 3037 3037 HOH HOH A . 
C 2 HOH 17 3038 3038 HOH HOH A . 
C 2 HOH 18 3045 3045 HOH HOH A . 
C 2 HOH 19 3046 3046 HOH HOH A . 
C 2 HOH 20 3047 3047 HOH HOH A . 
C 2 HOH 21 3050 3050 HOH HOH A . 
C 2 HOH 22 3052 3052 HOH HOH A . 
C 2 HOH 23 3053 3053 HOH HOH A . 
C 2 HOH 24 3054 3054 HOH HOH A . 
C 2 HOH 25 3055 3055 HOH HOH A . 
C 2 HOH 26 3059 3059 HOH HOH A . 
C 2 HOH 27 3060 3060 HOH HOH A . 
C 2 HOH 28 3062 3062 HOH HOH A . 
C 2 HOH 29 3063 3063 HOH HOH A . 
C 2 HOH 30 3064 3064 HOH HOH A . 
C 2 HOH 31 3066 3066 HOH HOH A . 
C 2 HOH 32 3067 3067 HOH HOH A . 
C 2 HOH 33 3068 3068 HOH HOH A . 
C 2 HOH 34 3069 3069 HOH HOH A . 
C 2 HOH 35 3072 3072 HOH HOH A . 
C 2 HOH 36 3073 3073 HOH HOH A . 
C 2 HOH 37 3074 3074 HOH HOH A . 
C 2 HOH 38 3084 3084 HOH HOH A . 
C 2 HOH 39 3086 3086 HOH HOH A . 
C 2 HOH 40 3087 3087 HOH HOH A . 
C 2 HOH 41 3090 3090 HOH HOH A . 
C 2 HOH 42 3091 3091 HOH HOH A . 
C 2 HOH 43 3093 3093 HOH HOH A . 
C 2 HOH 44 3094 3094 HOH HOH A . 
C 2 HOH 45 3098 3098 HOH HOH A . 
C 2 HOH 46 3101 3101 HOH HOH A . 
C 2 HOH 47 3103 3103 HOH HOH A . 
C 2 HOH 48 3104 3104 HOH HOH A . 
C 2 HOH 49 3105 3105 HOH HOH A . 
C 2 HOH 50 3107 3107 HOH HOH A . 
C 2 HOH 51 3111 3111 HOH HOH A . 
C 2 HOH 52 3113 3113 HOH HOH A . 
C 2 HOH 53 3115 3115 HOH HOH A . 
C 2 HOH 54 3120 3120 HOH HOH A . 
C 2 HOH 55 3121 3121 HOH HOH A . 
C 2 HOH 56 3122 3122 HOH HOH A . 
C 2 HOH 57 3123 3123 HOH HOH A . 
C 2 HOH 58 3124 3124 HOH HOH A . 
C 2 HOH 59 3126 3126 HOH HOH A . 
C 2 HOH 60 3127 3127 HOH HOH A . 
C 2 HOH 61 3128 3128 HOH HOH A . 
C 2 HOH 62 3130 3130 HOH HOH A . 
C 2 HOH 63 3133 3133 HOH HOH A . 
C 2 HOH 64 3134 3134 HOH HOH A . 
C 2 HOH 65 3135 3135 HOH HOH A . 
C 2 HOH 66 3136 3136 HOH HOH A . 
D 2 HOH 1  3003 3003 HOH HOH B . 
D 2 HOH 2  3006 3006 HOH HOH B . 
D 2 HOH 3  3008 3008 HOH HOH B . 
D 2 HOH 4  3010 3010 HOH HOH B . 
D 2 HOH 5  3011 3011 HOH HOH B . 
D 2 HOH 6  3012 3012 HOH HOH B . 
D 2 HOH 7  3013 3013 HOH HOH B . 
D 2 HOH 8  3015 3015 HOH HOH B . 
D 2 HOH 9  3016 3016 HOH HOH B . 
D 2 HOH 10 3018 3018 HOH HOH B . 
D 2 HOH 11 3019 3019 HOH HOH B . 
D 2 HOH 12 3020 3020 HOH HOH B . 
D 2 HOH 13 3022 3022 HOH HOH B . 
D 2 HOH 14 3023 3023 HOH HOH B . 
D 2 HOH 15 3025 3025 HOH HOH B . 
D 2 HOH 16 3028 3028 HOH HOH B . 
D 2 HOH 17 3030 3030 HOH HOH B . 
D 2 HOH 18 3032 3032 HOH HOH B . 
D 2 HOH 19 3034 3034 HOH HOH B . 
D 2 HOH 20 3035 3035 HOH HOH B . 
D 2 HOH 21 3036 3036 HOH HOH B . 
D 2 HOH 22 3039 3039 HOH HOH B . 
D 2 HOH 23 3040 3040 HOH HOH B . 
D 2 HOH 24 3041 3041 HOH HOH B . 
D 2 HOH 25 3042 3042 HOH HOH B . 
D 2 HOH 26 3043 3043 HOH HOH B . 
D 2 HOH 27 3044 3044 HOH HOH B . 
D 2 HOH 28 3048 3048 HOH HOH B . 
D 2 HOH 29 3049 3049 HOH HOH B . 
D 2 HOH 30 3051 3051 HOH HOH B . 
D 2 HOH 31 3056 3056 HOH HOH B . 
D 2 HOH 32 3057 3057 HOH HOH B . 
D 2 HOH 33 3058 3058 HOH HOH B . 
D 2 HOH 34 3061 3061 HOH HOH B . 
D 2 HOH 35 3065 3065 HOH HOH B . 
D 2 HOH 36 3070 3070 HOH HOH B . 
D 2 HOH 37 3071 3071 HOH HOH B . 
D 2 HOH 38 3075 3075 HOH HOH B . 
D 2 HOH 39 3076 3076 HOH HOH B . 
D 2 HOH 40 3077 3077 HOH HOH B . 
D 2 HOH 41 3078 3078 HOH HOH B . 
D 2 HOH 42 3079 3079 HOH HOH B . 
D 2 HOH 43 3080 3080 HOH HOH B . 
D 2 HOH 44 3081 3081 HOH HOH B . 
D 2 HOH 45 3082 3082 HOH HOH B . 
D 2 HOH 46 3083 3083 HOH HOH B . 
D 2 HOH 47 3085 3085 HOH HOH B . 
D 2 HOH 48 3088 3088 HOH HOH B . 
D 2 HOH 49 3092 3092 HOH HOH B . 
D 2 HOH 50 3095 3095 HOH HOH B . 
D 2 HOH 51 3096 3096 HOH HOH B . 
D 2 HOH 52 3097 3097 HOH HOH B . 
D 2 HOH 53 3099 3099 HOH HOH B . 
D 2 HOH 54 3100 3100 HOH HOH B . 
D 2 HOH 55 3102 3102 HOH HOH B . 
D 2 HOH 56 3106 3106 HOH HOH B . 
D 2 HOH 57 3108 3108 HOH HOH B . 
D 2 HOH 58 3109 3109 HOH HOH B . 
D 2 HOH 59 3110 3110 HOH HOH B . 
D 2 HOH 60 3112 3112 HOH HOH B . 
D 2 HOH 61 3114 3114 HOH HOH B . 
D 2 HOH 62 3116 3116 HOH HOH B . 
D 2 HOH 63 3117 3117 HOH HOH B . 
D 2 HOH 64 3118 3118 HOH HOH B . 
D 2 HOH 65 3119 3119 HOH HOH B . 
D 2 HOH 66 3125 3125 HOH HOH B . 
D 2 HOH 67 3129 3129 HOH HOH B . 
D 2 HOH 68 3131 3131 HOH HOH B . 
D 2 HOH 69 3132 3132 HOH HOH B . 
# 
loop_
_software.name 
_software.version 
_software.date 
_software.type 
_software.contact_author 
_software.contact_author_email 
_software.classification 
_software.location 
_software.language 
_software.citation_id 
_software.pdbx_ordinal 
SHELX       .     ?                    package 'George Sheldrick' gsheldr@shelx.uni-ac.gwdg.de refinement        
http://shelx.uni-ac.gwdg.de/SHELX/ Fortran_77 ? 1 
PDB_EXTRACT 3.004 'September 10, 2007' package PDB                sw-help@rcsb.rutgers.edu     'data extraction' 
http://pdb.rutgers.edu/software/   C++        ? 2 
SAINT       .     ?                    ?       ?                  ?                            'data reduction'  ? ?          ? 3 
SADABS      .     ?                    ?       ?                  ?                            'data scaling'    ? ?          ? 4 
XPREP       .     ?                    ?       ?                  ?                            'data reduction'  ? ?          ? 5 
SHELXD      .     ?                    ?       ?                  ?                            phasing           ? ?          ? 6 
SHELXE      .     ?                    ?       ?                  ?                            'model building'  ? ?          ? 7 
SHELXL-97   .     ?                    ?       ?                  ?                            refinement        ? ?          ? 8 
# 
_cell.entry_id           3C8P 
_cell.length_a           65.730 
_cell.length_b           65.730 
_cell.length_c           47.160 
_cell.angle_alpha        90.00 
_cell.angle_beta         90.00 
_cell.angle_gamma        90.00 
_cell.Z_PDB              16 
_cell.pdbx_unique_axis   ? 
_cell.length_a_esd       ? 
_cell.length_b_esd       ? 
_cell.length_c_esd       ? 
_cell.angle_alpha_esd    ? 
_cell.angle_beta_esd     ? 
_cell.angle_gamma_esd    ? 
# 
_symmetry.entry_id                         3C8P 
_symmetry.space_group_name_H-M             'P 43 21 2' 
_symmetry.pdbx_full_space_group_name_H-M   ? 
_symmetry.cell_setting                     ? 
_symmetry.Int_Tables_number                96 
_symmetry.space_group_name_Hall            ? 
# 
_exptl.entry_id          3C8P 
_exptl.method            'X-RAY DIFFRACTION' 
_exptl.crystals_number   1 
# 
_exptl_crystal.id                    1 
_exptl_crystal.density_meas          ? 
_exptl_crystal.density_Matthews      2.60 
_exptl_crystal.density_percent_sol   52.70 
_exptl_crystal.description           ? 
_exptl_crystal.F_000                 ? 
_exptl_crystal.preparation           ? 
# 
_exptl_crystal_grow.crystal_id      1 
_exptl_crystal_grow.method          ? 
_exptl_crystal_grow.temp            298 
_exptl_crystal_grow.temp_details    ? 
_exptl_crystal_grow.pH              7.50 
_exptl_crystal_grow.pdbx_details    '1.4M Sodium citrate, 0.1 M HEPES pH 7.5, vapor diffusion, temperature 298K, pH 7.50' 
_exptl_crystal_grow.pdbx_pH_range   . 
# 
loop_
_diffrn.id 
_diffrn.ambient_temp 
_diffrn.ambient_temp_details 
_diffrn.crystal_id 
1 100 ? 1 
2 100 ? 1 
# 
loop_
_diffrn_detector.diffrn_id 
_diffrn_detector.detector 
_diffrn_detector.type 
_diffrn_detector.pdbx_collection_date 
_diffrn_detector.details 
1 CCD           'BRUKER SMART 6000'        2004-10-10 'OSMIC FOCUSSING MIRRORS' 
2 'IMAGE PLATE' 'MAR scanner 345 mm plate' 2005-02-08 ?                         
# 
loop_
_diffrn_radiation.diffrn_id 
_diffrn_radiation.wavelength_id 
_diffrn_radiation.pdbx_monochromatic_or_laue_m_l 
_diffrn_radiation.monochromator 
_diffrn_radiation.pdbx_diffrn_protocol 
_diffrn_radiation.pdbx_scattering_type 
1 1 M 'CU K A CRYSTAL MONOCHROMATOR'         'SINGLE WAVELENGTH' x-ray 
2 1 M 'Silicon Double Crystal Monochromator' 'SINGLE WAVELENGTH' x-ray 
# 
loop_
_diffrn_radiation_wavelength.id 
_diffrn_radiation_wavelength.wavelength 
_diffrn_radiation_wavelength.wt 
1 1.54 1.0 
2 1.00 1.0 
# 
loop_
_diffrn_source.diffrn_id 
_diffrn_source.source 
_diffrn_source.type 
_diffrn_source.pdbx_synchrotron_site 
_diffrn_source.pdbx_synchrotron_beamline 
_diffrn_source.pdbx_wavelength 
_diffrn_source.pdbx_wavelength_list 
1 'ROTATING ANODE' 'BRUKER AXS MICROSTAR'             ?                    ?    1.54 ? 
2 SYNCHROTRON      'EMBL/DESY, HAMBURG BEAMLINE BW7B' 'EMBL/DESY, HAMBURG' BW7B 1.00 ? 
# 
_reflns.entry_id                     3C8P 
_reflns.observed_criterion_sigma_I   0.000 
_reflns.observed_criterion_sigma_F   ? 
_reflns.d_resolution_low             47.160 
_reflns.d_resolution_high            1.250 
_reflns.number_obs                   29217 
_reflns.number_all                   ? 
_reflns.percent_possible_obs         100.0 
_reflns.pdbx_Rmerge_I_obs            0.0891 
_reflns.pdbx_Rsym_value              0.0310 
_reflns.pdbx_netI_over_sigmaI        25.5000 
_reflns.B_iso_Wilson_estimate        11.6 
_reflns.pdbx_redundancy              1.800 
_reflns.R_free_details               ? 
_reflns.limit_h_max                  ? 
_reflns.limit_h_min                  ? 
_reflns.limit_k_max                  ? 
_reflns.limit_k_min                  ? 
_reflns.limit_l_max                  ? 
_reflns.limit_l_min                  ? 
_reflns.observed_criterion_F_max     ? 
_reflns.observed_criterion_F_min     ? 
_reflns.pdbx_chi_squared             ? 
_reflns.pdbx_scaling_rejects         ? 
_reflns.pdbx_diffrn_id               1,2 
_reflns.pdbx_ordinal                 1 
# 
_reflns_shell.d_res_high             1.25 
_reflns_shell.d_res_low              1.35 
_reflns_shell.percent_possible_all   100.0 
_reflns_shell.Rmerge_I_obs           0.3038 
_reflns_shell.pdbx_Rsym_value        0.3038 
_reflns_shell.meanI_over_sigI_obs    2.610 
_reflns_shell.pdbx_redundancy        1.75 
_reflns_shell.percent_possible_obs   ? 
_reflns_shell.number_unique_all      ? 
_reflns_shell.number_measured_all    ? 
_reflns_shell.number_measured_obs    ? 
_reflns_shell.number_unique_obs      ? 
_reflns_shell.pdbx_chi_squared       ? 
_reflns_shell.pdbx_diffrn_id         ? 
_reflns_shell.pdbx_ordinal           1 
# 
_refine.entry_id                                 3C8P 
_refine.ls_number_reflns_obs                     ? 
_refine.ls_number_reflns_all                     29166 
_refine.pdbx_ls_sigma_I                          ? 
_refine.pdbx_ls_sigma_F                          0.000 
_refine.pdbx_data_cutoff_high_absF               ? 
_refine.pdbx_data_cutoff_low_absF                ? 
_refine.pdbx_data_cutoff_high_rms_absF           ? 
_refine.ls_d_res_low                             47.16 
_refine.ls_d_res_high                            1.25 
_refine.ls_percent_reflns_obs                    100.0 
_refine.ls_R_factor_obs                          0.1510 
_refine.ls_R_factor_all                          0.1498 
_refine.ls_R_factor_R_work                       ? 
_refine.ls_R_factor_R_free                       0.1910 
_refine.ls_R_factor_R_free_error                 ? 
_refine.ls_R_factor_R_free_error_details         ? 
_refine.ls_percent_reflns_R_free                 4.95 
_refine.ls_number_reflns_R_free                  1445 
_refine.ls_number_parameters                     7269 
_refine.ls_number_restraints                     8599 
_refine.occupancy_min                            ? 
_refine.occupancy_max                            ? 
_refine.correlation_coeff_Fo_to_Fc               ? 
_refine.correlation_coeff_Fo_to_Fc_free          ? 
_refine.B_iso_mean                               17.810 
_refine.aniso_B[1][1]                            ? 
_refine.aniso_B[2][2]                            ? 
_refine.aniso_B[3][3]                            ? 
_refine.aniso_B[1][2]                            ? 
_refine.aniso_B[1][3]                            ? 
_refine.aniso_B[2][3]                            ? 
_refine.solvent_model_details                    'MEWS AND KRETSINGER' 
_refine.solvent_model_param_ksol                 ? 
_refine.solvent_model_param_bsol                 ? 
_refine.pdbx_solvent_vdw_probe_radii             ? 
_refine.pdbx_solvent_ion_probe_radii             ? 
_refine.pdbx_solvent_shrinkage_radii             ? 
_refine.pdbx_ls_cross_valid_method               'FREE R' 
_refine.details                                  ? 
_refine.pdbx_starting_model                      ? 
_refine.pdbx_method_to_determine_struct          SAD 
_refine.pdbx_isotropic_thermal_model             ? 
_refine.pdbx_stereochemistry_target_values       'ENGH AND HUBER' 
_refine.pdbx_stereochem_target_val_spec_case     ? 
_refine.pdbx_R_Free_selection_details            RANDOM 
_refine.pdbx_overall_ESU_R                       ? 
_refine.pdbx_overall_ESU_R_Free                  ? 
_refine.overall_SU_ML                            ? 
_refine.pdbx_overall_phase_error                 ? 
_refine.overall_SU_B                             ? 
_refine.ls_redundancy_reflns_obs                 ? 
_refine.B_iso_min                                ? 
_refine.B_iso_max                                ? 
_refine.overall_SU_R_Cruickshank_DPI             ? 
_refine.overall_SU_R_free                        ? 
_refine.ls_wR_factor_R_free                      ? 
_refine.ls_wR_factor_R_work                      ? 
_refine.overall_FOM_free_R_set                   ? 
_refine.overall_FOM_work_R_set                   ? 
_refine.pdbx_refine_id                           'X-RAY DIFFRACTION' 
_refine.pdbx_diffrn_id                           1 
_refine.pdbx_TLS_residual_ADP_flag               ? 
_refine.pdbx_overall_SU_R_free_Cruickshank_DPI   ? 
_refine.pdbx_overall_SU_R_Blow_DPI               ? 
_refine.pdbx_overall_SU_R_free_Blow_DPI          ? 
# 
_refine_analyze.entry_id                        3C8P 
_refine_analyze.Luzzati_coordinate_error_obs    ? 
_refine_analyze.Luzzati_sigma_a_obs             ? 
_refine_analyze.Luzzati_d_res_low_obs           ? 
_refine_analyze.Luzzati_coordinate_error_free   ? 
_refine_analyze.Luzzati_sigma_a_free            ? 
_refine_analyze.Luzzati_d_res_low_free          ? 
_refine_analyze.number_disordered_residues      1 
_refine_analyze.occupancy_sum_hydrogen          ? 
_refine_analyze.occupancy_sum_non_hydrogen      801.79 
_refine_analyze.pdbx_Luzzati_d_res_high_obs     ? 
_refine_analyze.pdbx_refine_id                  'X-RAY DIFFRACTION' 
# 
_refine_hist.pdbx_refine_id                   'X-RAY DIFFRACTION' 
_refine_hist.cycle_id                         LAST 
_refine_hist.pdbx_number_atoms_protein        674 
_refine_hist.pdbx_number_atoms_nucleic_acid   0 
_refine_hist.pdbx_number_atoms_ligand         0 
_refine_hist.number_atoms_solvent             135 
_refine_hist.number_atoms_total               809 
_refine_hist.d_res_high                       1.25 
_refine_hist.d_res_low                        47.16 
# 
loop_
_refine_ls_restr.type 
_refine_ls_restr.dev_ideal 
_refine_ls_restr.dev_ideal_target 
_refine_ls_restr.weight 
_refine_ls_restr.number 
_refine_ls_restr.pdbx_refine_id 
_refine_ls_restr.pdbx_restraint_function 
s_bond_d               0.013 ? ? ? 'X-RAY DIFFRACTION' ? 
s_angle_d              0.028 ? ? ? 'X-RAY DIFFRACTION' ? 
s_similar_dist         ?     ? ? ? 'X-RAY DIFFRACTION' ? 
s_from_restr_planes    0.360 ? ? ? 'X-RAY DIFFRACTION' ? 
s_zero_chiral_vol      0.072 ? ? ? 'X-RAY DIFFRACTION' ? 
s_non_zero_chiral_vol  0.065 ? ? ? 'X-RAY DIFFRACTION' ? 
s_anti_bump_dis_restr  0.013 ? ? ? 'X-RAY DIFFRACTION' ? 
s_rigid_bond_adp_cmpnt 0.004 ? ? ? 'X-RAY DIFFRACTION' ? 
s_similar_adp_cmpnt    0.038 ? ? ? 'X-RAY DIFFRACTION' ? 
s_approx_iso_adps      0.108 ? ? ? 'X-RAY DIFFRACTION' ? 
# 
_pdbx_refine.entry_id                                    3C8P 
_pdbx_refine.R_factor_all_no_cutoff                      0.1498 
_pdbx_refine.R_factor_obs_no_cutoff                      0.1510 
_pdbx_refine.free_R_factor_no_cutoff                     0.1910 
_pdbx_refine.free_R_error_no_cutoff                      ? 
_pdbx_refine.free_R_val_test_set_size_perc_no_cutoff     4.95 
_pdbx_refine.free_R_val_test_set_ct_no_cutoff            1445 
_pdbx_refine.R_factor_all_4sig_cutoff                    0.1238 
_pdbx_refine.R_factor_obs_4sig_cutoff                    0.1252 
_pdbx_refine.free_R_factor_4sig_cutoff                   0.1670 
_pdbx_refine.free_R_val_test_set_size_perc_4sig_cutoff   5.04 
_pdbx_refine.free_R_val_test_set_ct_4sig_cutoff          1098 
_pdbx_refine.number_reflns_obs_4sig_cutoff               21766 
_pdbx_refine.pdbx_refine_id                              'X-RAY DIFFRACTION' 
# 
_struct.entry_id                  3C8P 
_struct.title                     'X-ray structure of Viscotoxin A1 from Viscum album L.' 
_struct.pdbx_model_details        ? 
_struct.pdbx_CASP_flag            ? 
_struct.pdbx_model_type_details   ? 
# 
_struct_keywords.entry_id        3C8P 
_struct_keywords.text            'helix turn helix, TOXIN' 
_struct_keywords.pdbx_keywords   TOXIN 
# 
loop_
_struct_asym.id 
_struct_asym.pdbx_blank_PDB_chainid_flag 
_struct_asym.pdbx_modified 
_struct_asym.entity_id 
_struct_asym.details 
A N N 1 ? 
B N N 1 ? 
C N N 2 ? 
D N N 2 ? 
# 
_struct_ref.id                         1 
_struct_ref.db_name                    PDB 
_struct_ref.db_code                    3C8P 
_struct_ref.pdbx_db_accession          3C8P 
_struct_ref.entity_id                  1 
_struct_ref.pdbx_align_begin           ? 
_struct_ref.pdbx_seq_one_letter_code   KSCCPSTTGRNIYNTCRLTGSSRETCAKLSGCKIISASTCPSNYPK 
_struct_ref.pdbx_db_isoform            ? 
# 
loop_
_struct_ref_seq.align_id 
_struct_ref_seq.ref_id 
_struct_ref_seq.pdbx_PDB_id_code 
_struct_ref_seq.pdbx_strand_id 
_struct_ref_seq.seq_align_beg 
_struct_ref_seq.pdbx_seq_align_beg_ins_code 
_struct_ref_seq.seq_align_end 
_struct_ref_seq.pdbx_seq_align_end_ins_code 
_struct_ref_seq.pdbx_db_accession 
_struct_ref_seq.db_align_beg 
_struct_ref_seq.pdbx_db_align_beg_ins_code 
_struct_ref_seq.db_align_end 
_struct_ref_seq.pdbx_db_align_end_ins_code 
_struct_ref_seq.pdbx_auth_seq_align_beg 
_struct_ref_seq.pdbx_auth_seq_align_end 
1 1 3C8P A 1 ? 46 ? 3C8P 1 ? 46 ? 1 46 
2 1 3C8P B 1 ? 46 ? 3C8P 1 ? 46 ? 1 46 
# 
_pdbx_struct_assembly.id                   1 
_pdbx_struct_assembly.details              author_defined_assembly 
_pdbx_struct_assembly.method_details       ? 
_pdbx_struct_assembly.oligomeric_details   dimeric 
_pdbx_struct_assembly.oligomeric_count     2 
# 
_pdbx_struct_assembly_gen.assembly_id       1 
_pdbx_struct_assembly_gen.oper_expression   1 
_pdbx_struct_assembly_gen.asym_id_list      A,B,C,D 
# 
_pdbx_struct_oper_list.id                   1 
_pdbx_struct_oper_list.type                 'identity operation' 
_pdbx_struct_oper_list.name                 1_555 
_pdbx_struct_oper_list.symmetry_operation   x,y,z 
_pdbx_struct_oper_list.matrix[1][1]         1.0000000000 
_pdbx_struct_oper_list.matrix[1][2]         0.0000000000 
_pdbx_struct_oper_list.matrix[1][3]         0.0000000000 
_pdbx_struct_oper_list.vector[1]            0.0000000000 
_pdbx_struct_oper_list.matrix[2][1]         0.0000000000 
_pdbx_struct_oper_list.matrix[2][2]         1.0000000000 
_pdbx_struct_oper_list.matrix[2][3]         0.0000000000 
_pdbx_struct_oper_list.vector[2]            0.0000000000 
_pdbx_struct_oper_list.matrix[3][1]         0.0000000000 
_pdbx_struct_oper_list.matrix[3][2]         0.0000000000 
_pdbx_struct_oper_list.matrix[3][3]         1.0000000000 
_pdbx_struct_oper_list.vector[3]            0.0000000000 
# 
_struct_biol.id        1 
_struct_biol.details   ? 
# 
loop_
_struct_conf.conf_type_id 
_struct_conf.id 
_struct_conf.pdbx_PDB_helix_id 
_struct_conf.beg_label_comp_id 
_struct_conf.beg_label_asym_id 
_struct_conf.beg_label_seq_id 
_struct_conf.pdbx_beg_PDB_ins_code 
_struct_conf.end_label_comp_id 
_struct_conf.end_label_asym_id 
_struct_conf.end_label_seq_id 
_struct_conf.pdbx_end_PDB_ins_code 
_struct_conf.beg_auth_comp_id 
_struct_conf.beg_auth_asym_id 
_struct_conf.beg_auth_seq_id 
_struct_conf.end_auth_comp_id 
_struct_conf.end_auth_asym_id 
_struct_conf.end_auth_seq_id 
_struct_conf.pdbx_PDB_helix_class 
_struct_conf.details 
_struct_conf.pdbx_PDB_helix_length 
HELX_P HELX_P1 1 SER A 6  ? LEU A 18 ? SER A 6  LEU A 18 1 ? 13 
HELX_P HELX_P2 2 SER A 22 ? GLY A 31 ? SER A 22 GLY A 31 1 ? 10 
HELX_P HELX_P3 3 SER B 6  ? THR B 19 ? SER B 6  THR B 19 1 ? 14 
HELX_P HELX_P4 4 SER B 22 ? GLY B 31 ? SER B 22 GLY B 31 1 ? 10 
# 
_struct_conf_type.id          HELX_P 
_struct_conf_type.criteria    ? 
_struct_conf_type.reference   ? 
# 
loop_
_struct_conn.id 
_struct_conn.conn_type_id 
_struct_conn.pdbx_leaving_atom_flag 
_struct_conn.pdbx_PDB_id 
_struct_conn.ptnr1_label_asym_id 
_struct_conn.ptnr1_label_comp_id 
_struct_conn.ptnr1_label_seq_id 
_struct_conn.ptnr1_label_atom_id 
_struct_conn.pdbx_ptnr1_label_alt_id 
_struct_conn.pdbx_ptnr1_PDB_ins_code 
_struct_conn.pdbx_ptnr1_standard_comp_id 
_struct_conn.ptnr1_symmetry 
_struct_conn.ptnr2_label_asym_id 
_struct_conn.ptnr2_label_comp_id 
_struct_conn.ptnr2_label_seq_id 
_struct_conn.ptnr2_label_atom_id 
_struct_conn.pdbx_ptnr2_label_alt_id 
_struct_conn.pdbx_ptnr2_PDB_ins_code 
_struct_conn.ptnr1_auth_asym_id 
_struct_conn.ptnr1_auth_comp_id 
_struct_conn.ptnr1_auth_seq_id 
_struct_conn.ptnr2_auth_asym_id 
_struct_conn.ptnr2_auth_comp_id 
_struct_conn.ptnr2_auth_seq_id 
_struct_conn.ptnr2_symmetry 
_struct_conn.pdbx_ptnr3_label_atom_id 
_struct_conn.pdbx_ptnr3_label_seq_id 
_struct_conn.pdbx_ptnr3_label_comp_id 
_struct_conn.pdbx_ptnr3_label_asym_id 
_struct_conn.pdbx_ptnr3_label_alt_id 
_struct_conn.pdbx_ptnr3_PDB_ins_code 
_struct_conn.details 
_struct_conn.pdbx_dist_value 
_struct_conn.pdbx_value_order 
_struct_conn.pdbx_role 
disulf1 disulf ? ? A CYS 3  SG ? ? ? 1_555 A CYS 40 SG ? ? A CYS 3  A CYS 40 1_555 ? ? ? ? ? ? ? 2.059 ? ? 
disulf2 disulf ? ? A CYS 4  SG ? ? ? 1_555 A CYS 32 SG ? ? A CYS 4  A CYS 32 1_555 ? ? ? ? ? ? ? 2.030 ? ? 
disulf3 disulf ? ? A CYS 16 SG ? ? ? 1_555 A CYS 26 SG ? ? A CYS 16 A CYS 26 1_555 ? ? ? ? ? ? ? 2.082 ? ? 
disulf4 disulf ? ? B CYS 3  SG ? ? ? 1_555 B CYS 40 SG ? ? B CYS 3  B CYS 40 1_555 ? ? ? ? ? ? ? 2.067 ? ? 
disulf5 disulf ? ? B CYS 4  SG ? ? ? 1_555 B CYS 32 SG ? ? B CYS 4  B CYS 32 1_555 ? ? ? ? ? ? ? 2.047 ? ? 
disulf6 disulf ? ? B CYS 16 SG ? ? ? 1_555 B CYS 26 SG ? ? B CYS 16 B CYS 26 1_555 ? ? ? ? ? ? ? 2.063 ? ? 
# 
_struct_conn_type.id          disulf 
_struct_conn_type.criteria    ? 
_struct_conn_type.reference   ? 
# 
loop_
_pdbx_modification_feature.ordinal 
_pdbx_modification_feature.label_comp_id 
_pdbx_modification_feature.label_asym_id 
_pdbx_modification_feature.label_seq_id 
_pdbx_modification_feature.label_alt_id 
_pdbx_modification_feature.modified_residue_label_comp_id 
_pdbx_modification_feature.modified_residue_label_asym_id 
_pdbx_modification_feature.modified_residue_label_seq_id 
_pdbx_modification_feature.modified_residue_label_alt_id 
_pdbx_modification_feature.auth_comp_id 
_pdbx_modification_feature.auth_asym_id 
_pdbx_modification_feature.auth_seq_id 
_pdbx_modification_feature.PDB_ins_code 
_pdbx_modification_feature.symmetry 
_pdbx_modification_feature.modified_residue_auth_comp_id 
_pdbx_modification_feature.modified_residue_auth_asym_id 
_pdbx_modification_feature.modified_residue_auth_seq_id 
_pdbx_modification_feature.modified_residue_PDB_ins_code 
_pdbx_modification_feature.modified_residue_symmetry 
_pdbx_modification_feature.comp_id_linking_atom 
_pdbx_modification_feature.modified_residue_id_linking_atom 
_pdbx_modification_feature.modified_residue_id 
_pdbx_modification_feature.ref_pcm_id 
_pdbx_modification_feature.ref_comp_id 
_pdbx_modification_feature.type 
_pdbx_modification_feature.category 
1 CYS A 3  ? CYS A 40 ? CYS A 3  ? 1_555 CYS A 40 ? 1_555 SG SG . . . None 'Disulfide bridge' 
2 CYS A 4  ? CYS A 32 ? CYS A 4  ? 1_555 CYS A 32 ? 1_555 SG SG . . . None 'Disulfide bridge' 
3 CYS A 16 ? CYS A 26 ? CYS A 16 ? 1_555 CYS A 26 ? 1_555 SG SG . . . None 'Disulfide bridge' 
4 CYS B 3  ? CYS B 40 ? CYS B 3  ? 1_555 CYS B 40 ? 1_555 SG SG . . . None 'Disulfide bridge' 
5 CYS B 4  ? CYS B 32 ? CYS B 4  ? 1_555 CYS B 32 ? 1_555 SG SG . . . None 'Disulfide bridge' 
6 CYS B 16 ? CYS B 26 ? CYS B 16 ? 1_555 CYS B 26 ? 1_555 SG SG . . . None 'Disulfide bridge' 
# 
loop_
_struct_sheet.id 
_struct_sheet.type 
_struct_sheet.number_strands 
_struct_sheet.details 
A ? 2 ? 
B ? 2 ? 
# 
loop_
_struct_sheet_order.sheet_id 
_struct_sheet_order.range_id_1 
_struct_sheet_order.range_id_2 
_struct_sheet_order.offset 
_struct_sheet_order.sense 
A 1 2 ? anti-parallel 
B 1 2 ? anti-parallel 
# 
loop_
_struct_sheet_range.sheet_id 
_struct_sheet_range.id 
_struct_sheet_range.beg_label_comp_id 
_struct_sheet_range.beg_label_asym_id 
_struct_sheet_range.beg_label_seq_id 
_struct_sheet_range.pdbx_beg_PDB_ins_code 
_struct_sheet_range.end_label_comp_id 
_struct_sheet_range.end_label_asym_id 
_struct_sheet_range.end_label_seq_id 
_struct_sheet_range.pdbx_end_PDB_ins_code 
_struct_sheet_range.beg_auth_comp_id 
_struct_sheet_range.beg_auth_asym_id 
_struct_sheet_range.beg_auth_seq_id 
_struct_sheet_range.end_auth_comp_id 
_struct_sheet_range.end_auth_asym_id 
_struct_sheet_range.end_auth_seq_id 
A 1 SER A 2  ? CYS A 3  ? SER A 2  CYS A 3  
A 2 LYS A 33 ? ILE A 34 ? LYS A 33 ILE A 34 
B 1 SER B 2  ? CYS B 3  ? SER B 2  CYS B 3  
B 2 LYS B 33 ? ILE B 34 ? LYS B 33 ILE B 34 
# 
loop_
_pdbx_struct_sheet_hbond.sheet_id 
_pdbx_struct_sheet_hbond.range_id_1 
_pdbx_struct_sheet_hbond.range_id_2 
_pdbx_struct_sheet_hbond.range_1_label_atom_id 
_pdbx_struct_sheet_hbond.range_1_label_comp_id 
_pdbx_struct_sheet_hbond.range_1_label_asym_id 
_pdbx_struct_sheet_hbond.range_1_label_seq_id 
_pdbx_struct_sheet_hbond.range_1_PDB_ins_code 
_pdbx_struct_sheet_hbond.range_1_auth_atom_id 
_pdbx_struct_sheet_hbond.range_1_auth_comp_id 
_pdbx_struct_sheet_hbond.range_1_auth_asym_id 
_pdbx_struct_sheet_hbond.range_1_auth_seq_id 
_pdbx_struct_sheet_hbond.range_2_label_atom_id 
_pdbx_struct_sheet_hbond.range_2_label_comp_id 
_pdbx_struct_sheet_hbond.range_2_label_asym_id 
_pdbx_struct_sheet_hbond.range_2_label_seq_id 
_pdbx_struct_sheet_hbond.range_2_PDB_ins_code 
_pdbx_struct_sheet_hbond.range_2_auth_atom_id 
_pdbx_struct_sheet_hbond.range_2_auth_comp_id 
_pdbx_struct_sheet_hbond.range_2_auth_asym_id 
_pdbx_struct_sheet_hbond.range_2_auth_seq_id 
A 1 2 N CYS A 3 ? N CYS A 3 O LYS A 33 ? O LYS A 33 
B 1 2 N CYS B 3 ? N CYS B 3 O LYS B 33 ? O LYS B 33 
# 
_pdbx_entry_details.entry_id                   3C8P 
_pdbx_entry_details.compound_details           ? 
_pdbx_entry_details.source_details             ? 
_pdbx_entry_details.nonpolymer_details         ? 
_pdbx_entry_details.sequence_details           ? 
_pdbx_entry_details.has_ligand_of_interest     ? 
_pdbx_entry_details.has_protein_modification   Y 
# 
loop_
_pdbx_validate_rmsd_angle.id 
_pdbx_validate_rmsd_angle.PDB_model_num 
_pdbx_validate_rmsd_angle.auth_atom_id_1 
_pdbx_validate_rmsd_angle.auth_asym_id_1 
_pdbx_validate_rmsd_angle.auth_comp_id_1 
_pdbx_validate_rmsd_angle.auth_seq_id_1 
_pdbx_validate_rmsd_angle.PDB_ins_code_1 
_pdbx_validate_rmsd_angle.label_alt_id_1 
_pdbx_validate_rmsd_angle.auth_atom_id_2 
_pdbx_validate_rmsd_angle.auth_asym_id_2 
_pdbx_validate_rmsd_angle.auth_comp_id_2 
_pdbx_validate_rmsd_angle.auth_seq_id_2 
_pdbx_validate_rmsd_angle.PDB_ins_code_2 
_pdbx_validate_rmsd_angle.label_alt_id_2 
_pdbx_validate_rmsd_angle.auth_atom_id_3 
_pdbx_validate_rmsd_angle.auth_asym_id_3 
_pdbx_validate_rmsd_angle.auth_comp_id_3 
_pdbx_validate_rmsd_angle.auth_seq_id_3 
_pdbx_validate_rmsd_angle.PDB_ins_code_3 
_pdbx_validate_rmsd_angle.label_alt_id_3 
_pdbx_validate_rmsd_angle.angle_value 
_pdbx_validate_rmsd_angle.angle_target_value 
_pdbx_validate_rmsd_angle.angle_deviation 
_pdbx_validate_rmsd_angle.angle_standard_deviation 
_pdbx_validate_rmsd_angle.linker_flag 
1 1 NE A ARG 10 ? ? CZ A ARG 10 ? ? NH2 A ARG 10 ? ? 117.29 120.30 -3.01 0.50 N 
2 1 CD A ARG 23 ? ? NE A ARG 23 ? ? CZ  A ARG 23 ? ? 133.84 123.60 10.24 1.40 N 
3 1 NE B ARG 23 ? ? CZ B ARG 23 ? ? NH1 B ARG 23 ? ? 124.14 120.30 3.84  0.50 N 
# 
loop_
_pdbx_struct_special_symmetry.id 
_pdbx_struct_special_symmetry.PDB_model_num 
_pdbx_struct_special_symmetry.auth_asym_id 
_pdbx_struct_special_symmetry.auth_comp_id 
_pdbx_struct_special_symmetry.auth_seq_id 
_pdbx_struct_special_symmetry.PDB_ins_code 
_pdbx_struct_special_symmetry.label_asym_id 
_pdbx_struct_special_symmetry.label_comp_id 
_pdbx_struct_special_symmetry.label_seq_id 
1 1 A HOH 3127 ? C HOH . 
2 1 A HOH 3135 ? C HOH . 
# 
loop_
_chem_comp_atom.comp_id 
_chem_comp_atom.atom_id 
_chem_comp_atom.type_symbol 
_chem_comp_atom.pdbx_aromatic_flag 
_chem_comp_atom.pdbx_stereo_config 
_chem_comp_atom.pdbx_ordinal 
ALA N    N N N 1   
ALA CA   C N S 2   
ALA C    C N N 3   
ALA O    O N N 4   
ALA CB   C N N 5   
ALA OXT  O N N 6   
ALA H    H N N 7   
ALA H2   H N N 8   
ALA HA   H N N 9   
ALA HB1  H N N 10  
ALA HB2  H N N 11  
ALA HB3  H N N 12  
ALA HXT  H N N 13  
ARG N    N N N 14  
ARG CA   C N S 15  
ARG C    C N N 16  
ARG O    O N N 17  
ARG CB   C N N 18  
ARG CG   C N N 19  
ARG CD   C N N 20  
ARG NE   N N N 21  
ARG CZ   C N N 22  
ARG NH1  N N N 23  
ARG NH2  N N N 24  
ARG OXT  O N N 25  
ARG H    H N N 26  
ARG H2   H N N 27  
ARG HA   H N N 28  
ARG HB2  H N N 29  
ARG HB3  H N N 30  
ARG HG2  H N N 31  
ARG HG3  H N N 32  
ARG HD2  H N N 33  
ARG HD3  H N N 34  
ARG HE   H N N 35  
ARG HH11 H N N 36  
ARG HH12 H N N 37  
ARG HH21 H N N 38  
ARG HH22 H N N 39  
ARG HXT  H N N 40  
ASN N    N N N 41  
ASN CA   C N S 42  
ASN C    C N N 43  
ASN O    O N N 44  
ASN CB   C N N 45  
ASN CG   C N N 46  
ASN OD1  O N N 47  
ASN ND2  N N N 48  
ASN OXT  O N N 49  
ASN H    H N N 50  
ASN H2   H N N 51  
ASN HA   H N N 52  
ASN HB2  H N N 53  
ASN HB3  H N N 54  
ASN HD21 H N N 55  
ASN HD22 H N N 56  
ASN HXT  H N N 57  
CYS N    N N N 58  
CYS CA   C N R 59  
CYS C    C N N 60  
CYS O    O N N 61  
CYS CB   C N N 62  
CYS SG   S N N 63  
CYS OXT  O N N 64  
CYS H    H N N 65  
CYS H2   H N N 66  
CYS HA   H N N 67  
CYS HB2  H N N 68  
CYS HB3  H N N 69  
CYS HG   H N N 70  
CYS HXT  H N N 71  
GLU N    N N N 72  
GLU CA   C N S 73  
GLU C    C N N 74  
GLU O    O N N 75  
GLU CB   C N N 76  
GLU CG   C N N 77  
GLU CD   C N N 78  
GLU OE1  O N N 79  
GLU OE2  O N N 80  
GLU OXT  O N N 81  
GLU H    H N N 82  
GLU H2   H N N 83  
GLU HA   H N N 84  
GLU HB2  H N N 85  
GLU HB3  H N N 86  
GLU HG2  H N N 87  
GLU HG3  H N N 88  
GLU HE2  H N N 89  
GLU HXT  H N N 90  
GLY N    N N N 91  
GLY CA   C N N 92  
GLY C    C N N 93  
GLY O    O N N 94  
GLY OXT  O N N 95  
GLY H    H N N 96  
GLY H2   H N N 97  
GLY HA2  H N N 98  
GLY HA3  H N N 99  
GLY HXT  H N N 100 
HOH O    O N N 101 
HOH H1   H N N 102 
HOH H2   H N N 103 
ILE N    N N N 104 
ILE CA   C N S 105 
ILE C    C N N 106 
ILE O    O N N 107 
ILE CB   C N S 108 
ILE CG1  C N N 109 
ILE CG2  C N N 110 
ILE CD1  C N N 111 
ILE OXT  O N N 112 
ILE H    H N N 113 
ILE H2   H N N 114 
ILE HA   H N N 115 
ILE HB   H N N 116 
ILE HG12 H N N 117 
ILE HG13 H N N 118 
ILE HG21 H N N 119 
ILE HG22 H N N 120 
ILE HG23 H N N 121 
ILE HD11 H N N 122 
ILE HD12 H N N 123 
ILE HD13 H N N 124 
ILE HXT  H N N 125 
LEU N    N N N 126 
LEU CA   C N S 127 
LEU C    C N N 128 
LEU O    O N N 129 
LEU CB   C N N 130 
LEU CG   C N N 131 
LEU CD1  C N N 132 
LEU CD2  C N N 133 
LEU OXT  O N N 134 
LEU H    H N N 135 
LEU H2   H N N 136 
LEU HA   H N N 137 
LEU HB2  H N N 138 
LEU HB3  H N N 139 
LEU HG   H N N 140 
LEU HD11 H N N 141 
LEU HD12 H N N 142 
LEU HD13 H N N 143 
LEU HD21 H N N 144 
LEU HD22 H N N 145 
LEU HD23 H N N 146 
LEU HXT  H N N 147 
LYS N    N N N 148 
LYS CA   C N S 149 
LYS C    C N N 150 
LYS O    O N N 151 
LYS CB   C N N 152 
LYS CG   C N N 153 
LYS CD   C N N 154 
LYS CE   C N N 155 
LYS NZ   N N N 156 
LYS OXT  O N N 157 
LYS H    H N N 158 
LYS H2   H N N 159 
LYS HA   H N N 160 
LYS HB2  H N N 161 
LYS HB3  H N N 162 
LYS HG2  H N N 163 
LYS HG3  H N N 164 
LYS HD2  H N N 165 
LYS HD3  H N N 166 
LYS HE2  H N N 167 
LYS HE3  H N N 168 
LYS HZ1  H N N 169 
LYS HZ2  H N N 170 
LYS HZ3  H N N 171 
LYS HXT  H N N 172 
PRO N    N N N 173 
PRO CA   C N S 174 
PRO C    C N N 175 
PRO O    O N N 176 
PRO CB   C N N 177 
PRO CG   C N N 178 
PRO CD   C N N 179 
PRO OXT  O N N 180 
PRO H    H N N 181 
PRO HA   H N N 182 
PRO HB2  H N N 183 
PRO HB3  H N N 184 
PRO HG2  H N N 185 
PRO HG3  H N N 186 
PRO HD2  H N N 187 
PRO HD3  H N N 188 
PRO HXT  H N N 189 
SER N    N N N 190 
SER CA   C N S 191 
SER C    C N N 192 
SER O    O N N 193 
SER CB   C N N 194 
SER OG   O N N 195 
SER OXT  O N N 196 
SER H    H N N 197 
SER H2   H N N 198 
SER HA   H N N 199 
SER HB2  H N N 200 
SER HB3  H N N 201 
SER HG   H N N 202 
SER HXT  H N N 203 
THR N    N N N 204 
THR CA   C N S 205 
THR C    C N N 206 
THR O    O N N 207 
THR CB   C N R 208 
THR OG1  O N N 209 
THR CG2  C N N 210 
THR OXT  O N N 211 
THR H    H N N 212 
THR H2   H N N 213 
THR HA   H N N 214 
THR HB   H N N 215 
THR HG1  H N N 216 
THR HG21 H N N 217 
THR HG22 H N N 218 
THR HG23 H N N 219 
THR HXT  H N N 220 
TYR N    N N N 221 
TYR CA   C N S 222 
TYR C    C N N 223 
TYR O    O N N 224 
TYR CB   C N N 225 
TYR CG   C Y N 226 
TYR CD1  C Y N 227 
TYR CD2  C Y N 228 
TYR CE1  C Y N 229 
TYR CE2  C Y N 230 
TYR CZ   C Y N 231 
TYR OH   O N N 232 
TYR OXT  O N N 233 
TYR H    H N N 234 
TYR H2   H N N 235 
TYR HA   H N N 236 
TYR HB2  H N N 237 
TYR HB3  H N N 238 
TYR HD1  H N N 239 
TYR HD2  H N N 240 
TYR HE1  H N N 241 
TYR HE2  H N N 242 
TYR HH   H N N 243 
TYR HXT  H N N 244 
# 
loop_
_chem_comp_bond.comp_id 
_chem_comp_bond.atom_id_1 
_chem_comp_bond.atom_id_2 
_chem_comp_bond.value_order 
_chem_comp_bond.pdbx_aromatic_flag 
_chem_comp_bond.pdbx_stereo_config 
_chem_comp_bond.pdbx_ordinal 
ALA N   CA   sing N N 1   
ALA N   H    sing N N 2   
ALA N   H2   sing N N 3   
ALA CA  C    sing N N 4   
ALA CA  CB   sing N N 5   
ALA CA  HA   sing N N 6   
ALA C   O    doub N N 7   
ALA C   OXT  sing N N 8   
ALA CB  HB1  sing N N 9   
ALA CB  HB2  sing N N 10  
ALA CB  HB3  sing N N 11  
ALA OXT HXT  sing N N 12  
ARG N   CA   sing N N 13  
ARG N   H    sing N N 14  
ARG N   H2   sing N N 15  
ARG CA  C    sing N N 16  
ARG CA  CB   sing N N 17  
ARG CA  HA   sing N N 18  
ARG C   O    doub N N 19  
ARG C   OXT  sing N N 20  
ARG CB  CG   sing N N 21  
ARG CB  HB2  sing N N 22  
ARG CB  HB3  sing N N 23  
ARG CG  CD   sing N N 24  
ARG CG  HG2  sing N N 25  
ARG CG  HG3  sing N N 26  
ARG CD  NE   sing N N 27  
ARG CD  HD2  sing N N 28  
ARG CD  HD3  sing N N 29  
ARG NE  CZ   sing N N 30  
ARG NE  HE   sing N N 31  
ARG CZ  NH1  sing N N 32  
ARG CZ  NH2  doub N N 33  
ARG NH1 HH11 sing N N 34  
ARG NH1 HH12 sing N N 35  
ARG NH2 HH21 sing N N 36  
ARG NH2 HH22 sing N N 37  
ARG OXT HXT  sing N N 38  
ASN N   CA   sing N N 39  
ASN N   H    sing N N 40  
ASN N   H2   sing N N 41  
ASN CA  C    sing N N 42  
ASN CA  CB   sing N N 43  
ASN CA  HA   sing N N 44  
ASN C   O    doub N N 45  
ASN C   OXT  sing N N 46  
ASN CB  CG   sing N N 47  
ASN CB  HB2  sing N N 48  
ASN CB  HB3  sing N N 49  
ASN CG  OD1  doub N N 50  
ASN CG  ND2  sing N N 51  
ASN ND2 HD21 sing N N 52  
ASN ND2 HD22 sing N N 53  
ASN OXT HXT  sing N N 54  
CYS N   CA   sing N N 55  
CYS N   H    sing N N 56  
CYS N   H2   sing N N 57  
CYS CA  C    sing N N 58  
CYS CA  CB   sing N N 59  
CYS CA  HA   sing N N 60  
CYS C   O    doub N N 61  
CYS C   OXT  sing N N 62  
CYS CB  SG   sing N N 63  
CYS CB  HB2  sing N N 64  
CYS CB  HB3  sing N N 65  
CYS SG  HG   sing N N 66  
CYS OXT HXT  sing N N 67  
GLU N   CA   sing N N 68  
GLU N   H    sing N N 69  
GLU N   H2   sing N N 70  
GLU CA  C    sing N N 71  
GLU CA  CB   sing N N 72  
GLU CA  HA   sing N N 73  
GLU C   O    doub N N 74  
GLU C   OXT  sing N N 75  
GLU CB  CG   sing N N 76  
GLU CB  HB2  sing N N 77  
GLU CB  HB3  sing N N 78  
GLU CG  CD   sing N N 79  
GLU CG  HG2  sing N N 80  
GLU CG  HG3  sing N N 81  
GLU CD  OE1  doub N N 82  
GLU CD  OE2  sing N N 83  
GLU OE2 HE2  sing N N 84  
GLU OXT HXT  sing N N 85  
GLY N   CA   sing N N 86  
GLY N   H    sing N N 87  
GLY N   H2   sing N N 88  
GLY CA  C    sing N N 89  
GLY CA  HA2  sing N N 90  
GLY CA  HA3  sing N N 91  
GLY C   O    doub N N 92  
GLY C   OXT  sing N N 93  
GLY OXT HXT  sing N N 94  
HOH O   H1   sing N N 95  
HOH O   H2   sing N N 96  
ILE N   CA   sing N N 97  
ILE N   H    sing N N 98  
ILE N   H2   sing N N 99  
ILE CA  C    sing N N 100 
ILE CA  CB   sing N N 101 
ILE CA  HA   sing N N 102 
ILE C   O    doub N N 103 
ILE C   OXT  sing N N 104 
ILE CB  CG1  sing N N 105 
ILE CB  CG2  sing N N 106 
ILE CB  HB   sing N N 107 
ILE CG1 CD1  sing N N 108 
ILE CG1 HG12 sing N N 109 
ILE CG1 HG13 sing N N 110 
ILE CG2 HG21 sing N N 111 
ILE CG2 HG22 sing N N 112 
ILE CG2 HG23 sing N N 113 
ILE CD1 HD11 sing N N 114 
ILE CD1 HD12 sing N N 115 
ILE CD1 HD13 sing N N 116 
ILE OXT HXT  sing N N 117 
LEU N   CA   sing N N 118 
LEU N   H    sing N N 119 
LEU N   H2   sing N N 120 
LEU CA  C    sing N N 121 
LEU CA  CB   sing N N 122 
LEU CA  HA   sing N N 123 
LEU C   O    doub N N 124 
LEU C   OXT  sing N N 125 
LEU CB  CG   sing N N 126 
LEU CB  HB2  sing N N 127 
LEU CB  HB3  sing N N 128 
LEU CG  CD1  sing N N 129 
LEU CG  CD2  sing N N 130 
LEU CG  HG   sing N N 131 
LEU CD1 HD11 sing N N 132 
LEU CD1 HD12 sing N N 133 
LEU CD1 HD13 sing N N 134 
LEU CD2 HD21 sing N N 135 
LEU CD2 HD22 sing N N 136 
LEU CD2 HD23 sing N N 137 
LEU OXT HXT  sing N N 138 
LYS N   CA   sing N N 139 
LYS N   H    sing N N 140 
LYS N   H2   sing N N 141 
LYS CA  C    sing N N 142 
LYS CA  CB   sing N N 143 
LYS CA  HA   sing N N 144 
LYS C   O    doub N N 145 
LYS C   OXT  sing N N 146 
LYS CB  CG   sing N N 147 
LYS CB  HB2  sing N N 148 
LYS CB  HB3  sing N N 149 
LYS CG  CD   sing N N 150 
LYS CG  HG2  sing N N 151 
LYS CG  HG3  sing N N 152 
LYS CD  CE   sing N N 153 
LYS CD  HD2  sing N N 154 
LYS CD  HD3  sing N N 155 
LYS CE  NZ   sing N N 156 
LYS CE  HE2  sing N N 157 
LYS CE  HE3  sing N N 158 
LYS NZ  HZ1  sing N N 159 
LYS NZ  HZ2  sing N N 160 
LYS NZ  HZ3  sing N N 161 
LYS OXT HXT  sing N N 162 
PRO N   CA   sing N N 163 
PRO N   CD   sing N N 164 
PRO N   H    sing N N 165 
PRO CA  C    sing N N 166 
PRO CA  CB   sing N N 167 
PRO CA  HA   sing N N 168 
PRO C   O    doub N N 169 
PRO C   OXT  sing N N 170 
PRO CB  CG   sing N N 171 
PRO CB  HB2  sing N N 172 
PRO CB  HB3  sing N N 173 
PRO CG  CD   sing N N 174 
PRO CG  HG2  sing N N 175 
PRO CG  HG3  sing N N 176 
PRO CD  HD2  sing N N 177 
PRO CD  HD3  sing N N 178 
PRO OXT HXT  sing N N 179 
SER N   CA   sing N N 180 
SER N   H    sing N N 181 
SER N   H2   sing N N 182 
SER CA  C    sing N N 183 
SER CA  CB   sing N N 184 
SER CA  HA   sing N N 185 
SER C   O    doub N N 186 
SER C   OXT  sing N N 187 
SER CB  OG   sing N N 188 
SER CB  HB2  sing N N 189 
SER CB  HB3  sing N N 190 
SER OG  HG   sing N N 191 
SER OXT HXT  sing N N 192 
THR N   CA   sing N N 193 
THR N   H    sing N N 194 
THR N   H2   sing N N 195 
THR CA  C    sing N N 196 
THR CA  CB   sing N N 197 
THR CA  HA   sing N N 198 
THR C   O    doub N N 199 
THR C   OXT  sing N N 200 
THR CB  OG1  sing N N 201 
THR CB  CG2  sing N N 202 
THR CB  HB   sing N N 203 
THR OG1 HG1  sing N N 204 
THR CG2 HG21 sing N N 205 
THR CG2 HG22 sing N N 206 
THR CG2 HG23 sing N N 207 
THR OXT HXT  sing N N 208 
TYR N   CA   sing N N 209 
TYR N   H    sing N N 210 
TYR N   H2   sing N N 211 
TYR CA  C    sing N N 212 
TYR CA  CB   sing N N 213 
TYR CA  HA   sing N N 214 
TYR C   O    doub N N 215 
TYR C   OXT  sing N N 216 
TYR CB  CG   sing N N 217 
TYR CB  HB2  sing N N 218 
TYR CB  HB3  sing N N 219 
TYR CG  CD1  doub Y N 220 
TYR CG  CD2  sing Y N 221 
TYR CD1 CE1  sing Y N 222 
TYR CD1 HD1  sing N N 223 
TYR CD2 CE2  doub Y N 224 
TYR CD2 HD2  sing N N 225 
TYR CE1 CZ   doub Y N 226 
TYR CE1 HE1  sing N N 227 
TYR CE2 CZ   sing Y N 228 
TYR CE2 HE2  sing N N 229 
TYR CZ  OH   sing N N 230 
TYR OH  HH   sing N N 231 
TYR OXT HXT  sing N N 232 
# 
_atom_sites.entry_id                    3C8P 
_atom_sites.fract_transf_matrix[1][1]   -0.00519830 
_atom_sites.fract_transf_matrix[1][2]   0.00512645 
_atom_sites.fract_transf_matrix[1][3]   0.01334777 
_atom_sites.fract_transf_matrix[2][1]   -0.01426009 
_atom_sites.fract_transf_matrix[2][2]   -0.00082013 
_atom_sites.fract_transf_matrix[2][3]   -0.00523862 
_atom_sites.fract_transf_matrix[3][1]   -0.00145735 
_atom_sites.fract_transf_matrix[3][2]   -0.01993125 
_atom_sites.fract_transf_matrix[3][3]   0.00708738 
_atom_sites.fract_transf_vector[1]      0.264415 
_atom_sites.fract_transf_vector[2]      0.255371 
_atom_sites.fract_transf_vector[3]      0.331204 
# 
loop_
_atom_type.symbol 
C 
N 
O 
S 
# 
loop_
_atom_site.group_PDB 
_atom_site.id 
_atom_site.type_symbol 
_atom_site.label_atom_id 
_atom_site.label_alt_id 
_atom_site.label_comp_id 
_atom_site.label_asym_id 
_atom_site.label_entity_id 
_atom_site.label_seq_id 
_atom_site.pdbx_PDB_ins_code 
_atom_site.Cartn_x 
_atom_site.Cartn_y 
_atom_site.Cartn_z 
_atom_site.occupancy 
_atom_site.B_iso_or_equiv 
_atom_site.pdbx_formal_charge 
_atom_site.auth_seq_id 
_atom_site.auth_comp_id 
_atom_site.auth_asym_id 
_atom_site.auth_atom_id 
_atom_site.pdbx_PDB_model_num 
ATOM   1   N N   . LYS A 1 1  ? -6.888  0.164   12.640  1.00 23.18 ? 1    LYS A N   1 
ATOM   2   C CA  . LYS A 1 1  ? -5.458  -0.043  12.465  1.00 19.48 ? 1    LYS A CA  1 
ATOM   3   C C   . LYS A 1 1  ? -4.850  1.293   12.053  1.00 15.10 ? 1    LYS A C   1 
ATOM   4   O O   . LYS A 1 1  ? -5.373  1.997   11.197  1.00 17.10 ? 1    LYS A O   1 
ATOM   5   C CB  . LYS A 1 1  ? -5.084  -1.090  11.420  1.00 22.38 ? 1    LYS A CB  1 
ATOM   6   C CG  . LYS A 1 1  ? -3.595  -1.408  11.311  1.00 25.07 ? 1    LYS A CG  1 
ATOM   7   C CD  . LYS A 1 1  ? -3.227  -2.730  10.604  1.00 26.33 ? 1    LYS A CD  1 
ATOM   8   C CE  . LYS A 1 1  ? -1.894  -3.301  11.066  1.00 32.03 ? 1    LYS A CE  1 
ATOM   9   N NZ  . LYS A 1 1  ? -1.462  -4.614  10.469  1.00 42.05 ? 1    LYS A NZ  1 
ATOM   10  N N   . SER A 1 2  ? -3.751  1.682   12.636  1.00 13.53 ? 2    SER A N   1 
ATOM   11  C CA  . SER A 1 2  ? -2.990  2.843   12.209  1.00 12.09 ? 2    SER A CA  1 
ATOM   12  C C   . SER A 1 2  ? -1.936  2.458   11.166  1.00 10.54 ? 2    SER A C   1 
ATOM   13  O O   . SER A 1 2  ? -1.224  1.458   11.325  1.00 12.53 ? 2    SER A O   1 
ATOM   14  C CB  . SER A 1 2  ? -2.364  3.546   13.406  1.00 12.77 ? 2    SER A CB  1 
ATOM   15  O OG  . SER A 1 2  ? -1.459  2.716   14.096  1.00 15.14 ? 2    SER A OG  1 
ATOM   16  N N   . CYS A 1 3  ? -1.830  3.285   10.137  1.00 10.42 ? 3    CYS A N   1 
ATOM   17  C CA  . CYS A 1 3  ? -0.905  3.070   9.046   1.00 10.40 ? 3    CYS A CA  1 
ATOM   18  C C   . CYS A 1 3  ? -0.127  4.357   8.782   1.00 9.64  ? 3    CYS A C   1 
ATOM   19  O O   . CYS A 1 3  ? -0.800  5.393   8.546   1.00 10.40 ? 3    CYS A O   1 
ATOM   20  C CB  . CYS A 1 3  ? -1.645  2.587   7.802   1.00 11.90 ? 3    CYS A CB  1 
ATOM   21  S SG  . CYS A 1 3  ? -2.494  0.993   8.048   1.00 13.41 ? 3    CYS A SG  1 
ATOM   22  N N   . CYS A 1 4  ? 1.210   4.287   8.832   1.00 9.32  ? 4    CYS A N   1 
ATOM   23  C CA  . CYS A 1 4  ? 1.981   5.518   8.834   1.00 10.77 ? 4    CYS A CA  1 
ATOM   24  C C   . CYS A 1 4  ? 2.927   5.651   7.642   1.00 10.27 ? 4    CYS A C   1 
ATOM   25  O O   . CYS A 1 4  ? 3.357   4.642   7.064   1.00 10.64 ? 4    CYS A O   1 
ATOM   26  C CB  . CYS A 1 4  ? 2.795   5.548   10.161  1.00 10.47 ? 4    CYS A CB  1 
ATOM   27  S SG  . CYS A 1 4  ? 1.729   5.716   11.613  1.00 11.15 ? 4    CYS A SG  1 
ATOM   28  N N   . PRO A 1 5  ? 3.211   6.878   7.234   1.00 10.80 ? 5    PRO A N   1 
ATOM   29  C CA  . PRO A 1 5  ? 4.032   7.072   6.032   1.00 11.89 ? 5    PRO A CA  1 
ATOM   30  C C   . PRO A 1 5  ? 5.520   6.789   6.211   1.00 12.07 ? 5    PRO A C   1 
ATOM   31  O O   . PRO A 1 5  ? 6.261   6.518   5.240   1.00 16.29 ? 5    PRO A O   1 
ATOM   32  C CB  . PRO A 1 5  ? 3.781   8.551   5.717   1.00 13.51 ? 5    PRO A CB  1 
ATOM   33  C CG  . PRO A 1 5  ? 3.527   9.166   7.066   1.00 13.40 ? 5    PRO A CG  1 
ATOM   34  C CD  . PRO A 1 5  ? 2.660   8.164   7.754   1.00 11.90 ? 5    PRO A CD  1 
ATOM   35  N N   . SER A 1 6  ? 6.014   6.876   7.432   1.00 12.17 ? 6    SER A N   1 
ATOM   36  C CA  . SER A 1 6  ? 7.434   6.831   7.760   1.00 10.88 ? 6    SER A CA  1 
ATOM   37  C C   . SER A 1 6  ? 7.639   6.393   9.206   1.00 9.75  ? 6    SER A C   1 
ATOM   38  O O   . SER A 1 6  ? 6.686   6.441   9.998   1.00 9.72  ? 6    SER A O   1 
ATOM   39  C CB  . SER A 1 6  ? 8.075   8.210   7.589   1.00 11.02 ? 6    SER A CB  1 
ATOM   40  O OG  . SER A 1 6  ? 7.525   9.094   8.573   1.00 10.18 ? 6    SER A OG  1 
ATOM   41  N N   . THR A 1 7  ? 8.835   6.042   9.554   1.00 10.80 ? 7    THR A N   1 
ATOM   42  C CA  . THR A 1 7  ? 9.186   5.730   10.956  1.00 11.25 ? 7    THR A CA  1 
ATOM   43  C C   . THR A 1 7  ? 8.933   6.932   11.847  1.00 9.13  ? 7    THR A C   1 
ATOM   44  O O   . THR A 1 7  ? 8.441   6.756   12.947  1.00 9.11  ? 7    THR A O   1 
ATOM   45  C CB  . THR A 1 7  ? 10.639  5.237   11.013  1.00 14.82 ? 7    THR A CB  1 
ATOM   46  O OG1 . THR A 1 7  ? 10.675  4.020   10.238  1.00 21.61 ? 7    THR A OG1 1 
ATOM   47  C CG2 . THR A 1 7  ? 11.066  4.972   12.442  1.00 17.24 ? 7    THR A CG2 1 
ATOM   48  N N   . THR A 1 8  ? 9.247   8.154   11.372  1.00 9.01  ? 8    THR A N   1 
ATOM   49  C CA  . THR A 1 8  ? 8.954   9.324   12.171  1.00 9.27  ? 8    THR A CA  1 
ATOM   50  C C   . THR A 1 8  ? 7.487   9.435   12.463  1.00 8.43  ? 8    THR A C   1 
ATOM   51  O O   . THR A 1 8  ? 7.049   9.725   13.573  1.00 8.55  ? 8    THR A O   1 
ATOM   52  C CB  . THR A 1 8  ? 9.464   10.582  11.435  1.00 11.65 ? 8    THR A CB  1 
ATOM   53  O OG1 . THR A 1 8  ? 10.911  10.470  11.322  1.00 13.61 ? 8    THR A OG1 1 
ATOM   54  C CG2 . THR A 1 8  ? 9.081   11.837  12.172  1.00 16.04 ? 8    THR A CG2 1 
ATOM   55  N N   . GLY A 1 9  ? 6.657   9.214   11.440  1.00 7.92  ? 9    GLY A N   1 
ATOM   56  C CA  . GLY A 1 9  ? 5.201   9.239   11.578  1.00 7.89  ? 9    GLY A CA  1 
ATOM   57  C C   . GLY A 1 9  ? 4.738   8.230   12.640  1.00 7.77  ? 9    GLY A C   1 
ATOM   58  O O   . GLY A 1 9  ? 3.939   8.541   13.527  1.00 7.49  ? 9    GLY A O   1 
ATOM   59  N N   . ARG A 1 10 ? 5.276   7.007   12.550  1.00 7.31  ? 10   ARG A N   1 
ATOM   60  C CA  . ARG A 1 10 ? 4.961   5.970   13.540  1.00 8.14  ? 10   ARG A CA  1 
ATOM   61  C C   . ARG A 1 10 ? 5.328   6.437   14.953  1.00 8.21  ? 10   ARG A C   1 
ATOM   62  O O   . ARG A 1 10 ? 4.558   6.246   15.895  1.00 8.13  ? 10   ARG A O   1 
ATOM   63  C CB  . ARG A 1 10 ? 5.628   4.642   13.185  1.00 10.51 ? 10   ARG A CB  1 
ATOM   64  C CG  . ARG A 1 10 ? 5.529   3.566   14.213  1.00 10.80 ? 10   ARG A CG  1 
ATOM   65  C CD  . ARG A 1 10 ? 4.126   3.193   14.601  1.00 11.40 ? 10   ARG A CD  1 
ATOM   66  N NE  . ARG A 1 10 ? 3.358   2.770   13.442  1.00 12.14 ? 10   ARG A NE  1 
ATOM   67  C CZ  . ARG A 1 10 ? 2.030   2.678   13.447  1.00 13.73 ? 10   ARG A CZ  1 
ATOM   68  N NH1 . ARG A 1 10 ? 1.337   2.961   14.547  1.00 15.85 ? 10   ARG A NH1 1 
ATOM   69  N NH2 . ARG A 1 10 ? 1.448   2.293   12.331  1.00 15.50 ? 10   ARG A NH2 1 
ATOM   70  N N   . ASN A 1 11 ? 6.494   7.042   15.107  1.00 8.41  ? 11   ASN A N   1 
ATOM   71  C CA  . ASN A 1 11 ? 6.905   7.464   16.428  1.00 8.38  ? 11   ASN A CA  1 
ATOM   72  C C   . ASN A 1 11 ? 6.045   8.615   16.976  1.00 7.65  ? 11   ASN A C   1 
ATOM   73  O O   . ASN A 1 11 ? 5.721   8.613   18.163  1.00 8.01  ? 11   ASN A O   1 
ATOM   74  C CB  . ASN A 1 11 ? 8.390   7.840   16.376  1.00 9.99  ? 11   ASN A CB  1 
ATOM   75  C CG  . ASN A 1 11 ? 9.310   6.652   16.225  1.00 11.50 ? 11   ASN A CG  1 
ATOM   76  O OD1 . ASN A 1 11 ? 8.983   5.485   16.536  1.00 14.51 ? 11   ASN A OD1 1 
ATOM   77  N ND2 . ASN A 1 11 ? 10.464  7.007   15.725  1.00 14.32 ? 11   ASN A ND2 1 
ATOM   78  N N   . ILE A 1 12 ? 5.671   9.573   16.112  1.00 7.79  ? 12   ILE A N   1 
ATOM   79  C CA  . ILE A 1 12 ? 4.781   10.648  16.542  1.00 7.12  ? 12   ILE A CA  1 
ATOM   80  C C   . ILE A 1 12 ? 3.454   10.071  16.999  1.00 7.12  ? 12   ILE A C   1 
ATOM   81  O O   . ILE A 1 12 ? 2.920   10.422  18.040  1.00 8.03  ? 12   ILE A O   1 
ATOM   82  C CB  . ILE A 1 12 ? 4.571   11.673  15.413  1.00 7.69  ? 12   ILE A CB  1 
ATOM   83  C CG1 . ILE A 1 12 ? 5.877   12.427  15.109  1.00 8.65  ? 12   ILE A CG1 1 
ATOM   84  C CG2 . ILE A 1 12 ? 3.428   12.640  15.716  1.00 8.50  ? 12   ILE A CG2 1 
ATOM   85  C CD1 . ILE A 1 12 ? 5.852   13.242  13.821  1.00 9.54  ? 12   ILE A CD1 1 
ATOM   86  N N   . TYR A 1 13 ? 2.890   9.152   16.190  1.00 7.03  ? 13   TYR A N   1 
ATOM   87  C CA  . TYR A 1 13 ? 1.604   8.542   16.516  1.00 7.89  ? 13   TYR A CA  1 
ATOM   88  C C   . TYR A 1 13 ? 1.683   7.841   17.847  1.00 7.33  ? 13   TYR A C   1 
ATOM   89  O O   . TYR A 1 13 ? 0.819   8.042   18.715  1.00 8.35  ? 13   TYR A O   1 
ATOM   90  C CB  . TYR A 1 13 ? 1.181   7.557   15.394  1.00 8.42  ? 13   TYR A CB  1 
ATOM   91  C CG  . TYR A 1 13 ? -0.185  6.944   15.680  1.00 8.61  ? 13   TYR A CG  1 
ATOM   92  C CD1 . TYR A 1 13 ? -1.319  7.618   15.334  1.00 9.29  ? 13   TYR A CD1 1 
ATOM   93  C CD2 . TYR A 1 13 ? -0.284  5.725   16.302  1.00 8.39  ? 13   TYR A CD2 1 
ATOM   94  C CE1 . TYR A 1 13 ? -2.545  7.039   15.608  1.00 10.80 ? 13   TYR A CE1 1 
ATOM   95  C CE2 . TYR A 1 13 ? -1.506  5.138   16.603  1.00 8.81  ? 13   TYR A CE2 1 
ATOM   96  C CZ  . TYR A 1 13 ? -2.645  5.827   16.243  1.00 9.70  ? 13   TYR A CZ  1 
ATOM   97  O OH  . TYR A 1 13 ? -3.876  5.301   16.518  1.00 13.82 ? 13   TYR A OH  1 
ATOM   98  N N   . ASN A 1 14 ? 2.709   7.003   18.016  1.00 8.18  ? 14   ASN A N   1 
ATOM   99  C CA  . ASN A 1 14 ? 2.800   6.243   19.256  1.00 8.60  ? 14   ASN A CA  1 
ATOM   100 C C   . ASN A 1 14 ? 3.005   7.144   20.459  1.00 8.48  ? 14   ASN A C   1 
ATOM   101 O O   . ASN A 1 14 ? 2.397   6.886   21.514  1.00 10.32 ? 14   ASN A O   1 
ATOM   102 C CB  . ASN A 1 14 ? 3.912   5.210   19.164  1.00 9.98  ? 14   ASN A CB  1 
ATOM   103 C CG  . ASN A 1 14 ? 3.644   4.045   18.238  1.00 11.18 ? 14   ASN A CG  1 
ATOM   104 O OD1 . ASN A 1 14 ? 2.521   3.793   17.791  1.00 14.98 ? 14   ASN A OD1 1 
ATOM   105 N ND2 . ASN A 1 14 ? 4.712   3.326   17.953  1.00 15.60 ? 14   ASN A ND2 1 
ATOM   106 N N   . THR A 1 15 ? 3.852   8.170   20.374  1.00 8.74  ? 15   THR A N   1 
ATOM   107 C CA  . THR A 1 15 ? 4.057   9.083   21.471  1.00 9.18  ? 15   THR A CA  1 
ATOM   108 C C   . THR A 1 15 ? 2.731   9.778   21.803  1.00 8.89  ? 15   THR A C   1 
ATOM   109 O O   . THR A 1 15 ? 2.301   9.906   22.961  1.00 10.01 ? 15   THR A O   1 
ATOM   110 C CB  . THR A 1 15 ? 5.168   10.102  21.075  1.00 10.85 ? 15   THR A CB  1 
ATOM   111 O OG1 . THR A 1 15 ? 6.417   9.439   21.011  1.00 13.57 ? 15   THR A OG1 1 
ATOM   112 C CG2 . THR A 1 15 ? 5.198   11.215  22.092  1.00 14.01 ? 15   THR A CG2 1 
ATOM   113 N N   . CYS A 1 16 ? 2.036   10.279  20.773  1.00 8.24  ? 16   CYS A N   1 
ATOM   114 C CA  . CYS A 1 16 ? 0.771   10.963  20.961  1.00 8.69  ? 16   CYS A CA  1 
ATOM   115 C C   . CYS A 1 16 ? -0.227  10.070  21.691  1.00 9.28  ? 16   CYS A C   1 
ATOM   116 O O   . CYS A 1 16 ? -1.017  10.464  22.543  1.00 10.08 ? 16   CYS A O   1 
ATOM   117 C CB  . CYS A 1 16 ? 0.232   11.443  19.618  1.00 10.04 ? 16   CYS A CB  1 
ATOM   118 S SG  . CYS A 1 16 ? -1.417  12.169  19.630  1.00 13.08 ? 16   CYS A SG  1 
ATOM   119 N N   . ARG A 1 17 ? -0.257  8.769   21.358  1.00 8.74  ? 17   ARG A N   1 
ATOM   120 C CA  . ARG A 1 17 ? -1.191  7.845   22.021  1.00 9.40  ? 17   ARG A CA  1 
ATOM   121 C C   . ARG A 1 17 ? -0.903  7.618   23.492  1.00 11.19 ? 17   ARG A C   1 
ATOM   122 O O   . ARG A 1 17 ? -1.820  7.211   24.215  1.00 16.68 ? 17   ARG A O   1 
ATOM   123 C CB  . ARG A 1 17 ? -1.281  6.556   21.198  1.00 9.92  ? 17   ARG A CB  1 
ATOM   124 C CG  . ARG A 1 17 ? -2.028  6.747   19.889  1.00 10.52 ? 17   ARG A CG  1 
ATOM   125 C CD  . ARG A 1 17 ? -3.517  6.928   20.036  1.00 11.31 ? 17   ARG A CD  1 
ATOM   126 N NE  . ARG A 1 17 ? -4.214  5.703   20.340  1.00 12.99 ? 17   ARG A NE  1 
ATOM   127 C CZ  . ARG A 1 17 ? -5.408  5.581   20.899  1.00 14.61 ? 17   ARG A CZ  1 
ATOM   128 N NH1 . ARG A 1 17 ? -6.082  6.653   21.241  1.00 16.93 ? 17   ARG A NH1 1 
ATOM   129 N NH2 . ARG A 1 17 ? -5.897  4.355   21.098  1.00 19.93 ? 17   ARG A NH2 1 
ATOM   130 N N   . LEU A 1 18 ? 0.301   7.942   23.971  1.00 9.32  ? 18   LEU A N   1 
ATOM   131 C CA  . LEU A 1 18 ? 0.570   7.885   25.415  1.00 10.73 ? 18   LEU A CA  1 
ATOM   132 C C   . LEU A 1 18 ? -0.043  9.047   26.196  1.00 11.37 ? 18   LEU A C   1 
ATOM   133 O O   . LEU A 1 18 ? -0.066  8.972   27.439  1.00 14.93 ? 18   LEU A O   1 
ATOM   134 C CB  . LEU A 1 18 ? 2.060   7.865   25.671  1.00 9.76  ? 18   LEU A CB  1 
ATOM   135 C CG  . LEU A 1 18 ? 2.885   6.805   24.959  1.00 10.59 ? 18   LEU A CG  1 
ATOM   136 C CD1 . LEU A 1 18 ? 4.350   7.014   25.206  1.00 11.52 ? 18   LEU A CD1 1 
ATOM   137 C CD2 . LEU A 1 18 ? 2.425   5.403   25.395  1.00 14.73 ? 18   LEU A CD2 1 
ATOM   138 N N   . THR A 1 19 ? -0.491  10.094  25.523  1.00 12.37 ? 19   THR A N   1 
ATOM   139 C CA  . THR A 1 19 ? -1.055  11.258  26.172  1.00 13.47 ? 19   THR A CA  1 
ATOM   140 C C   . THR A 1 19 ? -2.554  11.115  26.493  1.00 17.45 ? 19   THR A C   1 
ATOM   141 O O   . THR A 1 19 ? -3.117  12.011  27.123  1.00 26.59 ? 19   THR A O   1 
ATOM   142 C CB  . THR A 1 19 ? -0.976  12.538  25.328  1.00 14.51 ? 19   THR A CB  1 
ATOM   143 O OG1 . THR A 1 19 ? -1.754  12.414  24.119  1.00 14.17 ? 19   THR A OG1 1 
ATOM   144 C CG2 . THR A 1 19 ? 0.450   12.858  24.924  1.00 15.44 ? 19   THR A CG2 1 
ATOM   145 N N   . GLY A 1 20 ? -3.170  10.029  26.007  1.00 16.84 ? 20   GLY A N   1 
ATOM   146 C CA  . GLY A 1 20 ? -4.623  9.888   26.174  1.00 20.81 ? 20   GLY A CA  1 
ATOM   147 C C   . GLY A 1 20 ? -5.391  10.537  25.050  1.00 19.46 ? 20   GLY A C   1 
ATOM   148 O O   . GLY A 1 20 ? -6.626  10.580  25.029  1.00 28.07 ? 20   GLY A O   1 
ATOM   149 N N   . SER A 1 21 ? -4.716  11.073  24.057  1.00 15.43 ? 21   SER A N   1 
ATOM   150 C CA  . SER A 1 21 ? -5.382  11.605  22.886  1.00 12.74 ? 21   SER A CA  1 
ATOM   151 C C   . SER A 1 21 ? -5.938  10.528  21.978  1.00 14.16 ? 21   SER A C   1 
ATOM   152 O O   . SER A 1 21 ? -5.488  9.375   21.922  1.00 14.91 ? 21   SER A O   1 
ATOM   153 C CB  . SER A 1 21 ? -4.374  12.467  22.117  1.00 12.82 ? 21   SER A CB  1 
ATOM   154 O OG  . SER A 1 21 ? -3.982  13.598  22.883  1.00 14.14 ? 21   SER A OG  1 
ATOM   155 N N   . SER A 1 22 ? -6.967  10.909  21.201  1.00 15.02 ? 22   SER A N   1 
ATOM   156 C CA  . SER A 1 22 ? -7.665  9.964   20.340  1.00 15.32 ? 22   SER A CA  1 
ATOM   157 C C   . SER A 1 22 ? -6.858  9.586   19.107  1.00 13.87 ? 22   SER A C   1 
ATOM   158 O O   . SER A 1 22 ? -5.899  10.241  18.726  1.00 13.26 ? 22   SER A O   1 
ATOM   159 C CB  . SER A 1 22 ? -8.992  10.540  19.839  1.00 16.66 ? 22   SER A CB  1 
ATOM   160 O OG  . SER A 1 22 ? -8.696  11.501  18.811  1.00 19.68 ? 22   SER A OG  1 
ATOM   161 N N   . ARG A 1 23 ? -7.286  8.472   18.498  1.00 14.12 ? 23   ARG A N   1 
ATOM   162 C CA  . ARG A 1 23 ? -6.585  7.991   17.313  1.00 14.91 ? 23   ARG A CA  1 
ATOM   163 C C   . ARG A 1 23 ? -6.651  9.047   16.220  1.00 14.41 ? 23   ARG A C   1 
ATOM   164 O O   . ARG A 1 23 ? -5.655  9.260   15.517  1.00 12.44 ? 23   ARG A O   1 
ATOM   165 C CB  . ARG A 1 23 ? -7.189  6.679   16.843  1.00 15.75 ? 23   ARG A CB  1 
ATOM   166 C CG  . ARG A 1 23 ? -6.952  5.498   17.738  1.00 18.06 ? 23   ARG A CG  1 
ATOM   167 C CD  . ARG A 1 23 ? -7.324  4.179   17.110  1.00 22.30 ? 23   ARG A CD  1 
ATOM   168 N NE  . ARG A 1 23 ? -6.898  3.026   17.861  1.00 27.61 ? 23   ARG A NE  1 
ATOM   169 C CZ  . ARG A 1 23 ? -7.399  2.368   18.895  1.00 32.47 ? 23   ARG A CZ  1 
ATOM   170 N NH1 . ARG A 1 23 ? -8.539  2.761   19.456  1.00 38.45 ? 23   ARG A NH1 1 
ATOM   171 N NH2 . ARG A 1 23 ? -6.758  1.293   19.383  1.00 41.83 ? 23   ARG A NH2 1 
ATOM   172 N N   . GLU A 1 24 ? -7.790  9.751   16.108  1.00 15.82 ? 24   GLU A N   1 
ATOM   173 C CA  . GLU A 1 24 ? -7.920  10.813  15.113  1.00 17.14 ? 24   GLU A CA  1 
ATOM   174 C C   . GLU A 1 24 ? -6.959  11.966  15.373  1.00 14.02 ? 24   GLU A C   1 
ATOM   175 O O   . GLU A 1 24 ? -6.283  12.463  14.476  1.00 14.26 ? 24   GLU A O   1 
ATOM   176 C CB  . GLU A 1 24 ? -9.350  11.368  15.026  1.00 22.33 ? 24   GLU A CB  1 
ATOM   177 C CG  . GLU A 1 24 ? -9.518  12.221  13.785  1.00 32.30 ? 24   GLU A CG  1 
ATOM   178 C CD  . GLU A 1 24 ? -10.724 13.109  13.671  1.00 37.60 ? 24   GLU A CD  1 
ATOM   179 O OE1 . GLU A 1 24 ? -11.618 13.007  14.545  1.00 44.89 ? 24   GLU A OE1 1 
ATOM   180 O OE2 . GLU A 1 24 ? -10.773 13.924  12.716  1.00 40.49 ? 24   GLU A OE2 1 
ATOM   181 N N   . THR A 1 25 ? -6.847  12.412  16.609  1.00 13.95 ? 25   THR A N   1 
ATOM   182 C CA  . THR A 1 25 ? -5.935  13.504  16.959  1.00 13.77 ? 25   THR A CA  1 
ATOM   183 C C   . THR A 1 25 ? -4.505  13.114  16.613  1.00 10.36 ? 25   THR A C   1 
ATOM   184 O O   . THR A 1 25 ? -3.759  13.904  16.042  1.00 11.04 ? 25   THR A O   1 
ATOM   185 C CB  . THR A 1 25 ? -6.028  13.827  18.465  1.00 13.41 ? 25   THR A CB  1 
ATOM   186 O OG1 . THR A 1 25 ? -7.325  14.405  18.697  1.00 19.45 ? 25   THR A OG1 1 
ATOM   187 C CG2 . THR A 1 25 ? -4.980  14.817  18.944  1.00 15.24 ? 25   THR A CG2 1 
ATOM   188 N N   . CYS A 1 26 ? -4.117  11.903  16.990  1.00 10.29 ? 26   CYS A N   1 
ATOM   189 C CA  . CYS A 1 26 ? -2.747  11.424  16.785  1.00 9.69  ? 26   CYS A CA  1 
ATOM   190 C C   . CYS A 1 26 ? -2.451  11.162  15.314  1.00 9.14  ? 26   CYS A C   1 
ATOM   191 O O   . CYS A 1 26 ? -1.343  11.418  14.850  1.00 9.59  ? 26   CYS A O   1 
ATOM   192 C CB  . CYS A 1 26 ? -2.502  10.173  17.638  1.00 10.69 ? 26   CYS A CB  1 
ATOM   193 S SG  . CYS A 1 26 ? -2.688  10.537  19.393  1.00 11.09 ? 26   CYS A SG  1 
ATOM   194 N N   . ALA A 1 27 ? -3.433  10.691  14.544  1.00 10.01 ? 27   ALA A N   1 
ATOM   195 C CA  . ALA A 1 27 ? -3.257  10.516  13.077  1.00 9.98  ? 27   ALA A CA  1 
ATOM   196 C C   . ALA A 1 27 ? -2.974  11.843  12.404  1.00 9.06  ? 27   ALA A C   1 
ATOM   197 O O   . ALA A 1 27 ? -2.124  11.901  11.518  1.00 9.65  ? 27   ALA A O   1 
ATOM   198 C CB  . ALA A 1 27 ? -4.468  9.833   12.440  1.00 14.55 ? 27   ALA A CB  1 
ATOM   199 N N   . LYS A 1 28 ? -3.666  12.886  12.833  1.00 8.60  ? 28   LYS A N   1 
ATOM   200 C CA  . LYS A 1 28 ? -3.433  14.187  12.233  1.00 9.77  ? 28   LYS A CA  1 
ATOM   201 C C   . LYS A 1 28 ? -1.981  14.623  12.407  1.00 9.03  ? 28   LYS A C   1 
ATOM   202 O O   . LYS A 1 28 ? -1.347  15.039  11.441  1.00 8.80  ? 28   LYS A O   1 
ATOM   203 C CB  . LYS A 1 28 ? -4.367  15.222  12.809  1.00 10.82 ? 28   LYS A CB  1 
ATOM   204 C CG  . LYS A 1 28 ? -5.826  15.155  12.393  1.00 14.32 ? 28   LYS A CG  1 
ATOM   205 C CD  . LYS A 1 28 ? -6.611  16.186  13.201  1.00 21.66 ? 28   LYS A CD  1 
ATOM   206 C CE  . LYS A 1 28 ? -7.922  16.602  12.655  1.00 27.50 ? 28   LYS A CE  1 
ATOM   207 N NZ  . LYS A 1 28 ? -8.389  17.858  13.348  1.00 35.97 ? 28   LYS A NZ  1 
ATOM   208 N N   . LEU A 1 29 ? -1.468  14.561  13.634  1.00 7.93  ? 29   LEU A N   1 
ATOM   209 C CA  . LEU A 1 29 ? -0.130  15.057  13.917  1.00 8.55  ? 29   LEU A CA  1 
ATOM   210 C C   . LEU A 1 29 ? 0.953   14.243  13.256  1.00 7.91  ? 29   LEU A C   1 
ATOM   211 O O   . LEU A 1 29 ? 2.071   14.688  13.026  1.00 9.90  ? 29   LEU A O   1 
ATOM   212 C CB  . LEU A 1 29 ? 0.120   15.072  15.429  1.00 9.27  ? 29   LEU A CB  1 
ATOM   213 C CG  . LEU A 1 29 ? -0.792  16.005  16.240  1.00 8.22  ? 29   LEU A CG  1 
ATOM   214 C CD1 . LEU A 1 29 ? -0.556  15.786  17.712  1.00 11.14 ? 29   LEU A CD1 1 
ATOM   215 C CD2 . LEU A 1 29 ? -0.506  17.456  15.881  1.00 11.54 ? 29   LEU A CD2 1 
ATOM   216 N N   . SER A 1 30 ? 0.674   12.974  12.947  1.00 8.07  ? 30   SER A N   1 
ATOM   217 C CA  . SER A 1 30 ? 1.681   12.010  12.497  1.00 8.08  ? 30   SER A CA  1 
ATOM   218 C C   . SER A 1 30 ? 1.667   11.793  10.999  1.00 7.73  ? 30   SER A C   1 
ATOM   219 O O   . SER A 1 30 ? 2.579   11.153  10.487  1.00 9.25  ? 30   SER A O   1 
ATOM   220 C CB  . SER A 1 30 ? 1.432   10.679  13.228  1.00 8.51  ? 30   SER A CB  1 
ATOM   221 O OG  . SER A 1 30 ? 0.152   10.152  12.862  1.00 9.82  ? 30   SER A OG  1 
ATOM   222 N N   . GLY A 1 31 ? 0.603   12.261  10.324  1.00 8.59  ? 31   GLY A N   1 
ATOM   223 C CA  . GLY A 1 31 ? 0.367   11.932  8.947   1.00 9.35  ? 31   GLY A CA  1 
ATOM   224 C C   . GLY A 1 31 ? -0.066  10.496  8.720   1.00 9.35  ? 31   GLY A C   1 
ATOM   225 O O   . GLY A 1 31 ? -0.058  10.034  7.587   1.00 12.44 ? 31   GLY A O   1 
ATOM   226 N N   . CYS A 1 32 ? -0.420  9.796   9.768   1.00 9.79  ? 32   CYS A N   1 
ATOM   227 C CA  . CYS A 1 32 ? -0.891  8.405   9.646   1.00 9.80  ? 32   CYS A CA  1 
ATOM   228 C C   . CYS A 1 32 ? -2.371  8.374   9.313   1.00 10.78 ? 32   CYS A C   1 
ATOM   229 O O   . CYS A 1 32 ? -3.046  9.390   9.459   1.00 12.44 ? 32   CYS A O   1 
ATOM   230 C CB  . CYS A 1 32 ? -0.622  7.613   10.925  1.00 11.16 ? 32   CYS A CB  1 
ATOM   231 S SG  . CYS A 1 32 ? 1.116   7.650   11.541  1.00 11.73 ? 32   CYS A SG  1 
ATOM   232 N N   . LYS A 1 33 ? -2.838  7.206   8.890   1.00 10.84 ? 33   LYS A N   1 
ATOM   233 C CA  . LYS A 1 33 ? -4.227  6.989   8.546   1.00 12.23 ? 33   LYS A CA  1 
ATOM   234 C C   . LYS A 1 33 ? -4.805  5.927   9.457   1.00 12.74 ? 33   LYS A C   1 
ATOM   235 O O   . LYS A 1 33 ? -4.102  4.978   9.798   1.00 14.13 ? 33   LYS A O   1 
ATOM   236 C CB  . LYS A 1 33 ? -4.417  6.589   7.092   1.00 16.85 ? 33   LYS A CB  1 
ATOM   237 C CG  . LYS A 1 33 ? -3.885  7.586   6.101   1.00 20.82 ? 33   LYS A CG  1 
ATOM   238 C CD  . LYS A 1 33 ? -4.315  9.022   6.243   1.00 26.05 ? 33   LYS A CD  1 
ATOM   239 C CE  . LYS A 1 33 ? -3.359  10.015  5.578   1.00 28.93 ? 33   LYS A CE  1 
ATOM   240 N NZ  . LYS A 1 33 ? -3.605  11.483  5.761   1.00 30.43 ? 33   LYS A NZ  1 
ATOM   241 N N   . ILE A 1 34 ? -6.042  6.090   9.881   1.00 14.45 ? 34   ILE A N   1 
ATOM   242 C CA  . ILE A 1 34 ? -6.718  5.028   10.641  1.00 15.80 ? 34   ILE A CA  1 
ATOM   243 C C   . ILE A 1 34 ? -7.676  4.320   9.676   1.00 17.42 ? 34   ILE A C   1 
ATOM   244 O O   . ILE A 1 34 ? -8.547  4.957   9.074   1.00 21.98 ? 34   ILE A O   1 
ATOM   245 C CB  . ILE A 1 34 ? -7.533  5.561   11.838  1.00 17.61 ? 34   ILE A CB  1 
ATOM   246 C CG1 . ILE A 1 34 ? -6.713  6.486   12.761  1.00 15.56 ? 34   ILE A CG1 1 
ATOM   247 C CG2 . ILE A 1 34 ? -8.202  4.434   12.602  1.00 21.79 ? 34   ILE A CG2 1 
ATOM   248 C CD1 . ILE A 1 34 ? -5.431  5.858   13.219  1.00 14.76 ? 34   ILE A CD1 1 
ATOM   249 N N   . ILE A 1 35 ? -7.507  3.030   9.541   1.00 19.19 ? 35   ILE A N   1 
ATOM   250 C CA  . ILE A 1 35 ? -8.162  2.237   8.528   1.00 23.11 ? 35   ILE A CA  1 
ATOM   251 C C   . ILE A 1 35 ? -8.719  1.001   9.195   1.00 25.38 ? 35   ILE A C   1 
ATOM   252 O O   . ILE A 1 35 ? -8.079  0.414   10.068  1.00 27.08 ? 35   ILE A O   1 
ATOM   253 C CB  . ILE A 1 35 ? -7.184  1.782   7.438   1.00 26.97 ? 35   ILE A CB  1 
ATOM   254 C CG1 . ILE A 1 35 ? -6.457  2.925   6.731   1.00 29.20 ? 35   ILE A CG1 1 
ATOM   255 C CG2 . ILE A 1 35 ? -7.921  0.899   6.421   1.00 37.11 ? 35   ILE A CG2 1 
ATOM   256 C CD1 . ILE A 1 35 ? -5.383  2.527   5.715   1.00 35.10 ? 35   ILE A CD1 1 
ATOM   257 N N   . SER A 1 36 ? -9.912  0.662   8.752   1.00 25.69 ? 36   SER A N   1 
ATOM   258 C CA  . SER A 1 36 ? -10.535 -0.536  9.285   1.00 26.09 ? 36   SER A CA  1 
ATOM   259 C C   . SER A 1 36 ? -10.086 -1.740  8.471   1.00 26.62 ? 36   SER A C   1 
ATOM   260 O O   . SER A 1 36 ? -10.793 -2.207  7.577   1.00 35.19 ? 36   SER A O   1 
ATOM   261 C CB  . SER A 1 36 ? -12.051 -0.370  9.277   1.00 30.74 ? 36   SER A CB  1 
ATOM   262 O OG  . SER A 1 36 ? -12.570 -1.499  10.010  1.00 41.13 ? 36   SER A OG  1 
ATOM   263 N N   . ALA A 1 37 ? -8.910  -2.273  8.715   1.00 23.89 ? 37   ALA A N   1 
ATOM   264 C CA  . ALA A 1 37 ? -8.334  -3.308  7.891   1.00 24.11 ? 37   ALA A CA  1 
ATOM   265 C C   . ALA A 1 37 ? -7.342  -4.074  8.757   1.00 23.11 ? 37   ALA A C   1 
ATOM   266 O O   . ALA A 1 37 ? -6.970  -3.516  9.773   1.00 23.24 ? 37   ALA A O   1 
ATOM   267 C CB  . ALA A 1 37 ? -7.552  -2.757  6.716   1.00 26.77 ? 37   ALA A CB  1 
ATOM   268 N N   . SER A 1 38 ? -6.934  -5.235  8.341   1.00 25.72 ? 38   SER A N   1 
ATOM   269 C CA  . SER A 1 38 ? -5.941  -6.017  9.054   1.00 26.93 ? 38   SER A CA  1 
ATOM   270 C C   . SER A 1 38 ? -4.513  -5.856  8.542   1.00 24.27 ? 38   SER A C   1 
ATOM   271 O O   . SER A 1 38 ? -3.550  -6.438  9.051   1.00 31.82 ? 38   SER A O   1 
ATOM   272 C CB  . SER A 1 38 ? -6.324  -7.516  8.939   1.00 32.28 ? 38   SER A CB  1 
ATOM   273 O OG  . SER A 1 38 ? -6.708  -7.725  7.559   1.00 34.86 ? 38   SER A OG  1 
ATOM   274 N N   . THR A 1 39 ? -4.306  -5.026  7.522   1.00 18.70 ? 39   THR A N   1 
ATOM   275 C CA  . THR A 1 39 ? -3.029  -4.732  6.901   1.00 15.20 ? 39   THR A CA  1 
ATOM   276 C C   . THR A 1 39 ? -3.008  -3.266  6.476   1.00 14.52 ? 39   THR A C   1 
ATOM   277 O O   . THR A 1 39 ? -4.053  -2.627  6.470   1.00 14.70 ? 39   THR A O   1 
ATOM   278 C CB  . THR A 1 39 ? -2.730  -5.568  5.643   1.00 13.23 ? 39   THR A CB  1 
ATOM   279 O OG1 . THR A 1 39 ? -3.673  -5.212  4.628   1.00 14.37 ? 39   THR A OG1 1 
ATOM   280 C CG2 . THR A 1 39 ? -2.903  -7.054  5.900   1.00 16.05 ? 39   THR A CG2 1 
ATOM   281 N N   . CYS A 1 40 ? -1.812  -2.753  6.160   1.00 13.35 ? 40   CYS A N   1 
ATOM   282 C CA  . CYS A 1 40 ? -1.661  -1.382  5.710   1.00 12.06 ? 40   CYS A CA  1 
ATOM   283 C C   . CYS A 1 40 ? -1.384  -1.363  4.208   1.00 11.84 ? 40   CYS A C   1 
ATOM   284 O O   . CYS A 1 40 ? -0.798  -2.303  3.694   1.00 13.17 ? 40   CYS A O   1 
ATOM   285 C CB  . CYS A 1 40 ? -0.515  -0.687  6.468   1.00 13.34 ? 40   CYS A CB  1 
ATOM   286 S SG  . CYS A 1 40 ? -0.925  -0.331  8.210   1.00 14.73 ? 40   CYS A SG  1 
ATOM   287 N N   . PRO A 1 41 ? -1.760  -0.279  3.539   1.00 12.80 ? 41   PRO A N   1 
ATOM   288 C CA  . PRO A 1 41 ? -1.374  -0.145  2.131   1.00 12.22 ? 41   PRO A CA  1 
ATOM   289 C C   . PRO A 1 41 ? 0.096   0.215   1.992   1.00 11.67 ? 41   PRO A C   1 
ATOM   290 O O   . PRO A 1 41 ? 0.747   0.712   2.916   1.00 12.35 ? 41   PRO A O   1 
ATOM   291 C CB  . PRO A 1 41 ? -2.201  1.021   1.658   1.00 13.26 ? 41   PRO A CB  1 
ATOM   292 C CG  . PRO A 1 41 ? -2.410  1.843   2.916   1.00 13.16 ? 41   PRO A CG  1 
ATOM   293 C CD  . PRO A 1 41 ? -2.587  0.871   4.015   1.00 13.31 ? 41   PRO A CD  1 
ATOM   294 N N   . SER A 1 42 ? 0.618   -0.036  0.791   1.00 12.81 ? 42   SER A N   1 
ATOM   295 C CA  . SER A 1 42 ? 2.031   0.219   0.564   1.00 13.42 ? 42   SER A CA  1 
ATOM   296 C C   . SER A 1 42 ? 2.503   1.658   0.719   1.00 13.45 ? 42   SER A C   1 
ATOM   297 O O   . SER A 1 42 ? 3.692   1.902   0.972   1.00 14.59 ? 42   SER A O   1 
ATOM   298 C CB  . SER A 1 42 ? 2.440   -0.261  -0.819  1.00 14.62 ? 42   SER A CB  1 
ATOM   299 O OG  . SER A 1 42 ? 1.962   0.483   -1.901  1.00 17.58 ? 42   SER A OG  1 
ATOM   300 N N   . ASN A 1 43 ? 1.565   2.596   0.538   1.00 13.52 ? 43   ASN A N   1 
ATOM   301 C CA  . ASN A 1 43 ? 1.952   3.997   0.686   1.00 14.07 ? 43   ASN A CA  1 
ATOM   302 C C   . ASN A 1 43 ? 1.883   4.492   2.147   1.00 12.63 ? 43   ASN A C   1 
ATOM   303 O O   . ASN A 1 43 ? 2.300   5.608   2.443   1.00 15.15 ? 43   ASN A O   1 
ATOM   304 C CB  . ASN A 1 43 ? 1.152   4.865   -0.282  1.00 17.86 ? 43   ASN A CB  1 
ATOM   305 C CG  . ASN A 1 43 ? -0.342  4.735   -0.164  1.00 17.91 ? 43   ASN A CG  1 
ATOM   306 O OD1 . ASN A 1 43 ? -0.867  3.831   0.455   1.00 17.80 ? 43   ASN A OD1 1 
ATOM   307 N ND2 . ASN A 1 43 ? -1.081  5.703   -0.728  1.00 23.89 ? 43   ASN A ND2 1 
ATOM   308 N N   . TYR A 1 44 ? 1.439   3.643   3.072   1.00 12.34 ? 44   TYR A N   1 
ATOM   309 C CA  . TYR A 1 44 ? 1.448   3.961   4.511   1.00 12.52 ? 44   TYR A CA  1 
ATOM   310 C C   . TYR A 1 44 ? 1.857   2.709   5.271   1.00 11.86 ? 44   TYR A C   1 
ATOM   311 O O   . TYR A 1 44 ? 1.070   2.124   5.996   1.00 12.92 ? 44   TYR A O   1 
ATOM   312 C CB  . TYR A 1 44 ? 0.122   4.473   5.056   1.00 12.60 ? 44   TYR A CB  1 
ATOM   313 C CG  . TYR A 1 44 ? -0.326  5.777   4.450   1.00 13.57 ? 44   TYR A CG  1 
ATOM   314 C CD1 . TYR A 1 44 ? -1.051  5.877   3.283   1.00 13.42 ? 44   TYR A CD1 1 
ATOM   315 C CD2 . TYR A 1 44 ? -0.011  6.964   5.074   1.00 14.67 ? 44   TYR A CD2 1 
ATOM   316 C CE1 . TYR A 1 44 ? -1.440  7.092   2.768   1.00 14.79 ? 44   TYR A CE1 1 
ATOM   317 C CE2 . TYR A 1 44 ? -0.379  8.170   4.557   1.00 16.50 ? 44   TYR A CE2 1 
ATOM   318 C CZ  . TYR A 1 44 ? -1.091  8.247   3.403   1.00 16.88 ? 44   TYR A CZ  1 
ATOM   319 O OH  . TYR A 1 44 ? -1.460  9.491   2.913   1.00 24.85 ? 44   TYR A OH  1 
ATOM   320 N N   . PRO A 1 45 ? 3.074   2.254   5.017   1.00 12.31 ? 45   PRO A N   1 
ATOM   321 C CA  . PRO A 1 45 ? 3.440   0.925   5.458   1.00 13.95 ? 45   PRO A CA  1 
ATOM   322 C C   . PRO A 1 45 ? 4.046   0.806   6.838   1.00 16.11 ? 45   PRO A C   1 
ATOM   323 O O   . PRO A 1 45 ? 4.336   -0.336  7.253   1.00 21.93 ? 45   PRO A O   1 
ATOM   324 C CB  . PRO A 1 45 ? 4.473   0.558   4.366   1.00 16.23 ? 45   PRO A CB  1 
ATOM   325 C CG  . PRO A 1 45 ? 5.187   1.821   4.057   1.00 16.83 ? 45   PRO A CG  1 
ATOM   326 C CD  . PRO A 1 45 ? 4.114   2.880   4.187   1.00 13.05 ? 45   PRO A CD  1 
ATOM   327 N N   . LYS A 1 46 ? 4.238   1.879   7.548   1.00 14.00 ? 46   LYS A N   1 
ATOM   328 C CA  . LYS A 1 46 ? 4.912   1.900   8.840   1.00 14.27 ? 46   LYS A CA  1 
ATOM   329 C C   . LYS A 1 46 ? 3.973   1.943   10.048  1.00 15.51 ? 46   LYS A C   1 
ATOM   330 O O   . LYS A 1 46 ? 4.511   1.705   11.170  1.00 18.40 ? 46   LYS A O   1 
ATOM   331 C CB  . LYS A 1 46 ? 5.908   3.067   8.912   1.00 16.66 ? 46   LYS A CB  1 
ATOM   332 C CG  . LYS A 1 46 ? 6.934   3.071   7.772   1.00 19.86 ? 46   LYS A CG  1 
ATOM   333 C CD  . LYS A 1 46 ? 7.851   1.861   7.739   1.00 24.38 ? 46   LYS A CD  1 
ATOM   334 C CE  . LYS A 1 46 ? 9.197   2.112   7.106   1.00 31.18 ? 46   LYS A CE  1 
ATOM   335 N NZ  . LYS A 1 46 ? 10.206  1.044   7.414   1.00 45.52 ? 46   LYS A NZ  1 
ATOM   336 O OXT . LYS A 1 46 ? 2.773   2.192   9.882   1.00 14.49 ? 46   LYS A OXT 1 
ATOM   337 N N   . LYS B 1 1  ? 5.499   -11.613 -7.793  1.00 20.35 ? 1    LYS B N   1 
ATOM   338 C CA  . LYS B 1 1  ? 4.064   -11.589 -7.958  1.00 17.06 ? 1    LYS B CA  1 
ATOM   339 C C   . LYS B 1 1  ? 3.649   -10.219 -8.497  1.00 14.69 ? 1    LYS B C   1 
ATOM   340 O O   . LYS B 1 1  ? 4.234   -9.224  -8.073  1.00 18.47 ? 1    LYS B O   1 
ATOM   341 C CB  . LYS B 1 1  ? 3.465   -11.876 -6.585  1.00 18.68 ? 1    LYS B CB  1 
ATOM   342 C CG  . LYS B 1 1  ? 1.941   -11.966 -6.713  1.00 19.70 ? 1    LYS B CG  1 
ATOM   343 C CD  . LYS B 1 1  ? 1.302   -12.384 -5.405  1.00 20.85 ? 1    LYS B CD  1 
ATOM   344 C CE  . LYS B 1 1  ? -0.174  -12.595 -5.548  1.00 19.78 ? 1    LYS B CE  1 
ATOM   345 N NZ  . LYS B 1 1  ? -0.550  -13.575 -6.593  1.00 30.38 ? 1    LYS B NZ  1 
ATOM   346 N N   . SER B 1 2  ? 2.676   -10.147 -9.396  1.00 13.07 ? 2    SER B N   1 
ATOM   347 C CA  . SER B 1 2  ? 2.179   -8.889  -9.906  1.00 11.96 ? 2    SER B CA  1 
ATOM   348 C C   . SER B 1 2  ? 0.987   -8.473  -9.049  1.00 9.67  ? 2    SER B C   1 
ATOM   349 O O   . SER B 1 2  ? 0.150   -9.305  -8.711  1.00 11.29 ? 2    SER B O   1 
ATOM   350 C CB  . SER B 1 2  ? 1.807   -8.968  -11.403 1.00 13.29 ? 2    SER B CB  1 
ATOM   351 O OG  . SER B 1 2  ? 0.806   -9.966  -11.591 1.00 14.10 ? 2    SER B OG  1 
ATOM   352 N N   . CYS B 1 3  ? 0.917   -7.188  -8.693  1.00 9.59  ? 3    CYS B N   1 
ATOM   353 C CA  . CYS B 1 3  ? -0.147  -6.637  -7.865  1.00 9.26  ? 3    CYS B CA  1 
ATOM   354 C C   . CYS B 1 3  ? -0.681  -5.395  -8.556  1.00 8.36  ? 3    CYS B C   1 
ATOM   355 O O   . CYS B 1 3  ? 0.103   -4.481  -8.814  1.00 9.22  ? 3    CYS B O   1 
ATOM   356 C CB  . CYS B 1 3  ? 0.334   -6.331  -6.453  1.00 10.41 ? 3    CYS B CB  1 
ATOM   357 S SG  . CYS B 1 3  ? 0.938   -7.825  -5.597  1.00 12.02 ? 3    CYS B SG  1 
ATOM   358 N N   . CYS B 1 4  ? -1.978  -5.360  -8.829  1.00 8.70  ? 4    CYS B N   1 
ATOM   359 C CA  . CYS B 1 4  ? -2.546  -4.335  -9.701  1.00 8.44  ? 4    CYS B CA  1 
ATOM   360 C C   . CYS B 1 4  ? -3.604  -3.462  -9.023  1.00 9.31  ? 4    CYS B C   1 
ATOM   361 O O   . CYS B 1 4  ? -4.294  -3.909  -8.120  1.00 9.79  ? 4    CYS B O   1 
ATOM   362 C CB  . CYS B 1 4  ? -3.137  -5.021  -10.968 1.00 9.53  ? 4    CYS B CB  1 
ATOM   363 S SG  . CYS B 1 4  ? -1.864  -5.867  -11.966 1.00 10.31 ? 4    CYS B SG  1 
ATOM   364 N N   . PRO B 1 5  ? -3.675  -2.211  -9.465  1.00 10.03 ? 5    PRO B N   1 
ATOM   365 C CA  . PRO B 1 5  ? -4.558  -1.242  -8.819  1.00 11.55 ? 5    PRO B CA  1 
ATOM   366 C C   . PRO B 1 5  ? -6.025  -1.437  -9.160  1.00 11.20 ? 5    PRO B C   1 
ATOM   367 O O   . PRO B 1 5  ? -6.884  -0.945  -8.434  1.00 15.28 ? 5    PRO B O   1 
ATOM   368 C CB  . PRO B 1 5  ? -4.107  0.118   -9.350  1.00 13.74 ? 5    PRO B CB  1 
ATOM   369 C CG  . PRO B 1 5  ? -3.566  -0.225  -10.718 1.00 12.81 ? 5    PRO B CG  1 
ATOM   370 C CD  . PRO B 1 5  ? -2.873  -1.547  -10.530 1.00 11.69 ? 5    PRO B CD  1 
ATOM   371 N N   . SER B 1 6  ? -6.321  -2.121  -10.256 1.00 9.64  ? 6    SER B N   1 
ATOM   372 C CA  . SER B 1 6  ? -7.652  -2.158  -10.804 1.00 9.50  ? 6    SER B CA  1 
ATOM   373 C C   . SER B 1 6  ? -7.799  -3.368  -11.716 1.00 9.22  ? 6    SER B C   1 
ATOM   374 O O   . SER B 1 6  ? -6.794  -3.943  -12.116 1.00 8.86  ? 6    SER B O   1 
ATOM   375 C CB  . SER B 1 6  ? -7.981  -0.888  -11.602 1.00 10.52 ? 6    SER B CB  1 
ATOM   376 O OG  . SER B 1 6  ? -7.163  -0.848  -12.765 1.00 9.79  ? 6    SER B OG  1 
ATOM   377 N N   . THR B 1 7  ? -9.001  -3.773  -12.051 1.00 10.83 ? 7    THR B N   1 
ATOM   378 C CA  . THR B 1 7  ? -9.244  -4.859  -12.997 1.00 9.79  ? 7    THR B CA  1 
ATOM   379 C C   . THR B 1 7  ? -8.642  -4.472  -14.355 1.00 8.33  ? 7    THR B C   1 
ATOM   380 O O   . THR B 1 7  ? -8.036  -5.354  -15.006 1.00 9.13  ? 7    THR B O   1 
ATOM   381 C CB  . THR B 1 7  ? -10.741 -5.133  -13.057 1.00 12.19 ? 7    THR B CB  1 
ATOM   382 O OG1 . THR B 1 7  ? -11.208 -5.633  -11.814 1.00 18.11 ? 7    THR B OG1 1 
ATOM   383 C CG2 . THR B 1 7  ? -11.000 -6.197  -14.139 1.00 16.43 ? 7    THR B CG2 1 
ATOM   384 N N   . THR B 1 8  ? -8.741  -3.224  -14.767 1.00 8.45  ? 8    THR B N   1 
ATOM   385 C CA  . THR B 1 8  ? -8.132  -2.833  -16.047 1.00 9.14  ? 8    THR B CA  1 
ATOM   386 C C   . THR B 1 8  ? -6.641  -3.013  -15.984 1.00 8.35  ? 8    THR B C   1 
ATOM   387 O O   . THR B 1 8  ? -6.048  -3.534  -16.911 1.00 8.65  ? 8    THR B O   1 
ATOM   388 C CB  . THR B 1 8  ? -8.457  -1.373  -16.386 1.00 10.87 ? 8    THR B CB  1 
ATOM   389 O OG1 . THR B 1 8  ? -9.893  -1.243  -16.523 1.00 16.80 ? 8    THR B OG1 1 
ATOM   390 C CG2 . THR B 1 8  ? -7.825  -0.958  -17.700 1.00 15.34 ? 8    THR B CG2 1 
ATOM   391 N N   . GLY B 1 9  ? -5.993  -2.592  -14.881 1.00 8.19  ? 9    GLY B N   1 
ATOM   392 C CA  . GLY B 1 9  ? -4.566  -2.832  -14.775 1.00 8.46  ? 9    GLY B CA  1 
ATOM   393 C C   . GLY B 1 9  ? -4.218  -4.297  -14.877 1.00 6.93  ? 9    GLY B C   1 
ATOM   394 O O   . GLY B 1 9  ? -3.261  -4.682  -15.538 1.00 7.44  ? 9    GLY B O   1 
ATOM   395 N N   . ARG B 1 10 ? -4.970  -5.164  -14.175 1.00 6.93  ? 10   ARG B N   1 
ATOM   396 C CA  . ARG B 1 10 ? -4.772  -6.607  -14.239 1.00 7.50  ? 10   ARG B CA  1 
ATOM   397 C C   . ARG B 1 10 ? -4.865  -7.108  -15.684 1.00 6.92  ? 10   ARG B C   1 
ATOM   398 O O   . ARG B 1 10 ? -4.026  -7.887  -16.147 1.00 8.02  ? 10   ARG B O   1 
ATOM   399 C CB  . ARG B 1 10 ? -5.789  -7.328  -13.370 1.00 8.22  ? 10   ARG B CB  1 
ATOM   400 C CG  . ARG B 1 10 ? -5.881  -8.828  -13.519 1.00 9.91  ? 10   ARG B CG  1 
ATOM   401 C CD  . ARG B 1 10 ? -4.532  -9.482  -13.330 1.00 9.87  ? 10   ARG B CD  1 
ATOM   402 N NE  . ARG B 1 10 ? -3.881  -9.193  -12.047 1.00 9.89  ? 10   ARG B NE  1 
ATOM   403 C CZ  . ARG B 1 10 ? -2.596  -9.377  -11.835 1.00 11.38 ? 10   ARG B CZ  1 
ATOM   404 N NH1 . ARG B 1 10 ? -1.788  -9.846  -12.766 1.00 12.78 ? 10   ARG B NH1 1 
ATOM   405 N NH2 . ARG B 1 10 ? -2.094  -9.098  -10.641 1.00 12.11 ? 10   ARG B NH2 1 
ATOM   406 N N   . ASN B 1 11 ? -5.871  -6.633  -16.426 1.00 7.07  ? 11   ASN B N   1 
ATOM   407 C CA  . ASN B 1 11 ? -6.051  -7.102  -17.798 1.00 7.73  ? 11   ASN B CA  1 
ATOM   408 C C   . ASN B 1 11 ? -4.920  -6.639  -18.704 1.00 6.99  ? 11   ASN B C   1 
ATOM   409 O O   . ASN B 1 11 ? -4.450  -7.403  -19.549 1.00 8.29  ? 11   ASN B O   1 
ATOM   410 C CB  . ASN B 1 11 ? -7.423  -6.642  -18.317 1.00 9.80  ? 11   ASN B CB  1 
ATOM   411 C CG  . ASN B 1 11 ? -8.538  -7.397  -17.628 1.00 11.20 ? 11   ASN B CG  1 
ATOM   412 O OD1 . ASN B 1 11 ? -8.366  -8.475  -17.073 1.00 15.09 ? 11   ASN B OD1 1 
ATOM   413 N ND2 . ASN B 1 11 ? -9.720  -6.815  -17.616 1.00 15.64 ? 11   ASN B ND2 1 
ATOM   414 N N   . ILE B 1 12 ? -4.490  -5.388  -18.562 1.00 7.97  ? 12   ILE B N   1 
ATOM   415 C CA  . ILE B 1 12 ? -3.361  -4.866  -19.332 1.00 7.20  ? 12   ILE B CA  1 
ATOM   416 C C   . ILE B 1 12 ? -2.120  -5.712  -19.042 1.00 7.27  ? 12   ILE B C   1 
ATOM   417 O O   . ILE B 1 12 ? -1.379  -6.115  -19.967 1.00 8.61  ? 12   ILE B O   1 
ATOM   418 C CB  . ILE B 1 12 ? -3.064  -3.380  -19.054 1.00 7.33  ? 12   ILE B CB  1 
ATOM   419 C CG1 . ILE B 1 12 ? -4.186  -2.469  -19.533 1.00 9.02  ? 12   ILE B CG1 1 
ATOM   420 C CG2 . ILE B 1 12 ? -1.725  -2.975  -19.628 1.00 8.09  ? 12   ILE B CG2 1 
ATOM   421 C CD1 . ILE B 1 12 ? -4.097  -1.068  -18.994 1.00 10.72 ? 12   ILE B CD1 1 
ATOM   422 N N   . TYR B 1 13 ? -1.818  -5.924  -17.756 1.00 7.91  ? 13   TYR B N   1 
ATOM   423 C CA  . TYR B 1 13 ? -0.649  -6.689  -17.399 1.00 7.90  ? 13   TYR B CA  1 
ATOM   424 C C   . TYR B 1 13 ? -0.681  -8.074  -18.020 1.00 7.90  ? 13   TYR B C   1 
ATOM   425 O O   . TYR B 1 13 ? 0.287   -8.553  -18.611 1.00 8.74  ? 13   TYR B O   1 
ATOM   426 C CB  . TYR B 1 13 ? -0.524  -6.815  -15.868 1.00 8.03  ? 13   TYR B CB  1 
ATOM   427 C CG  . TYR B 1 13 ? 0.711   -7.596  -15.454 1.00 7.57  ? 13   TYR B CG  1 
ATOM   428 C CD1 . TYR B 1 13 ? 1.952   -6.904  -15.338 1.00 9.82  ? 13   TYR B CD1 1 
ATOM   429 C CD2 . TYR B 1 13 ? 0.688   -8.938  -15.170 1.00 8.62  ? 13   TYR B CD2 1 
ATOM   430 C CE1 . TYR B 1 13 ? 3.085   -7.615  -14.959 1.00 10.22 ? 13   TYR B CE1 1 
ATOM   431 C CE2 . TYR B 1 13 ? 1.834   -9.633  -14.808 1.00 10.25 ? 13   TYR B CE2 1 
ATOM   432 C CZ  . TYR B 1 13 ? 3.021   -8.959  -14.704 1.00 11.29 ? 13   TYR B CZ  1 
ATOM   433 O OH  . TYR B 1 13 ? 4.152   -9.649  -14.338 1.00 14.10 ? 13   TYR B OH  1 
ATOM   434 N N   . ASN B 1 14 ? -1.802  -8.777  -17.861 1.00 8.20  ? 14   ASN B N   1 
ATOM   435 C CA  . ASN B 1 14 ? -1.935  -10.156 -18.342 1.00 9.08  ? 14   ASN B CA  1 
ATOM   436 C C   . ASN B 1 14 ? -1.783  -10.223 -19.840 1.00 8.91  ? 14   ASN B C   1 
ATOM   437 O O   . ASN B 1 14 ? -1.084  -11.101 -20.373 1.00 9.64  ? 14   ASN B O   1 
ATOM   438 C CB  . ASN B 1 14 ? -3.292  -10.720 -17.908 1.00 10.67 ? 14   ASN B CB  1 
ATOM   439 C CG  . ASN B 1 14 ? -3.350  -11.089 -16.438 1.00 11.49 ? 14   ASN B CG  1 
ATOM   440 O OD1 . ASN B 1 14 ? -2.334  -11.082 -15.724 1.00 13.35 ? 14   ASN B OD1 1 
ATOM   441 N ND2 . ASN B 1 14 ? -4.577  -11.412 -16.008 1.00 14.81 ? 14   ASN B ND2 1 
ATOM   442 N N   . THR B 1 15 ? -2.406  -9.295  -20.538 1.00 9.23  ? 15   THR B N   1 
ATOM   443 C CA  . THR B 1 15 ? -2.267  -9.217  -21.994 1.00 9.85  ? 15   THR B CA  1 
ATOM   444 C C   . THR B 1 15 ? -0.818  -8.991  -22.427 1.00 9.34  ? 15   THR B C   1 
ATOM   445 O O   . THR B 1 15 ? -0.281  -9.681  -23.320 1.00 9.73  ? 15   THR B O   1 
ATOM   446 C CB  . THR B 1 15 ? -3.172  -8.097  -22.567 1.00 10.73 ? 15   THR B CB  1 
ATOM   447 O OG1 . THR B 1 15 ? -4.545  -8.463  -22.377 1.00 13.55 ? 15   THR B OG1 1 
ATOM   448 C CG2 . THR B 1 15 ? -2.924  -7.902  -24.038 1.00 13.35 ? 15   THR B CG2 1 
ATOM   449 N N   . CYS B 1 16 ? -0.187  -8.023  -21.762 1.00 8.42  ? 16   CYS B N   1 
ATOM   450 C CA  . CYS B 1 16 ? 1.200   -7.717  -22.092 1.00 10.22 ? 16   CYS B CA  1 
ATOM   451 C C   . CYS B 1 16 ? 2.077   -8.950  -21.897 1.00 9.47  ? 16   CYS B C   1 
ATOM   452 O O   . CYS B 1 16 ? 3.015   -9.223  -22.642 1.00 10.46 ? 16   CYS B O   1 
ATOM   453 C CB  . CYS B 1 16 ? 1.628   -6.534  -21.238 1.00 10.49 ? 16   CYS B CB  1 
ATOM   454 S SG  . CYS B 1 16 ? 3.367   -6.102  -21.331 1.00 13.36 ? 16   CYS B SG  1 
ATOM   455 N N   . ARG B 1 17 ? 1.791   -9.758  -20.845 1.00 9.60  ? 17   ARG B N   1 
ATOM   456 C CA  . ARG B 1 17 ? 2.681   -10.911 -20.621 1.00 9.63  ? 17   ARG B CA  1 
ATOM   457 C C   . ARG B 1 17 ? 2.539   -11.971 -21.699 1.00 10.03 ? 17   ARG B C   1 
ATOM   458 O O   . ARG B 1 17 ? 3.474   -12.739 -21.907 1.00 14.44 ? 17   ARG B O   1 
ATOM   459 C CB  . ARG B 1 17 ? 2.463   -11.416 -19.219 1.00 10.73 ? 17   ARG B CB  1 
ATOM   460 C CG  . ARG B 1 17 ? 2.968   -10.536 -18.099 1.00 10.36 ? 17   ARG B CG  1 
ATOM   461 C CD  . ARG B 1 17 ? 4.462   -10.585 -18.013 1.00 11.68 ? 17   ARG B CD  1 
ATOM   462 N NE  . ARG B 1 17 ? 4.932   -11.770 -17.359 1.00 13.54 ? 17   ARG B NE  1 
ATOM   463 C CZ  . ARG B 1 17 ? 6.147   -12.313 -17.510 1.00 14.91 ? 17   ARG B CZ  1 
ATOM   464 N NH1 . ARG B 1 17 ? 7.033   -11.780 -18.318 1.00 17.34 ? 17   ARG B NH1 1 
ATOM   465 N NH2 . ARG B 1 17 ? 6.453   -13.401 -16.822 1.00 18.01 ? 17   ARG B NH2 1 
ATOM   466 N N   . LEU B 1 18 ? 1.444   -11.989 -22.421 1.00 8.99  ? 18   LEU B N   1 
ATOM   467 C CA  . LEU B 1 18 ? 1.256   -12.939 -23.525 1.00 9.75  ? 18   LEU B CA  1 
ATOM   468 C C   . LEU B 1 18 ? 2.100   -12.569 -24.736 1.00 9.71  ? 18   LEU B C   1 
ATOM   469 O O   . LEU B 1 18 ? 2.278   -13.408 -25.594 1.00 11.23 ? 18   LEU B O   1 
ATOM   470 C CB  . LEU B 1 18 ? -0.197  -12.979 -23.926 1.00 9.23  ? 18   LEU B CB  1 
ATOM   471 C CG  . LEU B 1 18 ? -1.243  -13.352 -22.872 1.00 9.90  ? 18   LEU B CG  1 
ATOM   472 C CD1 . LEU B 1 18 ? -2.635  -13.292 -23.481 1.00 11.11 ? 18   LEU B CD1 1 
ATOM   473 C CD2 . LEU B 1 18 ? -0.938  -14.720 -22.243 1.00 10.85 ? 18   LEU B CD2 1 
ATOM   474 N N   . THR B 1 19 ? 2.610   -11.358 -24.791 1.00 10.53 ? 19   THR B N   1 
ATOM   475 C CA  . THR B 1 19 ? 3.510   -10.934 -25.847 1.00 11.96 ? 19   THR B CA  1 
ATOM   476 C C   . THR B 1 19 ? 4.940   -11.408 -25.577 1.00 14.78 ? 19   THR B C   1 
ATOM   477 O O   . THR B 1 19 ? 5.812   -11.221 -26.442 1.00 19.95 ? 19   THR B O   1 
ATOM   478 C CB  . THR B 1 19 ? 3.531   -9.414  -26.021 1.00 13.07 ? 19   THR B CB  1 
ATOM   479 O OG1 . THR B 1 19 ? 4.246   -8.813  -24.922 1.00 12.64 ? 19   THR B OG1 1 
ATOM   480 C CG2 . THR B 1 19 ? 2.126   -8.798  -26.051 1.00 15.09 ? 19   THR B CG2 1 
ATOM   481 N N   . GLY B 1 20 ? 5.251   -11.986 -24.441 1.00 15.51 ? 20   GLY B N   1 
ATOM   482 C CA  . GLY B 1 20 ? 6.613   -12.354 -24.061 1.00 18.40 ? 20   GLY B CA  1 
ATOM   483 C C   . GLY B 1 20 ? 7.421   -11.201 -23.525 1.00 16.57 ? 20   GLY B C   1 
ATOM   484 O O   . GLY B 1 20 ? 8.615   -11.345 -23.188 1.00 19.23 ? 20   GLY B O   1 
ATOM   485 N N   . SER B 1 21 ? 6.792   -10.040 -23.391 1.00 14.58 ? 21   SER B N   1 
ATOM   486 C CA  . SER B 1 21 ? 7.441   -8.925  -22.699 1.00 13.17 ? 21   SER B CA  1 
ATOM   487 C C   . SER B 1 21 ? 7.691   -9.218  -21.226 1.00 13.82 ? 21   SER B C   1 
ATOM   488 O O   . SER B 1 21 ? 7.002   -9.994  -20.565 1.00 14.19 ? 21   SER B O   1 
ATOM   489 C CB  . SER B 1 21 ? 6.567   -7.679  -22.862 1.00 13.84 ? 21   SER B CB  1 
ATOM   490 O OG  . SER B 1 21 ? 6.511   -7.267  -24.224 1.00 14.99 ? 21   SER B OG  1 
ATOM   491 N N   . SER B 1 22 ? 8.684   -8.539  -20.672 1.00 13.63 ? 22   SER B N   1 
ATOM   492 C CA  . SER B 1 22 ? 9.091   -8.749  -19.301 1.00 14.85 ? 22   SER B CA  1 
ATOM   493 C C   . SER B 1 22 ? 8.088   -8.252  -18.259 1.00 13.06 ? 22   SER B C   1 
ATOM   494 O O   . SER B 1 22 ? 7.229   -7.438  -18.534 1.00 12.92 ? 22   SER B O   1 
ATOM   495 C CB  . SER B 1 22 ? 10.427  -8.035  -18.998 1.00 16.97 ? 22   SER B CB  1 
ATOM   496 O OG  . SER B 1 22 ? 10.248  -6.606  -18.968 1.00 18.22 ? 22   SER B OG  1 
ATOM   497 N N   . ARG B 1 23 ? 8.277   -8.754  -17.060 1.00 13.86 ? 23   ARG B N   1 
ATOM   498 C CA  . ARG B 1 23 ? 7.403   -8.315  -15.979 1.00 12.52 ? 23   ARG B CA  1 
ATOM   499 C C   . ARG B 1 23 ? 7.543   -6.819  -15.760 1.00 13.41 ? 23   ARG B C   1 
ATOM   500 O O   . ARG B 1 23 ? 6.498   -6.136  -15.561 1.00 12.60 ? 23   ARG B O   1 
ATOM   501 C CB  . ARG B 1 23 ? 7.731   -9.077  -14.702 1.00 15.14 ? 23   ARG B CB  1 
ATOM   502 C CG  . ARG B 1 23 ? 7.364   -10.538 -14.708 1.00 17.65 ? 23   ARG B CG  1 
ATOM   503 C CD  . ARG B 1 23 ? 7.762   -11.196 -13.394 1.00 28.97 ? 23   ARG B CD  1 
ATOM   504 N NE  . ARG B 1 23 ? 6.744   -12.067 -12.835 1.00 39.23 ? 23   ARG B NE  1 
ATOM   505 C CZ  . ARG B 1 23 ? 6.613   -12.459 -11.555 1.00 46.76 ? 23   ARG B CZ  1 
ATOM   506 N NH1 . ARG B 1 23 ? 7.454   -12.106 -10.569 1.00 53.53 ? 23   ARG B NH1 1 
ATOM   507 N NH2 . ARG B 1 23 ? 5.606   -13.265 -11.189 1.00 53.90 ? 23   ARG B NH2 1 
ATOM   508 N N   . GLU B 1 24 ? 8.769   -6.264  -15.806 1.00 14.49 ? 24   GLU B N   1 
ATOM   509 C CA  . GLU B 1 24 ? 8.926   -4.807  -15.641 1.00 16.65 ? 24   GLU B CA  1 
ATOM   510 C C   . GLU B 1 24 ? 8.244   -4.033  -16.747 1.00 13.65 ? 24   GLU B C   1 
ATOM   511 O O   . GLU B 1 24 ? 7.584   -3.023  -16.558 1.00 14.22 ? 24   GLU B O   1 
ATOM   512 C CB  . GLU B 1 24 ? 10.431  -4.465  -15.530 1.00 24.06 ? 24   GLU B CB  1 
ATOM   513 C CG  . GLU B 1 24 ? 10.840  -2.997  -15.449 1.00 34.63 ? 24   GLU B CG  1 
ATOM   514 C CD  . GLU B 1 24 ? 12.333  -2.774  -15.613 1.00 40.27 ? 24   GLU B CD  1 
ATOM   515 O OE1 . GLU B 1 24 ? 13.199  -3.434  -14.974 1.00 50.11 ? 24   GLU B OE1 1 
ATOM   516 O OE2 . GLU B 1 24 ? 12.676  -1.869  -16.418 1.00 50.20 ? 24   GLU B OE2 1 
ATOM   517 N N   . THR B 1 25 ? 8.381   -4.433  -17.995 1.00 13.93 ? 25   THR B N   1 
ATOM   518 C CA  . THR B 1 25 ? 7.740   -3.784  -19.122 1.00 12.92 ? 25   THR B CA  1 
ATOM   519 C C   . THR B 1 25 ? 6.225   -3.740  -18.949 1.00 11.41 ? 25   THR B C   1 
ATOM   520 O O   . THR B 1 25 ? 5.587   -2.700  -19.166 1.00 11.62 ? 25   THR B O   1 
ATOM   521 C CB  . THR B 1 25 ? 8.094   -4.543  -20.421 1.00 15.10 ? 25   THR B CB  1 
ATOM   522 O OG1 . THR B 1 25 ? 9.505   -4.340  -20.684 1.00 17.20 ? 25   THR B OG1 1 
ATOM   523 C CG2 . THR B 1 25 ? 7.308   -4.008  -21.602 1.00 15.77 ? 25   THR B CG2 1 
ATOM   524 N N   . CYS B 1 26 ? 5.680   -4.890  -18.559 1.00 10.99 ? 26   CYS B N   1 
ATOM   525 C CA  . CYS B 1 26 ? 4.235   -5.004  -18.402 1.00 9.58  ? 26   CYS B CA  1 
ATOM   526 C C   . CYS B 1 26 ? 3.722   -4.271  -17.179 1.00 9.12  ? 26   CYS B C   1 
ATOM   527 O O   . CYS B 1 26 ? 2.634   -3.711  -17.214 1.00 8.78  ? 26   CYS B O   1 
ATOM   528 C CB  . CYS B 1 26 ? 3.842   -6.495  -18.370 1.00 10.26 ? 26   CYS B CB  1 
ATOM   529 S SG  . CYS B 1 26 ? 4.265   -7.315  -19.925 1.00 11.03 ? 26   CYS B SG  1 
ATOM   530 N N   . ALA B 1 27 ? 4.500   -4.253  -16.103 1.00 9.87  ? 27   ALA B N   1 
ATOM   531 C CA  . ALA B 1 27 ? 4.121   -3.488  -14.915 1.00 9.42  ? 27   ALA B CA  1 
ATOM   532 C C   . ALA B 1 27 ? 3.973   -2.004  -15.221 1.00 8.91  ? 27   ALA B C   1 
ATOM   533 O O   . ALA B 1 27 ? 3.084   -1.292  -14.775 1.00 9.54  ? 27   ALA B O   1 
ATOM   534 C CB  . ALA B 1 27 ? 5.169   -3.753  -13.840 1.00 11.33 ? 27   ALA B CB  1 
ATOM   535 N N   . LYS B 1 28 ? 4.920   -1.488  -16.037 1.00 9.30  ? 28   LYS B N   1 
ATOM   536 C CA  . LYS B 1 28 ? 4.866   -0.089  -16.400 1.00 9.67  ? 28   LYS B CA  1 
ATOM   537 C C   . LYS B 1 28 ? 3.565   0.275   -17.109 1.00 8.54  ? 28   LYS B C   1 
ATOM   538 O O   . LYS B 1 28 ? 2.870   1.245   -16.731 1.00 9.24  ? 28   LYS B O   1 
ATOM   539 C CB  . LYS B 1 28 ? 6.044   0.282   -17.295 1.00 10.62 ? 28   LYS B CB  1 
ATOM   540 C CG  . LYS B 1 28 ? 7.406   0.302   -16.606 1.00 13.72 ? 28   LYS B CG  1 
ATOM   541 C CD  . LYS B 1 28 ? 8.476   0.578   -17.671 1.00 22.03 ? 28   LYS B CD  1 
ATOM   542 C CE  . LYS B 1 28 ? 9.821   0.942   -17.111 1.00 29.42 ? 28   LYS B CE  1 
ATOM   543 N NZ  . LYS B 1 28 ? 10.750  0.945   -18.296 1.00 39.10 ? 28   LYS B NZ  1 
ATOM   544 N N   . LEU B 1 29 ? 3.190   -0.480  -18.125 1.00 8.88  ? 29   LEU B N   1 
ATOM   545 C CA  . LEU B 1 29 ? 2.004   -0.216  -18.923 1.00 8.34  ? 29   LEU B CA  1 
ATOM   546 C C   . LEU B 1 29 ? 0.696   -0.351  -18.159 1.00 7.28  ? 29   LEU B C   1 
ATOM   547 O O   . LEU B 1 29 ? -0.312  0.268   -18.524 1.00 9.67  ? 29   LEU B O   1 
ATOM   548 C CB  . LEU B 1 29 ? 1.974   -1.167  -20.119 1.00 8.55  ? 29   LEU B CB  1 
ATOM   549 C CG  . LEU B 1 29 ? 3.079   -1.012  -21.140 1.00 9.49  ? 29   LEU B CG  1 
ATOM   550 C CD1 . LEU B 1 29 ? 3.024   -2.093  -22.191 1.00 12.07 ? 29   LEU B CD1 1 
ATOM   551 C CD2 . LEU B 1 29 ? 2.971   0.349   -21.845 1.00 10.33 ? 29   LEU B CD2 1 
ATOM   552 N N   . SER B 1 30 ? 0.693   -1.172  -17.110 1.00 7.01  ? 30   SER B N   1 
ATOM   553 C CA  . SER B 1 30 ? -0.481  -1.554  -16.408 1.00 7.60  ? 30   SER B CA  1 
ATOM   554 C C   . SER B 1 30 ? -0.648  -0.795  -15.097 1.00 8.07  ? 30   SER B C   1 
ATOM   555 O O   . SER B 1 30 ? -1.740  -0.906  -14.509 1.00 8.78  ? 30   SER B O   1 
ATOM   556 C CB  . SER B 1 30 ? -0.456  -3.043  -16.079 1.00 7.62  ? 30   SER B CB  1 
ATOM   557 O OG  . SER B 1 30 ? 0.687   -3.334  -15.279 1.00 8.45  ? 30   SER B OG  1 
ATOM   558 N N   . GLY B 1 31 ? 0.322   -0.056  -14.633 1.00 8.02  ? 31   GLY B N   1 
ATOM   559 C CA  . GLY B 1 31 ? 0.304   0.524   -13.317 1.00 8.82  ? 31   GLY B CA  1 
ATOM   560 C C   . GLY B 1 31 ? 0.403   -0.460  -12.174 1.00 8.88  ? 31   GLY B C   1 
ATOM   561 O O   . GLY B 1 31 ? 0.109   -0.119  -11.012 1.00 12.36 ? 31   GLY B O   1 
ATOM   562 N N   . CYS B 1 32 ? 0.809   -1.676  -12.466 1.00 9.53  ? 32   CYS B N   1 
ATOM   563 C CA  . CYS B 1 32 ? 0.968   -2.736  -11.463 1.00 9.05  ? 32   CYS B CA  1 
ATOM   564 C C   . CYS B 1 32 ? 2.372   -2.678  -10.863 1.00 10.47 ? 32   CYS B C   1 
ATOM   565 O O   . CYS B 1 32 ? 3.289   -2.018  -11.383 1.00 11.75 ? 32   CYS B O   1 
ATOM   566 C CB  . CYS B 1 32 ? 0.674   -4.112  -12.059 1.00 10.15 ? 32   CYS B CB  1 
ATOM   567 S SG  . CYS B 1 32 ? -0.920  -4.300  -12.885 1.00 11.41 ? 32   CYS B SG  1 
ATOM   568 N N   . LYS B 1 33 ? 2.554   -3.361  -9.759  1.00 11.38 ? 33   LYS B N   1 
ATOM   569 C CA  . LYS B 1 33 ? 3.817   -3.506  -9.072  1.00 13.30 ? 33   LYS B CA  1 
ATOM   570 C C   . LYS B 1 33 ? 4.239   -4.980  -9.055  1.00 12.31 ? 33   LYS B C   1 
ATOM   571 O O   . LYS B 1 33 ? 3.400   -5.877  -8.943  1.00 13.00 ? 33   LYS B O   1 
ATOM   572 C CB  . LYS B 1 33 ? 3.747   -2.933  -7.651  1.00 15.76 ? 33   LYS B CB  1 
ATOM   573 C CG  . LYS B 1 33 ? 3.245   -1.495  -7.631  1.00 21.98 ? 33   LYS B CG  1 
ATOM   574 C CD  . LYS B 1 33 ? 4.048   -0.493  -8.429  1.00 29.11 ? 33   LYS B CD  1 
ATOM   575 C CE  . LYS B 1 33 ? 3.472   0.915   -8.375  1.00 33.76 ? 33   LYS B CE  1 
ATOM   576 N NZ  . LYS B 1 33 ? 3.664   1.705   -9.670  1.00 38.90 ? 33   LYS B NZ  1 
ATOM   577 N N   . ILE B 1 34 ? 5.535   -5.192  -9.186  1.00 12.64 ? 34   ILE B N   1 
ATOM   578 C CA  . ILE B 1 34 ? 6.112   -6.532  -9.046  1.00 12.14 ? 34   ILE B CA  1 
ATOM   579 C C   . ILE B 1 34 ? 6.671   -6.619  -7.632  1.00 14.13 ? 34   ILE B C   1 
ATOM   580 O O   . ILE B 1 34 ? 7.557   -5.837  -7.265  1.00 16.33 ? 34   ILE B O   1 
ATOM   581 C CB  . ILE B 1 34 ? 7.194   -6.824  -10.089 1.00 13.64 ? 34   ILE B CB  1 
ATOM   582 C CG1 . ILE B 1 34 ? 6.730   -6.572  -11.514 1.00 12.95 ? 34   ILE B CG1 1 
ATOM   583 C CG2 . ILE B 1 34 ? 7.807   -8.224  -9.954  1.00 19.03 ? 34   ILE B CG2 1 
ATOM   584 C CD1 . ILE B 1 34 ? 5.507   -7.367  -11.911 1.00 15.51 ? 34   ILE B CD1 1 
ATOM   585 N N   . ILE B 1 35 ? 6.112   -7.566  -6.880  1.00 16.27 ? 35   ILE B N   1 
ATOM   586 C CA  . ILE B 1 35 ? 6.505   -7.682  -5.470  1.00 19.03 ? 35   ILE B CA  1 
ATOM   587 C C   . ILE B 1 35 ? 6.914   -9.122  -5.221  1.00 19.97 ? 35   ILE B C   1 
ATOM   588 O O   . ILE B 1 35 ? 6.197   -10.021 -5.658  1.00 22.35 ? 35   ILE B O   1 
ATOM   589 C CB  . ILE B 1 35 ? 5.344   -7.201  -4.581  1.00 24.73 ? 35   ILE B CB  1 
ATOM   590 C CG1 . ILE B 1 35 ? 4.841   -5.771  -4.850  1.00 25.95 ? 35   ILE B CG1 1 
ATOM   591 C CG2 . ILE B 1 35 ? 5.711   -7.336  -3.118  1.00 25.24 ? 35   ILE B CG2 1 
ATOM   592 C CD1 . ILE B 1 35 ? 3.641   -5.250  -4.086  1.00 28.19 ? 35   ILE B CD1 1 
ATOM   593 N N   . SER B 1 36 ? 8.044   -9.427  -4.571  1.00 23.90 ? 36   SER B N   1 
ATOM   594 C CA  . SER B 1 36 ? 8.295   -10.853 -4.350  1.00 25.83 ? 36   SER B CA  1 
ATOM   595 C C   . SER B 1 36 ? 7.729   -11.241 -2.995  1.00 23.59 ? 36   SER B C   1 
ATOM   596 O O   . SER B 1 36 ? 8.441   -11.250 -1.967  1.00 33.52 ? 36   SER B O   1 
ATOM   597 C CB  A SER B 1 36 ? 9.772   -11.245 -4.401  0.75 28.98 ? 36   SER B CB  1 
ATOM   598 C CB  B SER B 1 36 ? 9.774   -11.217 -4.423  0.25 28.36 ? 36   SER B CB  1 
ATOM   599 O OG  A SER B 1 36 ? 10.468  -10.459 -5.363  0.75 33.75 ? 36   SER B OG  1 
ATOM   600 O OG  B SER B 1 36 ? 10.577  -10.152 -3.950  0.25 30.76 ? 36   SER B OG  1 
ATOM   601 N N   . ALA B 1 37 ? 6.455   -11.544 -2.993  1.00 21.42 ? 37   ALA B N   1 
ATOM   602 C CA  . ALA B 1 37 ? 5.624   -12.010 -1.892  1.00 18.14 ? 37   ALA B CA  1 
ATOM   603 C C   . ALA B 1 37 ? 4.454   -12.852 -2.400  1.00 17.65 ? 37   ALA B C   1 
ATOM   604 O O   . ALA B 1 37 ? 4.186   -12.834 -3.605  1.00 20.14 ? 37   ALA B O   1 
ATOM   605 C CB  . ALA B 1 37 ? 5.069   -10.868 -1.060  1.00 18.14 ? 37   ALA B CB  1 
ATOM   606 N N   . SER B 1 38 ? 3.764   -13.565 -1.500  1.00 18.19 ? 38   SER B N   1 
ATOM   607 C CA  . SER B 1 38 ? 2.696   -14.404 -2.032  1.00 18.37 ? 38   SER B CA  1 
ATOM   608 C C   . SER B 1 38 ? 1.364   -13.698 -2.071  1.00 15.48 ? 38   SER B C   1 
ATOM   609 O O   . SER B 1 38 ? 0.438   -14.298 -2.651  1.00 15.39 ? 38   SER B O   1 
ATOM   610 C CB  . SER B 1 38 ? 2.523   -15.691 -1.207  1.00 21.06 ? 38   SER B CB  1 
ATOM   611 O OG  . SER B 1 38 ? 2.268   -15.422 0.136   1.00 26.37 ? 38   SER B OG  1 
ATOM   612 N N   . THR B 1 39 ? 1.270   -12.523 -1.482  1.00 13.57 ? 39   THR B N   1 
ATOM   613 C CA  . THR B 1 39 ? 0.021   -11.760 -1.470  1.00 13.77 ? 39   THR B CA  1 
ATOM   614 C C   . THR B 1 39 ? 0.296   -10.322 -1.822  1.00 12.89 ? 39   THR B C   1 
ATOM   615 O O   . THR B 1 39 ? 1.421   -9.845  -1.796  1.00 15.37 ? 39   THR B O   1 
ATOM   616 C CB  . THR B 1 39 ? -0.627  -11.810 -0.094  1.00 14.28 ? 39   THR B CB  1 
ATOM   617 O OG1 . THR B 1 39 ? 0.209   -11.153 0.888   1.00 16.98 ? 39   THR B OG1 1 
ATOM   618 C CG2 . THR B 1 39 ? -0.746  -13.260 0.408   1.00 16.67 ? 39   THR B CG2 1 
ATOM   619 N N   . CYS B 1 40 ? -0.759  -9.618  -2.191  1.00 13.10 ? 40   CYS B N   1 
ATOM   620 C CA  . CYS B 1 40 ? -0.709  -8.207  -2.631  1.00 11.59 ? 40   CYS B CA  1 
ATOM   621 C C   . CYS B 1 40 ? -1.262  -7.269  -1.548  1.00 11.75 ? 40   CYS B C   1 
ATOM   622 O O   . CYS B 1 40 ? -2.125  -7.675  -0.747  1.00 13.11 ? 40   CYS B O   1 
ATOM   623 C CB  . CYS B 1 40 ? -1.550  -8.022  -3.887  1.00 12.57 ? 40   CYS B CB  1 
ATOM   624 S SG  . CYS B 1 40 ? -0.848  -8.836  -5.352  1.00 12.43 ? 40   CYS B SG  1 
ATOM   625 N N   . PRO B 1 41 ? -0.786  -6.046  -1.538  1.00 11.47 ? 41   PRO B N   1 
ATOM   626 C CA  . PRO B 1 41 ? -1.232  -5.062  -0.531  1.00 12.95 ? 41   PRO B CA  1 
ATOM   627 C C   . PRO B 1 41 ? -2.592  -4.539  -0.952  1.00 12.24 ? 41   PRO B C   1 
ATOM   628 O O   . PRO B 1 41 ? -3.024  -4.613  -2.100  1.00 13.02 ? 41   PRO B O   1 
ATOM   629 C CB  . PRO B 1 41 ? -0.158  -4.005  -0.548  1.00 13.24 ? 41   PRO B CB  1 
ATOM   630 C CG  . PRO B 1 41 ? 0.286   -4.054  -2.005  1.00 12.67 ? 41   PRO B CG  1 
ATOM   631 C CD  . PRO B 1 41 ? 0.234   -5.478  -2.437  1.00 11.69 ? 41   PRO B CD  1 
ATOM   632 N N   . SER B 1 42 ? -3.284  -3.947  0.008   1.00 12.17 ? 42   SER B N   1 
ATOM   633 C CA  . SER B 1 42 ? -4.634  -3.476  -0.146  1.00 12.05 ? 42   SER B CA  1 
ATOM   634 C C   . SER B 1 42 ? -4.785  -2.395  -1.241  1.00 12.68 ? 42   SER B C   1 
ATOM   635 O O   . SER B 1 42 ? -5.871  -2.310  -1.838  1.00 13.83 ? 42   SER B O   1 
ATOM   636 C CB  . SER B 1 42 ? -5.178  -2.875  1.154   1.00 12.83 ? 42   SER B CB  1 
ATOM   637 O OG  . SER B 1 42 ? -4.315  -1.879  1.658   1.00 14.72 ? 42   SER B OG  1 
ATOM   638 N N   . ASN B 1 43 ? -3.771  -1.620  -1.511  1.00 11.69 ? 43   ASN B N   1 
ATOM   639 C CA  . ASN B 1 43 ? -3.789  -0.581  -2.522  1.00 12.24 ? 43   ASN B CA  1 
ATOM   640 C C   . ASN B 1 43 ? -3.457  -1.117  -3.905  1.00 10.32 ? 43   ASN B C   1 
ATOM   641 O O   . ASN B 1 43 ? -3.704  -0.422  -4.905  1.00 12.42 ? 43   ASN B O   1 
ATOM   642 C CB  . ASN B 1 43 ? -2.864  0.587   -2.163  1.00 13.19 ? 43   ASN B CB  1 
ATOM   643 C CG  . ASN B 1 43 ? -1.459  0.240   -1.735  1.00 12.82 ? 43   ASN B CG  1 
ATOM   644 O OD1 . ASN B 1 43 ? -1.116  -0.825  -1.236  1.00 12.66 ? 43   ASN B OD1 1 
ATOM   645 N ND2 . ASN B 1 43 ? -0.585  1.198   -1.955  1.00 12.90 ? 43   ASN B ND2 1 
ATOM   646 N N   . TYR B 1 44 ? -2.946  -2.321  -4.006  1.00 11.18 ? 44   TYR B N   1 
ATOM   647 C CA  . TYR B 1 44 ? -2.749  -2.966  -5.322  1.00 11.03 ? 44   TYR B CA  1 
ATOM   648 C C   . TYR B 1 44 ? -3.313  -4.388  -5.278  1.00 11.04 ? 44   TYR B C   1 
ATOM   649 O O   . TYR B 1 44 ? -2.524  -5.359  -5.362  1.00 11.53 ? 44   TYR B O   1 
ATOM   650 C CB  . TYR B 1 44 ? -1.272  -2.954  -5.713  1.00 11.92 ? 44   TYR B CB  1 
ATOM   651 C CG  . TYR B 1 44 ? -0.675  -1.604  -5.958  1.00 12.13 ? 44   TYR B CG  1 
ATOM   652 C CD1 . TYR B 1 44 ? -0.120  -0.866  -4.928  1.00 12.63 ? 44   TYR B CD1 1 
ATOM   653 C CD2 . TYR B 1 44 ? -0.679  -1.036  -7.239  1.00 13.02 ? 44   TYR B CD2 1 
ATOM   654 C CE1 . TYR B 1 44 ? 0.428   0.389   -5.146  1.00 13.76 ? 44   TYR B CE1 1 
ATOM   655 C CE2 . TYR B 1 44 ? -0.135  0.206   -7.470  1.00 13.71 ? 44   TYR B CE2 1 
ATOM   656 C CZ  . TYR B 1 44 ? 0.423   0.925   -6.422  1.00 13.64 ? 44   TYR B CZ  1 
ATOM   657 O OH  . TYR B 1 44 ? 0.974   2.184   -6.583  1.00 16.78 ? 44   TYR B OH  1 
ATOM   658 N N   . PRO B 1 45 ? -4.619  -4.515  -5.068  1.00 11.72 ? 45   PRO B N   1 
ATOM   659 C CA  . PRO B 1 45 ? -5.139  -5.817  -4.663  1.00 12.99 ? 45   PRO B CA  1 
ATOM   660 C C   . PRO B 1 45 ? -5.466  -6.756  -5.798  1.00 12.70 ? 45   PRO B C   1 
ATOM   661 O O   . PRO B 1 45 ? -5.756  -7.926  -5.503  1.00 16.01 ? 45   PRO B O   1 
ATOM   662 C CB  . PRO B 1 45 ? -6.422  -5.397  -3.918  1.00 14.04 ? 45   PRO B CB  1 
ATOM   663 C CG  . PRO B 1 45 ? -6.887  -4.207  -4.709  1.00 14.22 ? 45   PRO B CG  1 
ATOM   664 C CD  . PRO B 1 45 ? -5.633  -3.459  -5.057  1.00 11.59 ? 45   PRO B CD  1 
ATOM   665 N N   . LYS B 1 46 ? -5.449  -6.302  -7.029  1.00 12.07 ? 46   LYS B N   1 
ATOM   666 C CA  . LYS B 1 46 ? -5.981  -7.054  -8.167  1.00 11.74 ? 46   LYS B CA  1 
ATOM   667 C C   . LYS B 1 46 ? -4.930  -7.817  -8.934  1.00 11.44 ? 46   LYS B C   1 
ATOM   668 O O   . LYS B 1 46 ? -3.742  -7.583  -8.788  1.00 12.62 ? 46   LYS B O   1 
ATOM   669 C CB  . LYS B 1 46 ? -6.724  -6.137  -9.130  1.00 14.35 ? 46   LYS B CB  1 
ATOM   670 C CG  . LYS B 1 46 ? -7.826  -5.302  -8.533  1.00 19.80 ? 46   LYS B CG  1 
ATOM   671 C CD  . LYS B 1 46 ? -9.026  -6.144  -8.167  1.00 27.68 ? 46   LYS B CD  1 
ATOM   672 C CE  . LYS B 1 46 ? -10.189 -5.209  -7.769  1.00 33.30 ? 46   LYS B CE  1 
ATOM   673 N NZ  . LYS B 1 46 ? -11.490 -5.551  -8.369  1.00 43.03 ? 46   LYS B NZ  1 
ATOM   674 O OXT . LYS B 1 46 ? -5.307  -8.710  -9.709  1.00 14.05 ? 46   LYS B OXT 1 
HETATM 675 O O   . HOH C 2 .  ? 5.284   0.579   16.776  1.00 34.96 ? 3001 HOH A O   1 
HETATM 676 O O   . HOH C 2 .  ? -2.044  14.252  8.908   1.00 11.66 ? 3002 HOH A O   1 
HETATM 677 O O   . HOH C 2 .  ? 9.025   11.350  8.149   1.00 12.38 ? 3004 HOH A O   1 
HETATM 678 O O   . HOH C 2 .  ? 11.234  8.734   9.233   1.00 12.49 ? 3005 HOH A O   1 
HETATM 679 O O   . HOH C 2 .  ? -4.408  16.749  16.259  1.00 13.20 ? 3007 HOH A O   1 
HETATM 680 O O   . HOH C 2 .  ? -2.071  -4.408  2.639   1.00 12.93 ? 3009 HOH A O   1 
HETATM 681 O O   . HOH C 2 .  ? -3.406  11.921  8.562   1.00 16.53 ? 3014 HOH A O   1 
HETATM 682 O O   . HOH C 2 .  ? 0.035   3.305   20.043  1.00 18.13 ? 3017 HOH A O   1 
HETATM 683 O O   . HOH C 2 .  ? 0.031   10.717  29.618  1.00 19.53 ? 3021 HOH A O   1 
HETATM 684 O O   . HOH C 2 .  ? 7.437   4.443   18.562  1.00 21.11 ? 3024 HOH A O   1 
HETATM 685 O O   . HOH C 2 .  ? 0.389   -4.672  6.707   1.00 21.49 ? 3026 HOH A O   1 
HETATM 686 O O   . HOH C 2 .  ? 7.326   8.374   23.348  1.00 21.20 ? 3027 HOH A O   1 
HETATM 687 O O   . HOH C 2 .  ? -1.223  7.560   29.449  1.00 23.20 ? 3029 HOH A O   1 
HETATM 688 O O   . HOH C 2 .  ? -10.416 8.763   16.835  1.00 23.95 ? 3031 HOH A O   1 
HETATM 689 O O   . HOH C 2 .  ? -7.894  13.587  21.465  1.00 23.53 ? 3033 HOH A O   1 
HETATM 690 O O   . HOH C 2 .  ? -8.113  -9.938  6.965   1.00 25.58 ? 3037 HOH A O   1 
HETATM 691 O O   . HOH C 2 .  ? -7.447  8.486   8.927   1.00 26.48 ? 3038 HOH A O   1 
HETATM 692 O O   . HOH C 2 .  ? -9.536  7.034   19.735  1.00 25.61 ? 3045 HOH A O   1 
HETATM 693 O O   . HOH C 2 .  ? 5.838   -1.728  8.852   1.00 28.35 ? 3046 HOH A O   1 
HETATM 694 O O   . HOH C 2 .  ? 6.914   0.718   11.733  1.00 27.68 ? 3047 HOH A O   1 
HETATM 695 O O   . HOH C 2 .  ? 9.981   3.245   15.522  1.00 27.70 ? 3050 HOH A O   1 
HETATM 696 O O   . HOH C 2 .  ? 1.867   10.697  3.133   1.00 27.91 ? 3052 HOH A O   1 
HETATM 697 O O   . HOH C 2 .  ? 10.562  5.610   7.243   1.00 28.75 ? 3053 HOH A O   1 
HETATM 698 O O   . HOH C 2 .  ? -6.806  1.778   14.625  1.00 29.96 ? 3054 HOH A O   1 
HETATM 699 O O   . HOH C 2 .  ? 1.984   8.217   1.772   1.00 28.90 ? 3055 HOH A O   1 
HETATM 700 O O   . HOH C 2 .  ? -2.544  11.921  30.098  1.00 31.28 ? 3059 HOH A O   1 
HETATM 701 O O   . HOH C 2 .  ? -2.631  3.073   19.670  1.00 32.66 ? 3060 HOH A O   1 
HETATM 702 O O   . HOH C 2 .  ? -7.033  17.657  16.399  1.00 33.95 ? 3062 HOH A O   1 
HETATM 703 O O   . HOH C 2 .  ? -2.899  0.272   15.078  1.00 32.36 ? 3063 HOH A O   1 
HETATM 704 O O   . HOH C 2 .  ? 0.125   11.682  0.942   1.00 33.57 ? 3064 HOH A O   1 
HETATM 705 O O   . HOH C 2 .  ? -0.674  -0.779  12.950  1.00 33.15 ? 3066 HOH A O   1 
HETATM 706 O O   . HOH C 2 .  ? 14.104  7.663   12.396  1.00 31.47 ? 3067 HOH A O   1 
HETATM 707 O O   . HOH C 2 .  ? -7.039  20.091  11.887  1.00 34.11 ? 3068 HOH A O   1 
HETATM 708 O O   . HOH C 2 .  ? 13.722  7.506   9.672   1.00 32.25 ? 3069 HOH A O   1 
HETATM 709 O O   . HOH C 2 .  ? -3.563  4.073   0.187   1.00 34.93 ? 3072 HOH A O   1 
HETATM 710 O O   . HOH C 2 .  ? -3.910  2.814   17.533  1.00 34.40 ? 3073 HOH A O   1 
HETATM 711 O O   . HOH C 2 .  ? 4.184   -2.831  11.207  1.00 36.79 ? 3074 HOH A O   1 
HETATM 712 O O   . HOH C 2 .  ? -9.440  14.797  16.308  1.00 39.13 ? 3084 HOH A O   1 
HETATM 713 O O   . HOH C 2 .  ? 0.466   2.212   17.496  1.00 37.66 ? 3086 HOH A O   1 
HETATM 714 O O   . HOH C 2 .  ? 7.137   6.713   20.466  1.00 35.62 ? 3087 HOH A O   1 
HETATM 715 O O   . HOH C 2 .  ? 3.585   2.270   -2.842  1.00 39.59 ? 3090 HOH A O   1 
HETATM 716 O O   . HOH C 2 .  ? 6.344   -0.331  14.660  1.00 42.55 ? 3091 HOH A O   1 
HETATM 717 O O   . HOH C 2 .  ? 2.491   -0.685  14.657  1.00 39.86 ? 3093 HOH A O   1 
HETATM 718 O O   . HOH C 2 .  ? -3.654  5.000   23.669  1.00 46.44 ? 3094 HOH A O   1 
HETATM 719 O O   . HOH C 2 .  ? -6.227  15.464  22.487  1.00 45.04 ? 3098 HOH A O   1 
HETATM 720 O O   . HOH C 2 .  ? -9.729  2.215   15.239  1.00 44.67 ? 3101 HOH A O   1 
HETATM 721 O O   . HOH C 2 .  ? 9.584   1.799   11.330  1.00 43.89 ? 3103 HOH A O   1 
HETATM 722 O O   . HOH C 2 .  ? 12.730  9.683   13.060  1.00 47.26 ? 3104 HOH A O   1 
HETATM 723 O O   . HOH C 2 .  ? -1.340  11.770  4.747   1.00 46.81 ? 3105 HOH A O   1 
HETATM 724 O O   . HOH C 2 .  ? -10.099 -5.585  10.350  1.00 47.56 ? 3107 HOH A O   1 
HETATM 725 O O   . HOH C 2 .  ? -3.757  4.548   -2.598  1.00 49.49 ? 3111 HOH A O   1 
HETATM 726 O O   . HOH C 2 .  ? -11.668 3.226   10.028  1.00 49.49 ? 3113 HOH A O   1 
HETATM 727 O O   . HOH C 2 .  ? -11.100 13.235  18.298  1.00 51.14 ? 3115 HOH A O   1 
HETATM 728 O O   . HOH C 2 .  ? -13.307 -0.917  12.877  1.00 58.99 ? 3120 HOH A O   1 
HETATM 729 O O   . HOH C 2 .  ? 5.067   4.407   -1.885  1.00 57.86 ? 3121 HOH A O   1 
HETATM 730 O O   . HOH C 2 .  ? -6.254  13.696  27.864  1.00 53.02 ? 3122 HOH A O   1 
HETATM 731 O O   . HOH C 2 .  ? -9.081  4.383   22.971  1.00 59.32 ? 3123 HOH A O   1 
HETATM 732 O O   . HOH C 2 .  ? 4.134   -1.196  13.130  1.00 60.98 ? 3124 HOH A O   1 
HETATM 733 O O   . HOH C 2 .  ? 0.880   8.741   -0.609  1.00 54.73 ? 3126 HOH A O   1 
HETATM 734 O O   . HOH C 2 .  ? -6.157  -6.396  4.561   0.50 18.06 ? 3127 HOH A O   1 
HETATM 735 O O   . HOH C 2 .  ? 8.431   9.910   19.438  0.50 17.27 ? 3128 HOH A O   1 
HETATM 736 O O   . HOH C 2 .  ? 11.513  9.497   15.182  0.50 24.35 ? 3130 HOH A O   1 
HETATM 737 O O   . HOH C 2 .  ? -10.035 1.131   13.009  0.50 27.26 ? 3133 HOH A O   1 
HETATM 738 O O   . HOH C 2 .  ? 9.219   1.881   13.691  0.50 29.46 ? 3134 HOH A O   1 
HETATM 739 O O   . HOH C 2 .  ? -9.299  -5.701  5.871   0.50 34.31 ? 3135 HOH A O   1 
HETATM 740 O O   . HOH C 2 .  ? -0.365  11.332  -1.276  0.50 51.18 ? 3136 HOH A O   1 
HETATM 741 O O   . HOH D 2 .  ? -8.110  1.316   -14.136 1.00 11.83 ? 3003 HOH B O   1 
HETATM 742 O O   . HOH D 2 .  ? 3.187   2.153   -14.188 1.00 12.67 ? 3006 HOH B O   1 
HETATM 743 O O   . HOH D 2 .  ? 6.730   -0.691  -20.929 1.00 13.47 ? 3008 HOH B O   1 
HETATM 744 O O   . HOH D 2 .  ? -10.803 -1.253  -13.856 1.00 13.64 ? 3010 HOH B O   1 
HETATM 745 O O   . HOH D 2 .  ? -1.062  -8.850  1.593   1.00 13.86 ? 3011 HOH B O   1 
HETATM 746 O O   . HOH D 2 .  ? 2.722   -11.652 1.710   1.00 16.07 ? 3012 HOH B O   1 
HETATM 747 O O   . HOH D 2 .  ? 3.950   0.561   -12.195 1.00 15.97 ? 3013 HOH B O   1 
HETATM 748 O O   . HOH D 2 .  ? 0.092   -12.922 -16.458 1.00 15.58 ? 3015 HOH B O   1 
HETATM 749 O O   . HOH D 2 .  ? -5.200  -1.434  4.163   1.00 18.04 ? 3016 HOH B O   1 
HETATM 750 O O   . HOH D 2 .  ? 2.758   -13.428 -28.408 1.00 18.56 ? 3018 HOH B O   1 
HETATM 751 O O   . HOH D 2 .  ? -5.551  -10.869 -23.552 1.00 18.77 ? 3019 HOH B O   1 
HETATM 752 O O   . HOH D 2 .  ? -0.936  2.333   -10.385 1.00 18.42 ? 3020 HOH B O   1 
HETATM 753 O O   . HOH D 2 .  ? 10.211  -6.558  -22.384 1.00 20.42 ? 3022 HOH B O   1 
HETATM 754 O O   . HOH D 2 .  ? -2.053  2.405   -19.337 1.00 21.03 ? 3023 HOH B O   1 
HETATM 755 O O   . HOH D 2 .  ? -7.684  -9.890  -10.162 1.00 20.27 ? 3025 HOH B O   1 
HETATM 756 O O   . HOH D 2 .  ? -6.872  -10.660 -17.839 1.00 22.33 ? 3028 HOH B O   1 
HETATM 757 O O   . HOH D 2 .  ? 5.733   -15.662 -24.495 1.00 23.31 ? 3030 HOH B O   1 
HETATM 758 O O   . HOH D 2 .  ? 2.058   -7.734  -0.221  1.00 23.09 ? 3032 HOH B O   1 
HETATM 759 O O   . HOH D 2 .  ? -1.204  3.473   -3.408  1.00 24.99 ? 3034 HOH B O   1 
HETATM 760 O O   . HOH D 2 .  ? -11.005 -2.539  -10.376 1.00 23.85 ? 3035 HOH B O   1 
HETATM 761 O O   . HOH D 2 .  ? 11.138  -7.734  -15.394 1.00 23.55 ? 3036 HOH B O   1 
HETATM 762 O O   . HOH D 2 .  ? -2.819  2.191   -5.635  1.00 25.63 ? 3039 HOH B O   1 
HETATM 763 O O   . HOH D 2 .  ? 7.332   -2.893  -9.604  1.00 24.82 ? 3040 HOH B O   1 
HETATM 764 O O   . HOH D 2 .  ? 1.783   -12.747 -10.361 1.00 26.22 ? 3041 HOH B O   1 
HETATM 765 O O   . HOH D 2 .  ? 10.364  -10.871 -16.752 1.00 25.02 ? 3042 HOH B O   1 
HETATM 766 O O   . HOH D 2 .  ? -9.868  -9.551  -15.049 1.00 26.08 ? 3043 HOH B O   1 
HETATM 767 O O   . HOH D 2 .  ? -0.643  -12.092 -9.125  1.00 26.08 ? 3044 HOH B O   1 
HETATM 768 O O   . HOH D 2 .  ? -1.105  0.776   -21.140 1.00 29.05 ? 3048 HOH B O   1 
HETATM 769 O O   . HOH D 2 .  ? 0.625   -16.260 -4.601  1.00 26.88 ? 3049 HOH B O   1 
HETATM 770 O O   . HOH D 2 .  ? -5.878  0.594   0.682   1.00 28.76 ? 3051 HOH B O   1 
HETATM 771 O O   . HOH D 2 .  ? 9.510   -0.514  -21.172 1.00 29.33 ? 3056 HOH B O   1 
HETATM 772 O O   . HOH D 2 .  ? 1.212   3.257   -9.119  1.00 31.83 ? 3057 HOH B O   1 
HETATM 773 O O   . HOH D 2 .  ? 4.155   -13.990 1.379   1.00 31.90 ? 3058 HOH B O   1 
HETATM 774 O O   . HOH D 2 .  ? -5.401  -12.906 -13.373 1.00 33.79 ? 3061 HOH B O   1 
HETATM 775 O O   . HOH D 2 .  ? 9.438   -12.888 -0.188  1.00 33.73 ? 3065 HOH B O   1 
HETATM 776 O O   . HOH D 2 .  ? 3.771   -12.032 -13.101 1.00 35.25 ? 3070 HOH B O   1 
HETATM 777 O O   . HOH D 2 .  ? -9.553  -8.975  -12.153 1.00 35.24 ? 3071 HOH B O   1 
HETATM 778 O O   . HOH D 2 .  ? 3.117   -13.317 -15.883 1.00 32.64 ? 3075 HOH B O   1 
HETATM 779 O O   . HOH D 2 .  ? 2.322   -14.252 -13.625 1.00 35.38 ? 3076 HOH B O   1 
HETATM 780 O O   . HOH D 2 .  ? -3.000  -11.799 -3.014  1.00 37.27 ? 3077 HOH B O   1 
HETATM 781 O O   . HOH D 2 .  ? 1.195   3.923   -4.693  1.00 33.07 ? 3078 HOH B O   1 
HETATM 782 O O   . HOH D 2 .  ? -3.977  -10.587 -5.997  1.00 36.47 ? 3079 HOH B O   1 
HETATM 783 O O   . HOH D 2 .  ? -4.319  -11.479 -9.043  1.00 37.54 ? 3080 HOH B O   1 
HETATM 784 O O   . HOH D 2 .  ? -6.703  -12.323 -11.375 1.00 36.87 ? 3081 HOH B O   1 
HETATM 785 O O   . HOH D 2 .  ? 11.054  -2.456  -19.662 1.00 37.49 ? 3082 HOH B O   1 
HETATM 786 O O   . HOH D 2 .  ? -10.433 -4.370  -19.070 1.00 37.17 ? 3083 HOH B O   1 
HETATM 787 O O   . HOH D 2 .  ? 5.577   -13.002 -29.159 1.00 38.07 ? 3085 HOH B O   1 
HETATM 788 O O   . HOH D 2 .  ? -13.153 -2.311  -13.326 1.00 37.24 ? 3088 HOH B O   1 
HETATM 789 O O   . HOH D 2 .  ? -7.676  -12.143 -14.019 1.00 41.84 ? 3092 HOH B O   1 
HETATM 790 O O   . HOH D 2 .  ? -8.390  -2.967  -1.415  1.00 44.19 ? 3095 HOH B O   1 
HETATM 791 O O   . HOH D 2 .  ? 7.737   -3.577  -6.140  1.00 42.91 ? 3096 HOH B O   1 
HETATM 792 O O   . HOH D 2 .  ? 9.734   -14.150 -23.551 1.00 42.08 ? 3097 HOH B O   1 
HETATM 793 O O   . HOH D 2 .  ? -0.415  5.201   -7.043  1.00 42.31 ? 3099 HOH B O   1 
HETATM 794 O O   . HOH D 2 .  ? 9.533   4.839   -19.074 1.00 44.18 ? 3100 HOH B O   1 
HETATM 795 O O   . HOH D 2 .  ? 8.758   -6.040  -25.035 1.00 42.76 ? 3102 HOH B O   1 
HETATM 796 O O   . HOH D 2 .  ? -6.137  -10.303 -20.021 1.00 48.62 ? 3106 HOH B O   1 
HETATM 797 O O   . HOH D 2 .  ? 6.235   -14.635 0.323   1.00 47.11 ? 3108 HOH B O   1 
HETATM 798 O O   . HOH D 2 .  ? -5.376  1.034   -21.983 1.00 47.99 ? 3109 HOH B O   1 
HETATM 799 O O   . HOH D 2 .  ? -8.968  -10.531 -7.773  1.00 47.48 ? 3110 HOH B O   1 
HETATM 800 O O   . HOH D 2 .  ? -3.004  -15.467 -9.078  1.00 49.09 ? 3112 HOH B O   1 
HETATM 801 O O   . HOH D 2 .  ? 6.387   -14.180 -6.147  1.00 50.04 ? 3114 HOH B O   1 
HETATM 802 O O   . HOH D 2 .  ? -8.896  -8.012  -21.686 1.00 48.02 ? 3116 HOH B O   1 
HETATM 803 O O   . HOH D 2 .  ? -11.109 -7.932  -10.836 1.00 54.02 ? 3117 HOH B O   1 
HETATM 804 O O   . HOH D 2 .  ? 8.645   -14.059 -14.141 1.00 53.70 ? 3118 HOH B O   1 
HETATM 805 O O   . HOH D 2 .  ? 9.413   -13.104 -17.935 1.00 53.48 ? 3119 HOH B O   1 
HETATM 806 O O   . HOH D 2 .  ? 10.478  -10.507 -10.876 1.00 59.72 ? 3125 HOH B O   1 
HETATM 807 O O   . HOH D 2 .  ? -6.466  -6.244  -22.273 0.50 27.37 ? 3129 HOH B O   1 
HETATM 808 O O   . HOH D 2 .  ? -7.384  -4.911  -22.116 0.50 29.79 ? 3131 HOH B O   1 
HETATM 809 O O   . HOH D 2 .  ? -7.576  -0.538  -21.712 0.50 27.49 ? 3132 HOH B O   1 
# 
loop_
_atom_site_anisotrop.id 
_atom_site_anisotrop.type_symbol 
_atom_site_anisotrop.pdbx_label_atom_id 
_atom_site_anisotrop.pdbx_label_alt_id 
_atom_site_anisotrop.pdbx_label_comp_id 
_atom_site_anisotrop.pdbx_label_asym_id 
_atom_site_anisotrop.pdbx_label_seq_id 
_atom_site_anisotrop.pdbx_PDB_ins_code 
_atom_site_anisotrop.U[1][1] 
_atom_site_anisotrop.U[2][2] 
_atom_site_anisotrop.U[3][3] 
_atom_site_anisotrop.U[1][2] 
_atom_site_anisotrop.U[1][3] 
_atom_site_anisotrop.U[2][3] 
_atom_site_anisotrop.pdbx_auth_seq_id 
_atom_site_anisotrop.pdbx_auth_comp_id 
_atom_site_anisotrop.pdbx_auth_asym_id 
_atom_site_anisotrop.pdbx_auth_atom_id 
1   N N   . LYS A 1  ? 0.3477 0.1945 0.3385 -0.1549 0.0046  -0.0276 1    LYS A N   
2   C CA  . LYS A 1  ? 0.3528 0.1631 0.2241 -0.1384 -0.0081 -0.0147 1    LYS A CA  
3   C C   . LYS A 1  ? 0.2813 0.1222 0.1703 -0.0798 -0.0220 -0.0205 1    LYS A C   
4   O O   . LYS A 1  ? 0.2521 0.1409 0.2568 -0.0570 -0.0528 -0.0123 1    LYS A O   
5   C CB  . LYS A 1  ? 0.4351 0.1317 0.2837 -0.1655 0.0377  -0.0299 1    LYS A CB  
6   C CG  . LYS A 1  ? 0.4605 0.1705 0.3214 -0.1142 0.0573  -0.0362 1    LYS A CG  
7   C CD  . LYS A 1  ? 0.5318 0.1394 0.3294 -0.0767 0.0021  -0.0097 1    LYS A CD  
8   C CE  . LYS A 1  ? 0.5655 0.2371 0.4144 -0.0169 -0.0022 0.0255  1    LYS A CE  
9   N NZ  . LYS A 1  ? 0.8032 0.2725 0.5220 0.1326  -0.1662 0.0053  1    LYS A NZ  
10  N N   . SER A 2  ? 0.2610 0.1246 0.1286 -0.0706 -0.0025 -0.0020 2    SER A N   
11  C CA  . SER A 2  ? 0.2348 0.1014 0.1233 -0.0485 -0.0193 0.0019  2    SER A CA  
12  C C   . SER A 2  ? 0.2107 0.0746 0.1151 -0.0502 -0.0380 -0.0099 2    SER A C   
13  O O   . SER A 2  ? 0.2643 0.0845 0.1275 -0.0296 -0.0328 0.0067  2    SER A O   
14  C CB  . SER A 2  ? 0.2799 0.0910 0.1143 -0.0378 -0.0213 -0.0063 2    SER A CB  
15  O OG  . SER A 2  ? 0.2673 0.1546 0.1535 -0.0283 -0.0468 -0.0049 2    SER A OG  
16  N N   . CYS A 3  ? 0.1972 0.0716 0.1273 -0.0406 -0.0231 -0.0034 3    CYS A N   
17  C CA  . CYS A 3  ? 0.1845 0.0812 0.1296 -0.0441 -0.0325 0.0057  3    CYS A CA  
18  C C   . CYS A 3  ? 0.1835 0.0723 0.1105 -0.0365 -0.0336 -0.0001 3    CYS A C   
19  O O   . CYS A 3  ? 0.1789 0.0768 0.1397 -0.0373 -0.0495 0.0053  3    CYS A O   
20  C CB  . CYS A 3  ? 0.2212 0.1057 0.1252 -0.0733 -0.0229 -0.0079 3    CYS A CB  
21  S SG  . CYS A 3  ? 0.2561 0.1159 0.1377 -0.0906 -0.0226 -0.0165 3    CYS A SG  
22  N N   . CYS A 4  ? 0.1808 0.0725 0.1006 -0.0363 -0.0377 -0.0089 4    CYS A N   
23  C CA  . CYS A 4  ? 0.1979 0.0954 0.1157 -0.0577 -0.0366 -0.0138 4    CYS A CA  
24  C C   . CYS A 4  ? 0.1911 0.0837 0.1152 -0.0355 -0.0374 0.0059  4    CYS A C   
25  O O   . CYS A 4  ? 0.1940 0.0907 0.1196 -0.0319 -0.0313 0.0072  4    CYS A O   
26  C CB  . CYS A 4  ? 0.2034 0.0839 0.1105 -0.0381 -0.0406 -0.0215 4    CYS A CB  
27  S SG  . CYS A 4  ? 0.1969 0.1030 0.1238 -0.0188 -0.0347 -0.0095 4    CYS A SG  
28  N N   . PRO A 5  ? 0.1844 0.0913 0.1346 -0.0457 -0.0155 -0.0064 5    PRO A N   
29  C CA  . PRO A 5  ? 0.2021 0.1212 0.1286 -0.0418 -0.0123 0.0109  5    PRO A CA  
30  C C   . PRO A 5  ? 0.2034 0.1388 0.1165 -0.0320 0.0019  -0.0104 5    PRO A C   
31  O O   . PRO A 5  ? 0.2253 0.2438 0.1498 -0.0747 0.0327  -0.0690 5    PRO A O   
32  C CB  . PRO A 5  ? 0.2026 0.1376 0.1730 -0.0454 -0.0054 0.0413  5    PRO A CB  
33  C CG  . PRO A 5  ? 0.2296 0.0851 0.1945 -0.0335 -0.0243 0.0246  5    PRO A CG  
34  C CD  . PRO A 5  ? 0.2478 0.0775 0.1270 -0.0422 -0.0176 -0.0014 5    PRO A CD  
35  N N   . SER A 6  ? 0.1999 0.1418 0.1206 -0.0214 -0.0062 0.0136  6    SER A N   
36  C CA  . SER A 6  ? 0.1968 0.1024 0.1140 0.0016  0.0073  0.0068  6    SER A CA  
37  C C   . SER A 6  ? 0.1760 0.0868 0.1077 -0.0038 0.0098  0.0008  6    SER A C   
38  O O   . SER A 6  ? 0.1728 0.0895 0.1071 -0.0142 0.0073  -0.0037 6    SER A O   
39  C CB  . SER A 6  ? 0.1880 0.1115 0.1191 -0.0025 0.0181  0.0242  6    SER A CB  
40  O OG  . SER A 6  ? 0.1712 0.0933 0.1222 -0.0057 0.0143  0.0191  6    SER A OG  
41  N N   . THR A 7  ? 0.1817 0.1091 0.1195 0.0185  0.0153  0.0055  7    THR A N   
42  C CA  . THR A 7  ? 0.1899 0.1127 0.1250 0.0277  0.0082  0.0092  7    THR A CA  
43  C C   . THR A 7  ? 0.1261 0.1059 0.1149 0.0030  0.0019  0.0144  7    THR A C   
44  O O   . THR A 7  ? 0.1428 0.0993 0.1041 0.0059  -0.0087 0.0209  7    THR A O   
45  C CB  . THR A 7  ? 0.2361 0.1670 0.1602 0.0986  0.0057  0.0225  7    THR A CB  
46  O OG1 . THR A 7  ? 0.3690 0.2142 0.2379 0.1619  -0.0008 -0.0346 7    THR A OG1 
47  C CG2 . THR A 7  ? 0.2048 0.2828 0.1675 0.0957  0.0115  0.0436  7    THR A CG2 
48  N N   . THR A 8  ? 0.1231 0.1086 0.1106 -0.0180 0.0182  -0.0022 8    THR A N   
49  C CA  . THR A 8  ? 0.1488 0.1114 0.0919 -0.0258 0.0127  -0.0140 8    THR A CA  
50  C C   . THR A 8  ? 0.1460 0.0589 0.1156 -0.0363 0.0151  -0.0273 8    THR A C   
51  O O   . THR A 8  ? 0.1271 0.0982 0.0995 -0.0345 0.0093  0.0067  8    THR A O   
52  C CB  . THR A 8  ? 0.1508 0.1192 0.1724 -0.0427 0.0411  -0.0079 8    THR A CB  
53  O OG1 . THR A 8  ? 0.1425 0.1627 0.2119 -0.0417 0.0176  -0.0020 8    THR A OG1 
54  C CG2 . THR A 8  ? 0.2127 0.1187 0.2783 -0.0672 0.1049  -0.0375 8    THR A CG2 
55  N N   . GLY A 9  ? 0.1342 0.0694 0.0974 -0.0131 0.0337  -0.0118 9    GLY A N   
56  C CA  . GLY A 9  ? 0.1336 0.0806 0.0856 -0.0103 0.0288  0.0106  9    GLY A CA  
57  C C   . GLY A 9  ? 0.1229 0.0639 0.1083 -0.0058 0.0208  0.0225  9    GLY A C   
58  O O   . GLY A 9  ? 0.1169 0.0817 0.0859 -0.0141 0.0136  0.0145  9    GLY A O   
59  N N   . ARG A 10 ? 0.1203 0.0715 0.0859 -0.0080 0.0015  0.0052  10   ARG A N   
60  C CA  . ARG A 10 ? 0.1540 0.0668 0.0885 0.0075  -0.0196 0.0150  10   ARG A CA  
61  C C   . ARG A 10 ? 0.1535 0.0719 0.0865 -0.0128 -0.0045 0.0117  10   ARG A C   
62  O O   . ARG A 10 ? 0.1306 0.0892 0.0891 -0.0175 -0.0107 0.0035  10   ARG A O   
63  C CB  . ARG A 10 ? 0.2144 0.0716 0.1132 0.0177  -0.0005 0.0051  10   ARG A CB  
64  C CG  . ARG A 10 ? 0.2162 0.0576 0.1365 0.0032  -0.0144 0.0093  10   ARG A CG  
65  C CD  . ARG A 10 ? 0.2288 0.0912 0.1129 -0.0190 -0.0122 -0.0049 10   ARG A CD  
66  N NE  . ARG A 10 ? 0.2480 0.0889 0.1244 -0.0317 -0.0456 0.0294  10   ARG A NE  
67  C CZ  . ARG A 10 ? 0.2505 0.1268 0.1443 -0.0320 -0.0459 0.0440  10   ARG A CZ  
68  N NH1 . ARG A 10 ? 0.2572 0.1718 0.1732 -0.0329 -0.0199 0.0501  10   ARG A NH1 
69  N NH2 . ARG A 10 ? 0.2761 0.1272 0.1854 -0.0471 -0.0838 0.0279  10   ARG A NH2 
70  N N   . ASN A 11 ? 0.1614 0.0722 0.0858 -0.0231 0.0093  0.0058  11   ASN A N   
71  C CA  . ASN A 11 ? 0.1341 0.0906 0.0938 -0.0028 -0.0053 0.0085  11   ASN A CA  
72  C C   . ASN A 11 ? 0.1253 0.0852 0.0803 -0.0092 -0.0166 0.0059  11   ASN A C   
73  O O   . ASN A 11 ? 0.1321 0.0850 0.0873 -0.0044 0.0065  0.0190  11   ASN A O   
74  C CB  . ASN A 11 ? 0.1339 0.1273 0.1184 -0.0112 0.0063  0.0005  11   ASN A CB  
75  C CG  . ASN A 11 ? 0.1516 0.1783 0.1071 0.0289  0.0085  -0.0035 11   ASN A CG  
76  O OD1 . ASN A 11 ? 0.1770 0.1461 0.2285 0.0420  -0.0091 -0.0152 11   ASN A OD1 
77  N ND2 . ASN A 11 ? 0.1482 0.2422 0.1537 0.0259  0.0139  -0.0096 11   ASN A ND2 
78  N N   . ILE A 12 ? 0.1323 0.0790 0.0847 -0.0125 -0.0043 0.0135  12   ILE A N   
79  C CA  . ILE A 12 ? 0.1175 0.0783 0.0748 -0.0168 0.0006  0.0060  12   ILE A CA  
80  C C   . ILE A 12 ? 0.1212 0.0706 0.0786 -0.0163 -0.0129 0.0117  12   ILE A C   
81  O O   . ILE A 12 ? 0.1182 0.0985 0.0882 -0.0351 0.0056  -0.0031 12   ILE A O   
82  C CB  . ILE A 12 ? 0.1288 0.0709 0.0924 -0.0145 0.0013  0.0045  12   ILE A CB  
83  C CG1 . ILE A 12 ? 0.1542 0.0791 0.0954 -0.0334 0.0261  -0.0011 12   ILE A CG1 
84  C CG2 . ILE A 12 ? 0.1550 0.0887 0.0791 0.0054  0.0143  0.0051  12   ILE A CG2 
85  C CD1 . ILE A 12 ? 0.1560 0.0934 0.1132 -0.0177 0.0203  0.0154  12   ILE A CD1 
86  N N   . TYR A 13 ? 0.1249 0.0702 0.0722 -0.0205 -0.0065 0.0195  13   TYR A N   
87  C CA  . TYR A 13 ? 0.1309 0.0760 0.0930 -0.0342 -0.0061 0.0234  13   TYR A CA  
88  C C   . TYR A 13 ? 0.1024 0.0766 0.0996 -0.0275 -0.0006 0.0233  13   TYR A C   
89  O O   . TYR A 13 ? 0.1050 0.1128 0.0996 -0.0130 0.0045  0.0258  13   TYR A O   
90  C CB  . TYR A 13 ? 0.1400 0.0765 0.1033 -0.0391 -0.0056 0.0193  13   TYR A CB  
91  C CG  . TYR A 13 ? 0.1335 0.0788 0.1149 -0.0352 -0.0018 0.0158  13   TYR A CG  
92  C CD1 . TYR A 13 ? 0.1356 0.0999 0.1176 -0.0331 -0.0078 0.0270  13   TYR A CD1 
93  C CD2 . TYR A 13 ? 0.1275 0.0758 0.1156 -0.0395 -0.0127 0.0149  13   TYR A CD2 
94  C CE1 . TYR A 13 ? 0.1349 0.1255 0.1501 -0.0410 -0.0181 0.0160  13   TYR A CE1 
95  C CE2 . TYR A 13 ? 0.1571 0.0833 0.0943 -0.0596 -0.0078 -0.0069 13   TYR A CE2 
96  C CZ  . TYR A 13 ? 0.1286 0.1221 0.1179 -0.0672 -0.0160 0.0025  13   TYR A CZ  
97  O OH  . TYR A 13 ? 0.1575 0.1974 0.1703 -0.0976 0.0131  -0.0026 13   TYR A OH  
98  N N   . ASN A 14 ? 0.1392 0.0712 0.1003 -0.0035 0.0188  0.0151  14   ASN A N   
99  C CA  . ASN A 14 ? 0.1282 0.0941 0.1043 -0.0133 0.0017  0.0339  14   ASN A CA  
100 C C   . ASN A 14 ? 0.1294 0.0929 0.1000 -0.0127 -0.0012 0.0432  14   ASN A C   
101 O O   . ASN A 14 ? 0.1353 0.1551 0.1019 -0.0414 0.0120  0.0305  14   ASN A O   
102 C CB  . ASN A 14 ? 0.1487 0.1264 0.1041 0.0091  -0.0113 0.0275  14   ASN A CB  
103 C CG  . ASN A 14 ? 0.2004 0.0873 0.1372 0.0199  -0.0149 0.0405  14   ASN A CG  
104 O OD1 . ASN A 14 ? 0.2268 0.1094 0.2332 -0.0468 -0.0216 0.0057  14   ASN A OD1 
105 N ND2 . ASN A 14 ? 0.2730 0.1843 0.1353 0.0875  0.0349  0.0337  14   ASN A ND2 
106 N N   . THR A 15 ? 0.1289 0.0972 0.1058 -0.0160 0.0125  0.0287  15   THR A N   
107 C CA  . THR A 15 ? 0.1376 0.1201 0.0911 -0.0342 0.0070  0.0265  15   THR A CA  
108 C C   . THR A 15 ? 0.1416 0.1065 0.0894 -0.0443 0.0088  0.0047  15   THR A C   
109 O O   . THR A 15 ? 0.1707 0.1111 0.0984 -0.0305 0.0160  0.0045  15   THR A O   
110 C CB  . THR A 15 ? 0.1260 0.1834 0.1031 -0.0618 -0.0199 0.0073  15   THR A CB  
111 O OG1 . THR A 15 ? 0.1327 0.2134 0.1697 -0.0503 -0.0152 0.0306  15   THR A OG1 
112 C CG2 . THR A 15 ? 0.1718 0.2189 0.1414 -0.1002 -0.0219 -0.0325 15   THR A CG2 
113 N N   . CYS A 16 ? 0.1114 0.1064 0.0950 -0.0484 0.0057  -0.0146 16   CYS A N   
114 C CA  . CYS A 16 ? 0.1367 0.0918 0.1018 -0.0355 0.0146  -0.0104 16   CYS A CA  
115 C C   . CYS A 16 ? 0.1270 0.0990 0.1267 -0.0234 0.0312  0.0019  16   CYS A C   
116 O O   . CYS A 16 ? 0.1485 0.1003 0.1342 -0.0069 0.0393  0.0070  16   CYS A O   
117 C CB  . CYS A 16 ? 0.1593 0.1018 0.1201 -0.0438 0.0021  0.0156  16   CYS A CB  
118 S SG  . CYS A 16 ? 0.1872 0.1308 0.1792 -0.0081 -0.0148 0.0109  16   CYS A SG  
119 N N   . ARG A 17 ? 0.1027 0.1060 0.1234 -0.0417 0.0073  -0.0153 17   ARG A N   
120 C CA  . ARG A 17 ? 0.0943 0.1155 0.1475 -0.0301 0.0153  0.0081  17   ARG A CA  
121 C C   . ARG A 17 ? 0.1440 0.1301 0.1512 -0.0510 0.0061  0.0280  17   ARG A C   
122 O O   . ARG A 17 ? 0.1639 0.2970 0.1727 -0.1118 0.0170  0.0551  17   ARG A O   
123 C CB  . ARG A 17 ? 0.1425 0.0870 0.1472 -0.0307 0.0195  0.0287  17   ARG A CB  
124 C CG  . ARG A 17 ? 0.1411 0.1148 0.1438 -0.0430 0.0133  0.0170  17   ARG A CG  
125 C CD  . ARG A 17 ? 0.1411 0.1339 0.1547 -0.0474 0.0153  0.0360  17   ARG A CD  
126 N NE  . ARG A 17 ? 0.1407 0.1222 0.2306 -0.0512 0.0212  0.0089  17   ARG A NE  
127 C CZ  . ARG A 17 ? 0.1406 0.1351 0.2795 -0.0697 0.0262  0.0136  17   ARG A CZ  
128 N NH1 . ARG A 17 ? 0.1400 0.1664 0.3370 -0.0463 0.0570  0.0281  17   ARG A NH1 
129 N NH2 . ARG A 17 ? 0.2327 0.1577 0.3670 -0.0885 0.0692  0.0557  17   ARG A NH2 
130 N N   . LEU A 18 ? 0.1251 0.1056 0.1236 -0.0284 0.0212  0.0247  18   LEU A N   
131 C CA  . LEU A 18 ? 0.1684 0.1107 0.1286 -0.0223 -0.0020 0.0265  18   LEU A CA  
132 C C   . LEU A 18 ? 0.1475 0.1514 0.1333 -0.0196 -0.0032 0.0020  18   LEU A C   
133 O O   . LEU A 18 ? 0.1778 0.2511 0.1382 0.0301  0.0119  0.0049  18   LEU A O   
134 C CB  . LEU A 18 ? 0.1641 0.0957 0.1111 -0.0254 0.0137  0.0377  18   LEU A CB  
135 C CG  . LEU A 18 ? 0.1811 0.0759 0.1454 -0.0168 0.0016  0.0346  18   LEU A CG  
136 C CD1 . LEU A 18 ? 0.1785 0.1306 0.1285 0.0201  -0.0207 0.0353  18   LEU A CD1 
137 C CD2 . LEU A 18 ? 0.2947 0.0894 0.1754 -0.0197 0.0375  0.0651  18   LEU A CD2 
138 N N   . THR A 19 ? 0.1623 0.1534 0.1540 0.0151  0.0147  -0.0082 19   THR A N   
139 C CA  . THR A 19 ? 0.1643 0.1694 0.1780 0.0061  0.0149  -0.0417 19   THR A CA  
140 C C   . THR A 19 ? 0.1610 0.2925 0.2096 0.0319  0.0313  -0.0210 19   THR A C   
141 O O   . THR A 19 ? 0.2370 0.4550 0.3182 0.1261  0.0465  -0.1064 19   THR A O   
142 C CB  . THR A 19 ? 0.2265 0.1526 0.1721 0.0265  0.0083  -0.0522 19   THR A CB  
143 O OG1 . THR A 19 ? 0.2051 0.1372 0.1960 0.0132  -0.0038 -0.0413 19   THR A OG1 
144 C CG2 . THR A 19 ? 0.2129 0.1376 0.2363 0.0127  -0.0337 0.0353  19   THR A CG2 
145 N N   . GLY A 20 ? 0.1549 0.3268 0.1583 -0.0386 -0.0053 0.0660  20   GLY A N   
146 C CA  . GLY A 20 ? 0.1590 0.4248 0.2070 -0.0272 0.0323  0.0955  20   GLY A CA  
147 C C   . GLY A 20 ? 0.1130 0.4214 0.2050 -0.0390 0.0357  0.0825  20   GLY A C   
148 O O   . GLY A 20 ? 0.1188 0.6355 0.3121 -0.0229 0.0499  0.1864  20   GLY A O   
149 N N   . SER A 21 ? 0.1287 0.2729 0.1848 -0.0123 0.0462  0.0343  21   SER A N   
150 C CA  . SER A 21 ? 0.1140 0.1849 0.1854 -0.0106 0.0407  0.0046  21   SER A CA  
151 C C   . SER A 21 ? 0.1325 0.1551 0.2504 -0.0355 0.0064  0.0259  21   SER A C   
152 O O   . SER A 21 ? 0.1788 0.1702 0.2176 -0.0098 0.0235  0.0196  21   SER A O   
153 C CB  . SER A 21 ? 0.1339 0.1461 0.2069 -0.0332 0.0145  0.0024  21   SER A CB  
154 O OG  . SER A 21 ? 0.1747 0.1476 0.2151 -0.0090 0.0134  -0.0260 21   SER A OG  
155 N N   . SER A 22 ? 0.1313 0.1934 0.2461 -0.0186 0.0046  0.0023  22   SER A N   
156 C CA  . SER A 22 ? 0.1443 0.2033 0.2347 -0.0466 0.0166  0.0076  22   SER A CA  
157 C C   . SER A 22 ? 0.1315 0.1938 0.2017 -0.0727 0.0015  0.0281  22   SER A C   
158 O O   . SER A 22 ? 0.1399 0.1770 0.1870 -0.0788 -0.0147 0.0391  22   SER A O   
159 C CB  . SER A 22 ? 0.1472 0.2372 0.2486 -0.0490 0.0034  0.0043  22   SER A CB  
160 O OG  . SER A 22 ? 0.1676 0.2495 0.3307 -0.0248 0.0065  0.0600  22   SER A OG  
161 N N   . ARG A 23 ? 0.1465 0.1869 0.2033 -0.0884 0.0220  0.0299  23   ARG A N   
162 C CA  . ARG A 23 ? 0.1502 0.2267 0.1895 -0.0947 0.0148  0.0163  23   ARG A CA  
163 C C   . ARG A 23 ? 0.1313 0.2330 0.1830 -0.0888 -0.0039 0.0131  23   ARG A C   
164 O O   . ARG A 23 ? 0.1421 0.1502 0.1802 -0.0360 0.0143  0.0115  23   ARG A O   
165 C CB  . ARG A 23 ? 0.1964 0.2489 0.1531 -0.1269 0.0222  0.0161  23   ARG A CB  
166 C CG  . ARG A 23 ? 0.2381 0.2517 0.1966 -0.1505 0.0146  0.0345  23   ARG A CG  
167 C CD  . ARG A 23 ? 0.3522 0.2455 0.2496 -0.1405 0.0172  0.0103  23   ARG A CD  
168 N NE  . ARG A 23 ? 0.4581 0.2637 0.3272 -0.1252 0.0154  0.0505  23   ARG A NE  
169 C CZ  . ARG A 23 ? 0.5646 0.3508 0.3181 -0.1548 0.0019  0.0902  23   ARG A CZ  
170 N NH1 . ARG A 23 ? 0.5021 0.5432 0.4158 -0.2633 0.0587  0.0744  23   ARG A NH1 
171 N NH2 . ARG A 23 ? 0.8374 0.3351 0.4170 -0.1365 -0.0788 0.1289  23   ARG A NH2 
172 N N   . GLU A 24 ? 0.1104 0.2707 0.2197 -0.0915 0.0063  0.0340  24   GLU A N   
173 C CA  . GLU A 24 ? 0.1578 0.2394 0.2542 -0.0621 0.0103  0.0312  24   GLU A CA  
174 C C   . GLU A 24 ? 0.1265 0.1900 0.2164 -0.0095 0.0171  0.0162  24   GLU A C   
175 O O   . GLU A 24 ? 0.1421 0.1805 0.2192 -0.0118 -0.0054 0.0570  24   GLU A O   
176 C CB  . GLU A 24 ? 0.1456 0.2925 0.4101 -0.0666 0.0138  0.0970  24   GLU A CB  
177 C CG  . GLU A 24 ? 0.2715 0.4539 0.5018 -0.0138 -0.0573 0.1949  24   GLU A CG  
178 C CD  . GLU A 24 ? 0.3063 0.5180 0.6042 0.0347  -0.0709 0.2043  24   GLU A CD  
179 O OE1 . GLU A 24 ? 0.2900 0.6086 0.8072 0.0331  0.0141  0.2419  24   GLU A OE1 
180 O OE2 . GLU A 24 ? 0.4386 0.6265 0.4732 0.0987  -0.1840 0.1598  24   GLU A OE2 
181 N N   . THR A 25 ? 0.1223 0.1920 0.2159 0.0156  -0.0062 0.0302  25   THR A N   
182 C CA  . THR A 25 ? 0.1442 0.1655 0.2133 0.0191  0.0255  -0.0004 25   THR A CA  
183 C C   . THR A 25 ? 0.1330 0.1091 0.1517 -0.0004 0.0059  0.0075  25   THR A C   
184 O O   . THR A 25 ? 0.1410 0.1034 0.1750 0.0002  0.0014  0.0249  25   THR A O   
185 C CB  . THR A 25 ? 0.1444 0.1566 0.2086 0.0247  0.0412  0.0173  25   THR A CB  
186 O OG1 . THR A 25 ? 0.2094 0.2708 0.2587 0.1194  0.0577  0.0211  25   THR A OG1 
187 C CG2 . THR A 25 ? 0.2543 0.1113 0.2133 -0.0004 0.0670  -0.0336 25   THR A CG2 
188 N N   . CYS A 26 ? 0.1169 0.0922 0.1819 -0.0237 0.0229  0.0064  26   CYS A N   
189 C CA  . CYS A 26 ? 0.1139 0.1204 0.1340 -0.0100 0.0065  0.0222  26   CYS A CA  
190 C C   . CYS A 26 ? 0.1136 0.1032 0.1303 -0.0218 -0.0005 0.0130  26   CYS A C   
191 O O   . CYS A 26 ? 0.1183 0.1115 0.1346 -0.0271 0.0065  0.0121  26   CYS A O   
192 C CB  . CYS A 26 ? 0.1460 0.1231 0.1371 -0.0088 0.0020  0.0268  26   CYS A CB  
193 S SG  . CYS A 26 ? 0.1338 0.1491 0.1384 -0.0049 0.0125  0.0213  26   CYS A SG  
194 N N   . ALA A 27 ? 0.1297 0.0999 0.1508 -0.0278 -0.0076 0.0066  27   ALA A N   
195 C CA  . ALA A 27 ? 0.1256 0.1082 0.1454 -0.0346 -0.0110 0.0084  27   ALA A CA  
196 C C   . ALA A 27 ? 0.0998 0.0946 0.1499 -0.0192 -0.0058 0.0044  27   ALA A C   
197 O O   . ALA A 27 ? 0.1297 0.0850 0.1520 -0.0211 0.0040  0.0037  27   ALA A O   
198 C CB  . ALA A 27 ? 0.2421 0.1318 0.1788 -0.1046 -0.0665 0.0365  27   ALA A CB  
200 C CA  . LYS A 28 ? 0.1746 0.0817 0.1150 -0.0387 -0.0201 0.0083  28   LYS A CA  
201 C C   . LYS A 28 ? 0.1646 0.0648 0.1135 -0.0164 -0.0192 0.0119  28   LYS A C   
202 O O   . LYS A 28 ? 0.1486 0.0830 0.1029 -0.0131 -0.0210 0.0078  28   LYS A O   
203 C CB  . LYS A 28 ? 0.1644 0.1103 0.1366 -0.0348 0.0032  0.0147  28   LYS A CB  
204 C CG  . LYS A 28 ? 0.1674 0.1906 0.1860 -0.0328 -0.0129 0.0222  28   LYS A CG  
205 C CD  . LYS A 28 ? 0.1873 0.2712 0.3647 0.0042  0.0506  -0.0173 28   LYS A CD  
206 C CE  . LYS A 28 ? 0.1982 0.3771 0.4697 0.0426  0.0401  -0.0238 28   LYS A CE  
207 N NZ  . LYS A 28 ? 0.2467 0.4748 0.6455 0.1092  0.1785  -0.0715 28   LYS A NZ  
208 N N   . LEU A 29 ? 0.1198 0.0718 0.1099 -0.0133 0.0052  0.0198  29   LEU A N   
209 C CA  . LEU A 29 ? 0.1209 0.0595 0.1444 -0.0135 -0.0110 0.0094  29   LEU A CA  
210 C C   . LEU A 29 ? 0.1137 0.0527 0.1341 -0.0103 -0.0249 0.0186  29   LEU A C   
211 O O   . LEU A 29 ? 0.1318 0.0717 0.1729 -0.0222 0.0116  -0.0012 29   LEU A O   
212 C CB  . LEU A 29 ? 0.1172 0.0937 0.1416 -0.0063 -0.0114 0.0188  29   LEU A CB  
213 C CG  . LEU A 29 ? 0.0981 0.0761 0.1380 0.0014  -0.0450 0.0112  29   LEU A CG  
214 C CD1 . LEU A 29 ? 0.2109 0.0808 0.1315 0.0082  -0.0477 0.0014  29   LEU A CD1 
215 C CD2 . LEU A 29 ? 0.1858 0.0802 0.1723 -0.0196 -0.0663 0.0301  29   LEU A CD2 
216 N N   . SER A 30 ? 0.1191 0.0694 0.1184 -0.0041 -0.0324 -0.0045 30   SER A N   
217 C CA  . SER A 30 ? 0.1182 0.0652 0.1236 0.0046  -0.0309 0.0138  30   SER A CA  
218 C C   . SER A 30 ? 0.1178 0.0592 0.1167 -0.0168 -0.0200 0.0138  30   SER A C   
219 O O   . SER A 30 ? 0.1138 0.1072 0.1304 -0.0178 -0.0037 0.0245  30   SER A O   
220 C CB  . SER A 30 ? 0.1214 0.0757 0.1263 0.0030  -0.0125 0.0245  30   SER A CB  
221 O OG  . SER A 30 ? 0.1419 0.0649 0.1662 -0.0119 -0.0061 -0.0068 30   SER A OG  
222 N N   . GLY A 31 ? 0.1374 0.0724 0.1167 -0.0116 -0.0321 -0.0013 31   GLY A N   
223 C CA  . GLY A 31 ? 0.1745 0.0789 0.1019 -0.0407 -0.0224 0.0134  31   GLY A CA  
224 C C   . GLY A 31 ? 0.1945 0.0595 0.1014 -0.0149 -0.0305 0.0064  31   GLY A C   
225 O O   . GLY A 31 ? 0.2609 0.1000 0.1117 -0.0209 -0.0380 -0.0129 31   GLY A O   
226 N N   . CYS A 32 ? 0.1832 0.0612 0.1275 -0.0292 -0.0108 0.0046  32   CYS A N   
227 C CA  . CYS A 32 ? 0.1756 0.0563 0.1407 -0.0257 -0.0220 -0.0013 32   CYS A CA  
228 C C   . CYS A 32 ? 0.1851 0.0854 0.1391 -0.0254 -0.0415 -0.0026 32   CYS A C   
229 O O   . CYS A 32 ? 0.1723 0.1010 0.1994 -0.0262 -0.0400 -0.0139 32   CYS A O   
230 C CB  . CYS A 32 ? 0.1943 0.0798 0.1500 -0.0328 -0.0388 0.0147  32   CYS A CB  
231 S SG  . CYS A 32 ? 0.2015 0.0963 0.1479 -0.0220 -0.0482 -0.0232 32   CYS A SG  
232 N N   . LYS A 33 ? 0.1652 0.0849 0.1619 -0.0226 -0.0339 0.0046  33   LYS A N   
233 C CA  . LYS A 33 ? 0.1704 0.0983 0.1961 -0.0320 -0.0389 -0.0032 33   LYS A CA  
234 C C   . LYS A 33 ? 0.1770 0.1127 0.1944 -0.0441 -0.0321 -0.0073 33   LYS A C   
235 O O   . LYS A 33 ? 0.1861 0.1273 0.2234 -0.0418 -0.0329 0.0245  33   LYS A O   
236 C CB  . LYS A 33 ? 0.2195 0.2295 0.1911 -0.0927 -0.0650 0.0186  33   LYS A CB  
237 C CG  . LYS A 33 ? 0.2990 0.2766 0.2154 -0.0945 -0.0479 0.0574  33   LYS A CG  
238 C CD  . LYS A 33 ? 0.4268 0.2782 0.2849 -0.0590 -0.0662 0.0967  33   LYS A CD  
239 C CE  . LYS A 33 ? 0.4992 0.2876 0.3125 -0.1054 -0.0663 0.1022  33   LYS A CE  
240 N NZ  . LYS A 33 ? 0.5713 0.2922 0.2926 -0.0849 -0.0589 0.1042  33   LYS A NZ  
241 N N   . ILE A 34 ? 0.1723 0.1431 0.2337 -0.0534 -0.0317 -0.0148 34   ILE A N   
242 C CA  . ILE A 34 ? 0.1839 0.1822 0.2343 -0.0952 -0.0277 -0.0273 34   ILE A CA  
243 C C   . ILE A 34 ? 0.2070 0.1915 0.2635 -0.0850 -0.0700 -0.0262 34   ILE A C   
244 O O   . ILE A 34 ? 0.2277 0.2144 0.3931 -0.0659 -0.1244 -0.0248 34   ILE A O   
245 C CB  . ILE A 34 ? 0.1791 0.2408 0.2493 -0.0930 -0.0190 -0.0372 34   ILE A CB  
246 C CG1 . ILE A 34 ? 0.1447 0.1964 0.2500 -0.0566 -0.0193 -0.0425 34   ILE A CG1 
247 C CG2 . ILE A 34 ? 0.2468 0.2966 0.2846 -0.1695 0.0250  -0.0546 34   ILE A CG2 
248 C CD1 . ILE A 34 ? 0.2156 0.1302 0.2151 -0.0171 -0.0513 -0.0607 34   ILE A CD1 
249 N N   . ILE A 35 ? 0.2806 0.1889 0.2597 -0.0829 -0.1186 -0.0237 35   ILE A N   
250 C CA  . ILE A 35 ? 0.3706 0.2381 0.2691 -0.1325 -0.1290 -0.0407 35   ILE A CA  
251 C C   . ILE A 35 ? 0.4094 0.2521 0.3029 -0.1668 -0.1239 -0.0473 35   ILE A C   
252 O O   . ILE A 35 ? 0.4262 0.2570 0.3458 -0.1993 -0.1306 0.0049  35   ILE A O   
253 C CB  . ILE A 35 ? 0.4506 0.2911 0.2832 -0.1449 -0.0909 -0.0750 35   ILE A CB  
254 C CG1 . ILE A 35 ? 0.4501 0.3361 0.3235 -0.1735 -0.0534 -0.0857 35   ILE A CG1 
255 C CG2 . ILE A 35 ? 0.6185 0.3883 0.4033 -0.2488 -0.0432 -0.1920 35   ILE A CG2 
256 C CD1 . ILE A 35 ? 0.4912 0.5387 0.3039 -0.1549 -0.0362 -0.0906 35   ILE A CD1 
257 N N   . SER A 36 ? 0.3789 0.2846 0.3126 -0.1539 -0.0876 -0.0707 36   SER A N   
258 C CA  . SER A 36 ? 0.3487 0.2942 0.3484 -0.1424 -0.0343 -0.0828 36   SER A CA  
259 C C   . SER A 36 ? 0.3591 0.2948 0.3577 -0.1884 -0.0112 -0.1027 36   SER A C   
260 O O   . SER A 36 ? 0.3429 0.5147 0.4793 -0.2188 -0.0089 -0.2478 36   SER A O   
261 C CB  . SER A 36 ? 0.3439 0.4016 0.4224 -0.1459 -0.0438 -0.1299 36   SER A CB  
262 O OG  . SER A 36 ? 0.4509 0.6150 0.4970 -0.2656 0.0529  -0.0642 36   SER A OG  
263 N N   . ALA A 37 ? 0.3617 0.2169 0.3290 -0.1909 0.0260  -0.0796 37   ALA A N   
264 C CA  . ALA A 37 ? 0.4245 0.1964 0.2950 -0.2026 0.0241  -0.0777 37   ALA A CA  
265 C C   . ALA A 37 ? 0.3762 0.2075 0.2943 -0.1853 0.1011  -0.0391 37   ALA A C   
266 O O   . ALA A 37 ? 0.3484 0.2385 0.2963 -0.1069 0.0649  -0.0408 37   ALA A O   
267 C CB  . ALA A 37 ? 0.4281 0.3211 0.2678 -0.1581 0.0158  -0.0395 37   ALA A CB  
268 N N   . SER A 38 ? 0.4118 0.2127 0.3528 -0.1714 0.1477  -0.0428 38   SER A N   
269 C CA  . SER A 38 ? 0.4903 0.1899 0.3428 -0.1576 0.1450  -0.0146 38   SER A CA  
270 C C   . SER A 38 ? 0.4606 0.1600 0.3017 -0.0948 0.1129  0.0407  38   SER A C   
271 O O   . SER A 38 ? 0.5667 0.2558 0.3865 0.0477  0.1887  0.1625  38   SER A O   
272 C CB  . SER A 38 ? 0.4978 0.1895 0.5390 -0.1465 0.1717  -0.0709 38   SER A CB  
273 O OG  . SER A 38 ? 0.5307 0.2277 0.5662 -0.1686 0.1675  -0.1490 38   SER A OG  
274 N N   . THR A 39 ? 0.3795 0.1068 0.2243 -0.0776 0.0764  -0.0149 39   THR A N   
275 C CA  . THR A 39 ? 0.3246 0.0871 0.1658 -0.0746 0.0070  -0.0044 39   THR A CA  
276 C C   . THR A 39 ? 0.3050 0.0987 0.1479 -0.0613 -0.0121 0.0115  39   THR A C   
277 O O   . THR A 39 ? 0.3013 0.0985 0.1589 -0.0659 -0.0010 -0.0085 39   THR A O   
278 C CB  . THR A 39 ? 0.2660 0.0991 0.1379 -0.0832 -0.0107 0.0063  39   THR A CB  
279 O OG1 . THR A 39 ? 0.2356 0.1176 0.1928 -0.0677 -0.0247 -0.0120 39   THR A OG1 
280 C CG2 . THR A 39 ? 0.2908 0.0847 0.2342 -0.0583 -0.0195 -0.0171 39   THR A CG2 
281 N N   . CYS A 40 ? 0.2897 0.0740 0.1435 -0.0615 -0.0483 0.0053  40   CYS A N   
282 C CA  . CYS A 40 ? 0.2608 0.0775 0.1200 -0.0533 -0.0497 0.0063  40   CYS A CA  
283 C C   . CYS A 40 ? 0.2534 0.0752 0.1213 -0.0497 -0.0450 -0.0067 40   CYS A C   
284 O O   . CYS A 40 ? 0.2794 0.0801 0.1408 -0.0415 -0.0467 -0.0180 40   CYS A O   
285 C CB  . CYS A 40 ? 0.2876 0.0847 0.1344 -0.0567 -0.0558 -0.0199 40   CYS A CB  
286 S SG  . CYS A 40 ? 0.3263 0.1106 0.1228 -0.0647 -0.0518 0.0036  40   CYS A SG  
287 N N   . PRO A 41 ? 0.2977 0.0745 0.1140 -0.0453 -0.0386 -0.0024 41   PRO A N   
288 C CA  . PRO A 41 ? 0.2505 0.1107 0.1032 -0.0494 -0.0750 -0.0056 41   PRO A CA  
289 C C   . PRO A 41 ? 0.2546 0.0663 0.1226 -0.0532 -0.0615 -0.0081 41   PRO A C   
290 O O   . PRO A 41 ? 0.2482 0.1036 0.1173 -0.0586 -0.0542 -0.0167 41   PRO A O   
291 C CB  . PRO A 41 ? 0.2584 0.1235 0.1219 -0.0417 -0.0861 -0.0046 41   PRO A CB  
292 C CG  . PRO A 41 ? 0.2747 0.1199 0.1053 -0.0116 -0.0791 0.0182  41   PRO A CG  
293 C CD  . PRO A 41 ? 0.2742 0.0932 0.1383 -0.0307 -0.0362 0.0177  41   PRO A CD  
294 N N   . SER A 42 ? 0.2678 0.1156 0.1034 -0.0113 -0.0659 0.0076  42   SER A N   
295 C CA  . SER A 42 ? 0.2618 0.1198 0.1282 0.0032  -0.0540 -0.0020 42   SER A CA  
296 C C   . SER A 42 ? 0.2723 0.1345 0.1044 -0.0187 -0.0452 -0.0047 42   SER A C   
297 O O   . SER A 42 ? 0.2573 0.1643 0.1327 -0.0299 -0.0045 -0.0312 42   SER A O   
298 C CB  . SER A 42 ? 0.3034 0.1117 0.1404 0.0172  -0.0362 -0.0043 42   SER A CB  
299 O OG  . SER A 42 ? 0.3958 0.1429 0.1294 -0.0048 -0.0635 0.0071  42   SER A OG  
300 N N   . ASN A 43 ? 0.2920 0.1147 0.1071 -0.0173 -0.0336 -0.0049 43   ASN A N   
301 C CA  . ASN A 43 ? 0.3086 0.1203 0.1058 -0.0533 -0.0122 0.0210  43   ASN A CA  
302 C C   . ASN A 43 ? 0.2588 0.0984 0.1227 -0.0529 0.0073  0.0019  43   ASN A C   
303 O O   . ASN A 43 ? 0.3072 0.1032 0.1651 -0.0696 -0.0103 0.0007  43   ASN A O   
304 C CB  . ASN A 43 ? 0.4003 0.1325 0.1460 -0.0164 -0.0450 0.0221  43   ASN A CB  
305 C CG  . ASN A 43 ? 0.3924 0.1334 0.1549 -0.0227 -0.1024 0.0407  43   ASN A CG  
306 O OD1 . ASN A 43 ? 0.3897 0.1364 0.1500 -0.0373 -0.0956 0.0299  43   ASN A OD1 
307 N ND2 . ASN A 43 ? 0.4459 0.1892 0.2725 -0.0545 -0.2211 0.1049  43   ASN A ND2 
308 N N   . TYR A 44 ? 0.2469 0.1261 0.0960 -0.0770 -0.0309 0.0058  44   TYR A N   
309 C CA  . TYR A 44 ? 0.2747 0.1019 0.0992 -0.0425 -0.0421 -0.0063 44   TYR A CA  
310 C C   . TYR A 44 ? 0.2722 0.0821 0.0963 -0.0410 -0.0107 -0.0064 44   TYR A C   
311 O O   . TYR A 44 ? 0.2480 0.1077 0.1353 -0.0702 -0.0346 -0.0017 44   TYR A O   
312 C CB  . TYR A 44 ? 0.2637 0.0996 0.1154 -0.0436 -0.0493 -0.0214 44   TYR A CB  
313 C CG  . TYR A 44 ? 0.2753 0.1026 0.1378 -0.0447 -0.0629 -0.0141 44   TYR A CG  
314 C CD1 . TYR A 44 ? 0.2464 0.1183 0.1454 -0.0173 -0.0540 -0.0243 44   TYR A CD1 
315 C CD2 . TYR A 44 ? 0.2784 0.0998 0.1792 -0.0198 -0.0792 -0.0256 44   TYR A CD2 
316 C CE1 . TYR A 44 ? 0.2520 0.1398 0.1701 -0.0399 -0.0425 0.0242  44   TYR A CE1 
317 C CE2 . TYR A 44 ? 0.2965 0.1051 0.2252 -0.0067 -0.0712 -0.0127 44   TYR A CE2 
318 C CZ  . TYR A 44 ? 0.3008 0.1138 0.2266 -0.0334 -0.0772 0.0256  44   TYR A CZ  
319 O OH  . TYR A 44 ? 0.4375 0.1397 0.3670 -0.0305 -0.1573 0.0677  44   TYR A OH  
320 N N   . PRO A 45 ? 0.2542 0.0969 0.1167 -0.0481 -0.0313 -0.0177 45   PRO A N   
321 C CA  . PRO A 45 ? 0.2804 0.1065 0.1433 -0.0192 -0.0307 -0.0193 45   PRO A CA  
322 C C   . PRO A 45 ? 0.3435 0.1100 0.1586 0.0116  -0.0552 -0.0178 45   PRO A C   
323 O O   . PRO A 45 ? 0.5467 0.1141 0.1724 0.0441  -0.1147 -0.0364 45   PRO A O   
324 C CB  . PRO A 45 ? 0.3025 0.1407 0.1736 -0.0084 -0.0116 -0.0218 45   PRO A CB  
325 C CG  . PRO A 45 ? 0.2844 0.1582 0.1970 -0.0191 0.0052  -0.0279 45   PRO A CG  
326 C CD  . PRO A 45 ? 0.2515 0.1204 0.1237 -0.0533 -0.0227 -0.0390 45   PRO A CD  
327 N N   . LYS A 46 ? 0.2989 0.1025 0.1306 0.0174  -0.0567 -0.0044 46   LYS A N   
328 C CA  . LYS A 46 ? 0.2707 0.1222 0.1494 0.0374  -0.0620 -0.0044 46   LYS A CA  
329 C C   . LYS A 46 ? 0.3007 0.1525 0.1360 0.0588  -0.0573 -0.0500 46   LYS A C   
330 O O   . LYS A 46 ? 0.3415 0.2065 0.1511 0.0726  -0.0668 -0.0113 46   LYS A O   
331 C CB  . LYS A 46 ? 0.3148 0.1089 0.2091 0.0241  -0.0657 -0.0544 46   LYS A CB  
332 C CG  . LYS A 46 ? 0.3450 0.1291 0.2805 -0.0259 -0.0093 -0.0431 46   LYS A CG  
333 C CD  . LYS A 46 ? 0.3642 0.1934 0.3686 0.0220  0.0450  -0.0598 46   LYS A CD  
334 C CE  . LYS A 46 ? 0.3800 0.3065 0.4981 0.0151  0.0822  -0.0337 46   LYS A CE  
335 N NZ  . LYS A 46 ? 0.4568 0.4308 0.8421 0.1617  0.1588  -0.0635 46   LYS A NZ  
336 O OXT . LYS A 46 ? 0.2685 0.1274 0.1547 -0.0096 -0.0483 -0.0066 46   LYS A OXT 
337 N N   . LYS B 1  ? 0.2552 0.3043 0.2138 0.1218  -0.0589 0.0446  1    LYS B N   
338 C CA  . LYS B 1  ? 0.2529 0.1625 0.2329 0.0514  -0.0456 0.0449  1    LYS B CA  
339 C C   . LYS B 1  ? 0.1934 0.1407 0.2241 0.0315  -0.0402 0.0283  1    LYS B C   
340 O O   . LYS B 1  ? 0.2989 0.1733 0.2297 -0.0216 -0.0870 0.0521  1    LYS B O   
341 C CB  . LYS B 1  ? 0.2878 0.1923 0.2298 0.0314  -0.0443 0.0481  1    LYS B CB  
342 C CG  . LYS B 1  ? 0.2846 0.2189 0.2449 0.0377  -0.0278 0.0531  1    LYS B CG  
343 C CD  . LYS B 1  ? 0.3232 0.2147 0.2545 -0.0426 -0.0344 0.0583  1    LYS B CD  
344 C CE  . LYS B 1  ? 0.3278 0.2064 0.2174 -0.0390 -0.0329 0.0170  1    LYS B CE  
345 N NZ  . LYS B 1  ? 0.4818 0.3683 0.3042 -0.1650 -0.0088 -0.0808 1    LYS B NZ  
346 N N   . SER B 2  ? 0.1848 0.1364 0.1752 0.0315  -0.0098 0.0143  2    SER B N   
347 C CA  . SER B 2  ? 0.1743 0.1598 0.1204 0.0275  -0.0023 0.0283  2    SER B CA  
348 C C   . SER B 2  ? 0.1627 0.1061 0.0985 0.0087  -0.0082 0.0462  2    SER B C   
349 O O   . SER B 2  ? 0.1869 0.0995 0.1426 -0.0075 0.0063  0.0144  2    SER B O   
350 C CB  . SER B 2  ? 0.1940 0.1978 0.1132 -0.0170 0.0132  0.0180  2    SER B CB  
351 O OG  . SER B 2  ? 0.1830 0.1841 0.1687 0.0048  -0.0062 0.0003  2    SER B OG  
352 N N   . CYS B 3  ? 0.1417 0.1039 0.1189 -0.0044 -0.0214 0.0353  3    CYS B N   
353 C CA  . CYS B 3  ? 0.1492 0.1014 0.1014 0.0003  -0.0379 0.0265  3    CYS B CA  
354 C C   . CYS B 3  ? 0.1464 0.0827 0.0884 -0.0151 -0.0405 0.0183  3    CYS B C   
355 O O   . CYS B 3  ? 0.1641 0.1006 0.0858 -0.0283 -0.0357 0.0200  3    CYS B O   
356 C CB  . CYS B 3  ? 0.1827 0.1052 0.1076 0.0131  -0.0523 0.0199  3    CYS B CB  
357 S SG  . CYS B 3  ? 0.2246 0.1219 0.1102 0.0164  -0.0490 0.0313  3    CYS B SG  
358 N N   . CYS B 4  ? 0.1461 0.0962 0.0883 -0.0071 -0.0331 0.0276  4    CYS B N   
359 C CA  . CYS B 4  ? 0.1414 0.0873 0.0923 -0.0061 -0.0276 0.0202  4    CYS B CA  
360 C C   . CYS B 4  ? 0.1770 0.0829 0.0937 0.0050  -0.0201 0.0189  4    CYS B C   
361 O O   . CYS B 4  ? 0.1943 0.1052 0.0723 0.0057  -0.0097 0.0030  4    CYS B O   
362 C CB  . CYS B 4  ? 0.1666 0.1127 0.0830 0.0148  -0.0322 0.0153  4    CYS B CB  
363 S SG  . CYS B 4  ? 0.1788 0.1050 0.1079 -0.0026 -0.0077 0.0092  4    CYS B SG  
364 N N   . PRO B 5  ? 0.1915 0.0871 0.1026 0.0113  -0.0313 0.0234  5    PRO B N   
365 C CA  . PRO B 5  ? 0.2167 0.0928 0.1291 0.0203  -0.0447 -0.0050 5    PRO B CA  
366 C C   . PRO B 5  ? 0.2049 0.0993 0.1215 0.0316  -0.0187 -0.0184 5    PRO B C   
367 O O   . PRO B 5  ? 0.2378 0.2038 0.1388 0.0672  -0.0245 -0.0745 5    PRO B O   
368 C CB  . PRO B 5  ? 0.2528 0.0869 0.1824 -0.0010 -0.0528 -0.0108 5    PRO B CB  
369 C CG  . PRO B 5  ? 0.2385 0.0807 0.1673 0.0173  -0.0549 0.0394  5    PRO B CG  
370 C CD  . PRO B 5  ? 0.2026 0.0769 0.1646 0.0069  -0.0226 0.0524  5    PRO B CD  
371 N N   . SER B 6  ? 0.1747 0.0863 0.1053 0.0293  -0.0126 -0.0123 6    SER B N   
372 C CA  . SER B 6  ? 0.1521 0.0956 0.1133 0.0143  0.0146  0.0005  6    SER B CA  
373 C C   . SER B 6  ? 0.1491 0.1156 0.0856 0.0170  0.0018  0.0033  6    SER B C   
374 O O   . SER B 6  ? 0.1684 0.0872 0.0809 0.0285  -0.0013 0.0113  6    SER B O   
375 C CB  . SER B 6  ? 0.1869 0.1227 0.0902 0.0374  -0.0127 -0.0010 6    SER B CB  
376 O OG  . SER B 6  ? 0.1572 0.0880 0.1267 0.0043  0.0067  0.0091  6    SER B OG  
377 N N   . THR B 7  ? 0.1580 0.1342 0.1193 -0.0009 0.0018  -0.0056 7    THR B N   
378 C CA  . THR B 7  ? 0.1418 0.0961 0.1343 0.0009  0.0169  0.0045  7    THR B CA  
379 C C   . THR B 7  ? 0.1125 0.0818 0.1220 -0.0072 -0.0063 -0.0038 7    THR B C   
380 O O   . THR B 7  ? 0.1396 0.0759 0.1314 0.0089  0.0101  0.0035  7    THR B O   
381 C CB  . THR B 7  ? 0.1607 0.1345 0.1680 -0.0400 0.0325  0.0002  7    THR B CB  
382 O OG1 . THR B 7  ? 0.2219 0.2823 0.1839 -0.0719 0.0628  0.0238  7    THR B OG1 
383 C CG2 . THR B 7  ? 0.2105 0.1899 0.2241 -0.0582 0.0091  -0.0496 7    THR B CG2 
384 N N   . THR B 8  ? 0.1192 0.0819 0.1201 0.0080  0.0028  -0.0045 8    THR B N   
385 C CA  . THR B 8  ? 0.1312 0.0959 0.1204 0.0311  0.0053  0.0087  8    THR B CA  
386 C C   . THR B 8  ? 0.1317 0.0822 0.1036 0.0183  0.0079  0.0207  8    THR B C   
387 O O   . THR B 8  ? 0.1248 0.0988 0.1051 0.0302  0.0017  0.0157  8    THR B O   
388 C CB  . THR B 8  ? 0.1718 0.1128 0.1285 0.0524  0.0042  0.0276  8    THR B CB  
389 O OG1 . THR B 8  ? 0.1999 0.2472 0.1912 0.1203  -0.0259 0.0589  8    THR B OG1 
390 C CG2 . THR B 8  ? 0.2611 0.2022 0.1194 0.0789  0.0011  0.0736  8    THR B CG2 
391 N N   . GLY B 9  ? 0.1434 0.0506 0.1171 0.0139  0.0037  0.0062  9    GLY B N   
392 C CA  . GLY B 9  ? 0.1470 0.0682 0.1062 0.0213  -0.0071 0.0124  9    GLY B CA  
393 C C   . GLY B 9  ? 0.1175 0.0659 0.0799 0.0054  -0.0068 0.0090  9    GLY B C   
394 O O   . GLY B 9  ? 0.1222 0.0747 0.0860 0.0123  0.0026  0.0124  9    GLY B O   
395 N N   . ARG B 10 ? 0.1095 0.0693 0.0844 0.0044  0.0036  -0.0053 10   ARG B N   
396 C CA  . ARG B 10 ? 0.1428 0.0652 0.0768 -0.0032 -0.0072 0.0017  10   ARG B CA  
397 C C   . ARG B 10 ? 0.1331 0.0608 0.0691 0.0045  0.0085  0.0093  10   ARG B C   
398 O O   . ARG B 10 ? 0.1464 0.0610 0.0974 0.0196  -0.0054 -0.0078 10   ARG B O   
399 C CB  . ARG B 10 ? 0.1713 0.0723 0.0689 0.0040  0.0190  0.0058  10   ARG B CB  
400 C CG  . ARG B 10 ? 0.1895 0.0712 0.1160 -0.0082 -0.0025 0.0081  10   ARG B CG  
401 C CD  . ARG B 10 ? 0.2090 0.0754 0.0908 0.0132  0.0056  0.0045  10   ARG B CD  
402 N NE  . ARG B 10 ? 0.1750 0.1003 0.1005 0.0084  0.0104  0.0094  10   ARG B NE  
403 C CZ  . ARG B 10 ? 0.1613 0.1325 0.1387 -0.0331 0.0181  0.0168  10   ARG B CZ  
404 N NH1 . ARG B 10 ? 0.1556 0.1677 0.1622 0.0084  0.0086  0.0102  10   ARG B NH1 
405 N NH2 . ARG B 10 ? 0.1854 0.1330 0.1419 0.0130  -0.0148 0.0339  10   ARG B NH2 
406 N N   . ASN B 11 ? 0.1135 0.0677 0.0875 -0.0049 -0.0011 -0.0044 11   ASN B N   
407 C CA  . ASN B 11 ? 0.1302 0.0784 0.0852 -0.0097 -0.0059 -0.0090 11   ASN B CA  
408 C C   . ASN B 11 ? 0.1198 0.0675 0.0781 0.0115  -0.0151 0.0128  11   ASN B C   
409 O O   . ASN B 11 ? 0.1210 0.0904 0.1037 0.0125  -0.0038 -0.0105 11   ASN B O   
410 C CB  . ASN B 11 ? 0.1257 0.1626 0.0841 0.0019  -0.0049 -0.0276 11   ASN B CB  
411 C CG  . ASN B 11 ? 0.1369 0.1737 0.1148 -0.0353 -0.0063 -0.0442 11   ASN B CG  
412 O OD1 . ASN B 11 ? 0.2068 0.1776 0.1887 -0.0595 0.0081  -0.0154 11   ASN B OD1 
413 N ND2 . ASN B 11 ? 0.1385 0.2772 0.1786 -0.0146 0.0184  -0.0426 11   ASN B ND2 
414 N N   . ILE B 12 ? 0.1235 0.0723 0.1070 0.0083  0.0055  0.0047  12   ILE B N   
415 C CA  . ILE B 12 ? 0.1237 0.0746 0.0751 0.0026  -0.0123 0.0102  12   ILE B CA  
416 C C   . ILE B 12 ? 0.1251 0.0626 0.0886 0.0079  0.0018  0.0339  12   ILE B C   
417 O O   . ILE B 12 ? 0.1528 0.0900 0.0842 0.0232  -0.0068 0.0063  12   ILE B O   
418 C CB  . ILE B 12 ? 0.1406 0.0628 0.0751 0.0124  -0.0019 0.0189  12   ILE B CB  
419 C CG1 . ILE B 12 ? 0.1717 0.0859 0.0849 0.0246  -0.0255 0.0185  12   ILE B CG1 
420 C CG2 . ILE B 12 ? 0.1641 0.0760 0.0673 -0.0076 0.0124  0.0100  12   ILE B CG2 
421 C CD1 . ILE B 12 ? 0.1719 0.0812 0.1543 0.0380  -0.0078 0.0107  12   ILE B CD1 
422 N N   . TYR B 13 ? 0.1349 0.0797 0.0857 0.0226  0.0009  0.0228  13   TYR B N   
423 C CA  . TYR B 13 ? 0.1432 0.0657 0.0912 0.0165  -0.0186 0.0189  13   TYR B CA  
424 C C   . TYR B 13 ? 0.1434 0.0753 0.0813 0.0221  -0.0131 0.0150  13   TYR B C   
425 O O   . TYR B 13 ? 0.1334 0.0997 0.0989 0.0258  -0.0183 -0.0039 13   TYR B O   
426 C CB  . TYR B 13 ? 0.1259 0.0918 0.0873 0.0191  -0.0087 0.0076  13   TYR B CB  
427 C CG  . TYR B 13 ? 0.1201 0.0811 0.0863 0.0192  0.0030  0.0256  13   TYR B CG  
428 C CD1 . TYR B 13 ? 0.1255 0.0940 0.1537 0.0114  -0.0134 0.0199  13   TYR B CD1 
429 C CD2 . TYR B 13 ? 0.1648 0.0731 0.0896 0.0158  -0.0028 0.0131  13   TYR B CD2 
430 C CE1 . TYR B 13 ? 0.1423 0.1199 0.1262 0.0066  -0.0506 0.0272  13   TYR B CE1 
431 C CE2 . TYR B 13 ? 0.1813 0.0808 0.1275 0.0312  0.0035  0.0394  13   TYR B CE2 
432 C CZ  . TYR B 13 ? 0.1724 0.1238 0.1329 0.0346  -0.0273 0.0388  13   TYR B CZ  
433 O OH  . TYR B 13 ? 0.2102 0.1615 0.1643 0.0645  -0.0648 0.0308  13   TYR B OH  
434 N N   . ASN B 14 ? 0.1541 0.0597 0.0977 0.0195  -0.0062 0.0167  14   ASN B N   
435 C CA  . ASN B 14 ? 0.1547 0.0647 0.1256 0.0297  -0.0115 -0.0102 14   ASN B CA  
436 C C   . ASN B 14 ? 0.1481 0.0678 0.1227 0.0189  -0.0247 -0.0078 14   ASN B C   
437 O O   . ASN B 14 ? 0.1793 0.0749 0.1119 0.0395  -0.0364 -0.0125 14   ASN B O   
438 C CB  . ASN B 14 ? 0.1751 0.0924 0.1381 -0.0012 0.0004  -0.0354 14   ASN B CB  
439 C CG  . ASN B 14 ? 0.2051 0.0774 0.1541 0.0121  0.0212  -0.0172 14   ASN B CG  
440 O OD1 . ASN B 14 ? 0.2234 0.1294 0.1545 0.0097  0.0021  0.0499  14   ASN B OD1 
441 N ND2 . ASN B 14 ? 0.2415 0.1485 0.1725 -0.0705 0.0293  -0.0392 14   ASN B ND2 
442 N N   . THR B 15 ? 0.1480 0.0884 0.1145 0.0469  0.0091  -0.0078 15   THR B N   
443 C CA  . THR B 15 ? 0.1767 0.0881 0.1095 0.0271  -0.0013 -0.0064 15   THR B CA  
444 C C   . THR B 15 ? 0.1802 0.0864 0.0882 0.0280  -0.0006 0.0000  15   THR B C   
445 O O   . THR B 15 ? 0.1570 0.0927 0.1201 0.0417  -0.0194 -0.0169 15   THR B O   
446 C CB  . THR B 15 ? 0.1887 0.0946 0.1245 0.0324  -0.0287 -0.0110 15   THR B CB  
447 O OG1 . THR B 15 ? 0.1826 0.1678 0.1643 0.0369  -0.0414 -0.0330 15   THR B OG1 
448 C CG2 . THR B 15 ? 0.2034 0.1896 0.1141 0.0134  -0.0756 -0.0024 15   THR B CG2 
449 N N   . CYS B 16 ? 0.1526 0.0945 0.0731 0.0438  -0.0024 -0.0017 16   CYS B N   
450 C CA  . CYS B 16 ? 0.1589 0.1181 0.1113 0.0355  0.0117  0.0084  16   CYS B CA  
451 C C   . CYS B 16 ? 0.1297 0.1086 0.1216 0.0159  0.0018  -0.0014 16   CYS B C   
452 O O   . CYS B 16 ? 0.1381 0.1202 0.1390 0.0144  0.0228  -0.0089 16   CYS B O   
453 C CB  . CYS B 16 ? 0.1822 0.0836 0.1329 0.0212  -0.0068 0.0410  16   CYS B CB  
454 S SG  . CYS B 16 ? 0.1871 0.1430 0.1773 0.0088  0.0107  0.0211  16   CYS B SG  
455 N N   . ARG B 17 ? 0.1260 0.1091 0.1296 0.0300  0.0103  0.0037  17   ARG B N   
456 C CA  . ARG B 17 ? 0.1193 0.1025 0.1439 0.0151  -0.0129 0.0054  17   ARG B CA  
457 C C   . ARG B 17 ? 0.1334 0.0819 0.1658 0.0326  -0.0269 0.0121  17   ARG B C   
458 O O   . ARG B 17 ? 0.1705 0.1783 0.1999 0.0933  -0.0160 -0.0273 17   ARG B O   
459 C CB  . ARG B 17 ? 0.1465 0.0961 0.1652 0.0008  0.0026  0.0190  17   ARG B CB  
460 C CG  . ARG B 17 ? 0.1458 0.1095 0.1382 0.0442  0.0102  0.0037  17   ARG B CG  
461 C CD  . ARG B 17 ? 0.1493 0.1187 0.1759 0.0388  -0.0230 0.0085  17   ARG B CD  
462 N NE  . ARG B 17 ? 0.1539 0.1562 0.2042 0.0540  0.0133  0.0546  17   ARG B NE  
463 C CZ  . ARG B 17 ? 0.1672 0.1469 0.2525 0.0635  0.0166  0.0528  17   ARG B CZ  
464 N NH1 . ARG B 17 ? 0.1346 0.1904 0.3340 0.0433  0.0281  0.0594  17   ARG B NH1 
465 N NH2 . ARG B 17 ? 0.2455 0.1535 0.2853 0.0828  -0.0309 0.0568  17   ARG B NH2 
466 N N   . LEU B 18 ? 0.1213 0.0935 0.1267 0.0127  -0.0043 0.0142  18   LEU B N   
467 C CA  . LEU B 18 ? 0.1473 0.0809 0.1421 0.0086  -0.0011 0.0083  18   LEU B CA  
468 C C   . LEU B 18 ? 0.1324 0.0965 0.1399 0.0182  0.0020  -0.0030 18   LEU B C   
469 O O   . LEU B 18 ? 0.1669 0.1012 0.1588 0.0160  0.0173  -0.0142 18   LEU B O   
470 C CB  . LEU B 18 ? 0.1475 0.0722 0.1309 -0.0162 0.0046  0.0078  18   LEU B CB  
471 C CG  . LEU B 18 ? 0.1718 0.0742 0.1301 -0.0343 0.0096  0.0238  18   LEU B CG  
472 C CD1 . LEU B 18 ? 0.1530 0.1333 0.1360 -0.0276 0.0291  0.0026  18   LEU B CD1 
473 C CD2 . LEU B 18 ? 0.2173 0.0578 0.1372 -0.0237 0.0224  0.0053  18   LEU B CD2 
474 N N   . THR B 19 ? 0.1488 0.1105 0.1408 0.0001  0.0341  -0.0110 19   THR B N   
475 C CA  . THR B 19 ? 0.1560 0.1423 0.1560 -0.0079 0.0504  -0.0273 19   THR B CA  
476 C C   . THR B 19 ? 0.1547 0.2060 0.2008 0.0041  0.0545  -0.0492 19   THR B C   
477 O O   . THR B 19 ? 0.1757 0.3197 0.2626 -0.0144 0.0988  -0.0604 19   THR B O   
478 C CB  . THR B 19 ? 0.1971 0.1519 0.1476 -0.0430 0.0265  0.0000  19   THR B CB  
479 O OG1 . THR B 19 ? 0.1827 0.1319 0.1660 -0.0277 0.0112  0.0045  19   THR B OG1 
480 C CG2 . THR B 19 ? 0.2432 0.1439 0.1863 0.0011  -0.0519 0.0519  19   THR B CG2 
481 N N   . GLY B 20 ? 0.1509 0.1958 0.2425 0.0234  0.0182  -0.0398 20   GLY B N   
482 C CA  . GLY B 20 ? 0.1609 0.2084 0.3297 0.0478  0.0023  -0.0735 20   GLY B CA  
483 C C   . GLY B 20 ? 0.1522 0.1965 0.2808 0.0426  -0.0166 -0.0236 20   GLY B C   
484 O O   . GLY B 20 ? 0.1616 0.2375 0.3316 0.0601  -0.0393 -0.0392 20   GLY B O   
485 N N   . SER B 21 ? 0.1362 0.1703 0.2477 0.0195  0.0007  0.0126  21   SER B N   
486 C CA  . SER B 21 ? 0.1220 0.1629 0.2157 0.0094  0.0243  0.0315  21   SER B CA  
487 C C   . SER B 21 ? 0.1273 0.1807 0.2173 0.0286  0.0206  0.0246  21   SER B C   
488 O O   . SER B 21 ? 0.1719 0.1733 0.1941 0.0121  0.0161  0.0192  21   SER B O   
489 C CB  . SER B 21 ? 0.1480 0.1733 0.2044 0.0195  0.0010  0.0142  21   SER B CB  
490 O OG  . SER B 21 ? 0.1624 0.1936 0.2134 0.0107  -0.0026 0.0424  21   SER B OG  
491 N N   . SER B 22 ? 0.1425 0.1599 0.2155 0.0303  0.0210  0.0173  22   SER B N   
492 C CA  . SER B 22 ? 0.1218 0.2171 0.2252 0.0357  0.0131  0.0214  22   SER B CA  
493 C C   . SER B 22 ? 0.1367 0.1562 0.2032 0.0568  -0.0053 0.0139  22   SER B C   
494 O O   . SER B 22 ? 0.1344 0.1181 0.2385 0.0337  -0.0558 -0.0153 22   SER B O   
495 C CB  . SER B 22 ? 0.1414 0.2228 0.2804 0.0150  -0.0029 0.0143  22   SER B CB  
496 O OG  . SER B 22 ? 0.1421 0.2261 0.3241 0.0362  -0.0183 0.0025  22   SER B OG  
497 N N   . ARG B 23 ? 0.1522 0.1791 0.1952 0.0533  -0.0226 0.0052  23   ARG B N   
498 C CA  . ARG B 23 ? 0.1425 0.1471 0.1861 0.0528  -0.0261 0.0218  23   ARG B CA  
499 C C   . ARG B 23 ? 0.1472 0.1545 0.2077 0.0319  -0.0077 0.0137  23   ARG B C   
500 O O   . ARG B 23 ? 0.1571 0.1470 0.1746 0.0448  -0.0321 0.0095  23   ARG B O   
501 C CB  . ARG B 23 ? 0.1958 0.1864 0.1930 0.0788  -0.0361 0.0283  23   ARG B CB  
502 C CG  . ARG B 23 ? 0.2927 0.1867 0.1911 0.0594  -0.0015 0.0599  23   ARG B CG  
503 C CD  . ARG B 23 ? 0.5296 0.3299 0.2414 0.0109  -0.0339 0.1603  23   ARG B CD  
504 N NE  . ARG B 23 ? 0.6610 0.5167 0.3129 -0.0995 -0.0231 0.2473  23   ARG B NE  
505 C CZ  . ARG B 23 ? 0.8068 0.6297 0.3404 -0.1285 -0.0178 0.3064  23   ARG B CZ  
506 N NH1 . ARG B 23 ? 1.1140 0.6547 0.2653 -0.1995 -0.0217 0.1778  23   ARG B NH1 
507 N NH2 . ARG B 23 ? 0.6953 0.9209 0.4318 -0.1056 0.0982  0.3764  23   ARG B NH2 
508 N N   . GLU B 24 ? 0.1557 0.1865 0.2085 0.0138  -0.0395 0.0343  24   GLU B N   
509 C CA  . GLU B 24 ? 0.1760 0.1900 0.2665 -0.0113 -0.0539 0.0402  24   GLU B CA  
510 C C   . GLU B 24 ? 0.1342 0.1526 0.2317 0.0027  -0.0215 0.0072  24   GLU B C   
511 O O   . GLU B 24 ? 0.1480 0.1490 0.2434 -0.0004 -0.0254 -0.0124 24   GLU B O   
512 C CB  . GLU B 24 ? 0.1819 0.2264 0.5057 -0.0059 -0.1291 0.0424  24   GLU B CB  
513 C CG  . GLU B 24 ? 0.3215 0.2953 0.6988 -0.1405 -0.1142 0.0376  24   GLU B CG  
514 C CD  . GLU B 24 ? 0.3218 0.3986 0.8096 -0.1528 -0.1068 0.0809  24   GLU B CD  
515 O OE1 . GLU B 24 ? 0.3430 0.6126 0.9482 -0.0220 -0.0693 0.1520  24   GLU B OE1 
516 O OE2 . GLU B 24 ? 0.3901 0.5905 0.9271 -0.1821 -0.0352 0.2053  24   GLU B OE2 
517 N N   . THR B 25 ? 0.1517 0.1421 0.2353 -0.0013 -0.0002 0.0107  25   THR B N   
518 C CA  . THR B 25 ? 0.1340 0.1473 0.2095 -0.0128 0.0306  0.0195  25   THR B CA  
519 C C   . THR B 25 ? 0.1381 0.1089 0.1866 -0.0026 0.0270  0.0167  25   THR B C   
520 O O   . THR B 25 ? 0.1546 0.1203 0.1667 -0.0030 -0.0123 0.0485  25   THR B O   
521 C CB  . THR B 25 ? 0.1714 0.1859 0.2164 -0.0043 0.0745  0.0227  25   THR B CB  
522 O OG1 . THR B 25 ? 0.1939 0.1888 0.2707 -0.0577 0.1032  0.0036  25   THR B OG1 
523 C CG2 . THR B 25 ? 0.2385 0.1771 0.1836 -0.0067 0.0842  0.0219  25   THR B CG2 
524 N N   . CYS B 26 ? 0.1359 0.1046 0.1770 -0.0079 0.0265  0.0139  26   CYS B N   
525 C CA  . CYS B 26 ? 0.1285 0.0916 0.1440 0.0084  0.0065  0.0208  26   CYS B CA  
526 C C   . CYS B 26 ? 0.1338 0.0868 0.1258 0.0234  -0.0059 0.0267  26   CYS B C   
527 O O   . CYS B 26 ? 0.1324 0.0892 0.1120 0.0164  -0.0116 0.0185  26   CYS B O   
528 C CB  . CYS B 26 ? 0.1270 0.0947 0.1682 -0.0005 0.0105  -0.0030 26   CYS B CB  
529 S SG  . CYS B 26 ? 0.1410 0.1315 0.1467 0.0051  0.0156  0.0005  26   CYS B SG  
530 N N   . ALA B 27 ? 0.1439 0.0801 0.1509 0.0137  -0.0271 0.0177  27   ALA B N   
531 C CA  . ALA B 27 ? 0.1275 0.0915 0.1391 -0.0035 -0.0138 0.0233  27   ALA B CA  
532 C C   . ALA B 27 ? 0.1202 0.0888 0.1294 -0.0013 -0.0096 0.0145  27   ALA B C   
533 O O   . ALA B 27 ? 0.1489 0.0919 0.1218 0.0113  0.0019  0.0213  27   ALA B O   
534 C CB  . ALA B 27 ? 0.1611 0.1353 0.1343 0.0158  -0.0209 0.0336  27   ALA B CB  
535 N N   . LYS B 28 ? 0.1173 0.1051 0.1308 -0.0041 -0.0197 0.0308  28   LYS B N   
536 C CA  . LYS B 28 ? 0.1399 0.0983 0.1295 -0.0106 -0.0214 0.0222  28   LYS B CA  
537 C C   . LYS B 28 ? 0.1353 0.0951 0.0940 -0.0075 -0.0116 0.0319  28   LYS B C   
538 O O   . LYS B 28 ? 0.1342 0.1020 0.1151 -0.0072 0.0049  0.0308  28   LYS B O   
539 C CB  . LYS B 28 ? 0.1350 0.1161 0.1525 -0.0274 -0.0202 0.0346  28   LYS B CB  
540 C CG  . LYS B 28 ? 0.1416 0.1731 0.2067 -0.0239 -0.0333 0.0107  28   LYS B CG  
541 C CD  . LYS B 28 ? 0.1359 0.3532 0.3476 -0.0258 0.0425  -0.0103 28   LYS B CD  
542 C CE  . LYS B 28 ? 0.1527 0.4994 0.4656 -0.0634 0.0233  -0.0093 28   LYS B CE  
543 N NZ  . LYS B 28 ? 0.1626 0.7522 0.5707 -0.1059 0.0916  0.0350  28   LYS B NZ  
544 N N   . LEU B 29 ? 0.1213 0.0962 0.1198 0.0033  -0.0150 0.0263  29   LEU B N   
545 C CA  . LEU B 29 ? 0.1248 0.0778 0.1142 -0.0302 -0.0228 0.0386  29   LEU B CA  
546 C C   . LEU B 29 ? 0.1238 0.0515 0.1012 -0.0157 -0.0266 0.0279  29   LEU B C   
547 O O   . LEU B 29 ? 0.1489 0.0951 0.1234 0.0238  -0.0066 0.0456  29   LEU B O   
548 C CB  . LEU B 29 ? 0.1258 0.0816 0.1174 -0.0290 -0.0072 0.0350  29   LEU B CB  
549 C CG  . LEU B 29 ? 0.1261 0.0971 0.1375 -0.0539 -0.0026 0.0232  29   LEU B CG  
550 C CD1 . LEU B 29 ? 0.1849 0.0988 0.1749 -0.0079 0.0246  -0.0010 29   LEU B CD1 
551 C CD2 . LEU B 29 ? 0.1792 0.0968 0.1167 -0.0383 0.0146  0.0216  29   LEU B CD2 
552 N N   . SER B 30 ? 0.1120 0.0637 0.0908 -0.0162 -0.0244 0.0232  30   SER B N   
553 C CA  . SER B 30 ? 0.1051 0.0668 0.1168 0.0066  -0.0051 0.0245  30   SER B CA  
554 C C   . SER B 30 ? 0.1247 0.0704 0.1114 -0.0049 -0.0054 0.0237  30   SER B C   
555 O O   . SER B 30 ? 0.1232 0.0833 0.1273 0.0019  0.0021  0.0182  30   SER B O   
556 C CB  . SER B 30 ? 0.1082 0.0668 0.1143 -0.0122 -0.0037 0.0187  30   SER B CB  
557 O OG  . SER B 30 ? 0.1278 0.0757 0.1178 -0.0023 -0.0209 0.0348  30   SER B OG  
558 N N   . GLY B 31 ? 0.1225 0.0937 0.0886 -0.0135 0.0034  0.0305  31   GLY B N   
559 C CA  . GLY B 31 ? 0.1686 0.0704 0.0960 -0.0176 0.0066  0.0257  31   GLY B CA  
560 C C   . GLY B 31 ? 0.1821 0.0705 0.0850 -0.0203 -0.0230 0.0148  31   GLY B C   
561 O O   . GLY B 31 ? 0.2936 0.0965 0.0794 -0.0513 -0.0159 0.0125  31   GLY B O   
562 N N   . CYS B 32 ? 0.1618 0.0821 0.1184 0.0012  -0.0135 0.0278  32   CYS B N   
563 C CA  . CYS B 32 ? 0.1560 0.0921 0.0958 0.0080  -0.0024 0.0218  32   CYS B CA  
564 C C   . CYS B 32 ? 0.1691 0.0927 0.1359 -0.0117 -0.0249 0.0330  32   CYS B C   
565 O O   . CYS B 32 ? 0.1598 0.1399 0.1469 -0.0110 -0.0093 0.0335  32   CYS B O   
566 C CB  . CYS B 32 ? 0.1947 0.0893 0.1015 -0.0135 -0.0225 0.0297  32   CYS B CB  
567 S SG  . CYS B 32 ? 0.1937 0.1350 0.1046 -0.0181 -0.0236 0.0313  32   CYS B SG  
568 N N   . LYS B 33 ? 0.1727 0.1145 0.1453 -0.0142 -0.0423 0.0421  33   LYS B N   
569 C CA  . LYS B 33 ? 0.1863 0.1453 0.1737 0.0103  -0.0624 0.0047  33   LYS B CA  
570 C C   . LYS B 33 ? 0.1683 0.1440 0.1556 0.0118  -0.0289 0.0211  33   LYS B C   
571 O O   . LYS B 33 ? 0.1512 0.1525 0.1904 0.0128  -0.0363 0.0443  33   LYS B O   
572 C CB  . LYS B 33 ? 0.2140 0.1914 0.1933 0.0431  -0.0706 -0.0285 33   LYS B CB  
573 C CG  . LYS B 33 ? 0.3454 0.1774 0.3124 0.0519  0.0146  -0.0336 33   LYS B CG  
574 C CD  . LYS B 33 ? 0.4379 0.2221 0.4462 0.0503  0.0662  0.0414  33   LYS B CD  
575 C CE  . LYS B 33 ? 0.4863 0.2392 0.5575 0.0875  0.0999  0.1076  33   LYS B CE  
576 N NZ  . LYS B 33 ? 0.4895 0.4082 0.5801 0.1278  0.0037  0.2064  33   LYS B NZ  
577 N N   . ILE B 34 ? 0.1610 0.1504 0.1688 -0.0021 -0.0364 0.0257  34   ILE B N   
578 C CA  . ILE B 34 ? 0.1389 0.1537 0.1686 0.0006  -0.0190 0.0505  34   ILE B CA  
579 C C   . ILE B 34 ? 0.1823 0.1824 0.1722 -0.0047 -0.0289 0.0564  34   ILE B C   
580 O O   . ILE B 34 ? 0.1973 0.2181 0.2051 -0.0230 -0.0687 0.0698  34   ILE B O   
581 C CB  . ILE B 34 ? 0.1731 0.1599 0.1851 0.0145  0.0053  0.0767  34   ILE B CB  
582 C CG1 . ILE B 34 ? 0.1603 0.1584 0.1733 0.0106  0.0042  0.0398  34   ILE B CG1 
583 C CG2 . ILE B 34 ? 0.2064 0.2187 0.2982 0.0904  -0.0004 0.0777  34   ILE B CG2 
584 C CD1 . ILE B 34 ? 0.2339 0.1460 0.2095 -0.0222 -0.0028 0.0095  34   ILE B CD1 
585 N N   . ILE B 35 ? 0.2285 0.2166 0.1732 -0.0243 -0.0135 0.0622  35   ILE B N   
586 C CA  . ILE B 35 ? 0.3372 0.2154 0.1706 -0.0526 -0.0212 0.0583  35   ILE B CA  
587 C C   . ILE B 35 ? 0.3426 0.2356 0.1806 -0.0342 -0.0479 0.0728  35   ILE B C   
588 O O   . ILE B 35 ? 0.4507 0.2022 0.1962 -0.0282 -0.0996 0.0541  35   ILE B O   
589 C CB  . ILE B 35 ? 0.4447 0.3223 0.1728 0.0340  0.0136  0.0538  35   ILE B CB  
590 C CG1 . ILE B 35 ? 0.4989 0.3215 0.1657 0.0543  0.0225  0.0415  35   ILE B CG1 
591 C CG2 . ILE B 35 ? 0.4153 0.3579 0.1859 0.0736  -0.0179 0.0299  35   ILE B CG2 
592 C CD1 . ILE B 35 ? 0.5759 0.3418 0.1536 0.0900  0.0590  0.0488  35   ILE B CD1 
593 N N   . SER B 36 ? 0.2969 0.3212 0.2900 0.0094  -0.0298 0.0473  36   SER B N   
594 C CA  . SER B 36 ? 0.2966 0.3376 0.3470 0.0418  -0.0425 0.0654  36   SER B CA  
595 C C   . SER B 36 ? 0.3009 0.2882 0.3072 0.0337  -0.0789 0.0494  36   SER B C   
596 O O   . SER B 36 ? 0.3049 0.5542 0.4145 -0.0185 -0.1545 0.2396  36   SER B O   
597 C CB  A SER B 36 ? 0.2991 0.3924 0.4095 0.0455  -0.0434 0.0418  36   SER B CB  
598 C CB  B SER B 36 ? 0.2948 0.3799 0.4030 0.0372  -0.0478 0.0422  36   SER B CB  
599 O OG  A SER B 36 ? 0.3273 0.4725 0.4825 -0.0408 0.0034  0.0238  36   SER B OG  
600 O OG  B SER B 36 ? 0.3319 0.4457 0.3910 -0.0198 -0.0639 0.0541  36   SER B OG  
602 C CA  . ALA B 37 ? 0.2821 0.1665 0.2406 0.0302  -0.1236 0.0095  37   ALA B CA  
603 C C   . ALA B 37 ? 0.2368 0.1723 0.2615 0.0488  -0.1129 0.0107  37   ALA B C   
604 O O   . ALA B 37 ? 0.2242 0.2928 0.2485 0.0162  -0.0902 -0.0237 37   ALA B O   
605 C CB  . ALA B 37 ? 0.3191 0.1898 0.1803 0.0107  -0.0728 0.0249  37   ALA B CB  
606 N N   . SER B 38 ? 0.3041 0.1104 0.2766 0.0397  -0.1012 0.0000  38   SER B N   
607 C CA  . SER B 38 ? 0.3112 0.1208 0.2660 0.0266  -0.0906 0.0059  38   SER B CA  
608 C C   . SER B 38 ? 0.2848 0.0983 0.2050 -0.0040 -0.0469 0.0246  38   SER B C   
609 O O   . SER B 38 ? 0.2725 0.1007 0.2115 -0.0005 -0.0275 -0.0080 38   SER B O   
610 C CB  . SER B 38 ? 0.3478 0.1251 0.3272 0.0236  -0.1039 0.0319  38   SER B CB  
611 O OG  . SER B 38 ? 0.4461 0.2647 0.2912 -0.0535 -0.1202 0.0667  38   SER B OG  
612 N N   . THR B 39 ? 0.2775 0.0890 0.1490 -0.0030 -0.0700 0.0450  39   THR B N   
613 C CA  . THR B 39 ? 0.2856 0.0923 0.1453 0.0041  -0.0550 0.0546  39   THR B CA  
614 C C   . THR B 39 ? 0.2560 0.0832 0.1504 0.0077  -0.0506 0.0268  39   THR B C   
615 O O   . THR B 39 ? 0.2617 0.1085 0.2140 -0.0070 -0.0722 0.0388  39   THR B O   
616 C CB  . THR B 39 ? 0.3101 0.0845 0.1482 -0.0124 -0.0498 0.0273  39   THR B CB  
617 O OG1 . THR B 39 ? 0.3575 0.1287 0.1590 0.0006  -0.1033 0.0326  39   THR B OG1 
618 C CG2 . THR B 39 ? 0.3416 0.0980 0.1940 -0.0036 0.0241  0.0531  39   THR B CG2 
619 N N   . CYS B 40 ? 0.2557 0.0885 0.1533 0.0168  -0.0325 0.0390  40   CYS B N   
620 C CA  . CYS B 40 ? 0.2494 0.0859 0.1051 0.0101  -0.0356 0.0315  40   CYS B CA  
621 C C   . CYS B 40 ? 0.2628 0.0929 0.0908 0.0128  -0.0362 0.0343  40   CYS B C   
622 O O   . CYS B 40 ? 0.2837 0.1149 0.0997 0.0082  -0.0222 0.0302  40   CYS B O   
623 C CB  . CYS B 40 ? 0.2480 0.1280 0.1015 0.0176  -0.0384 0.0198  40   CYS B CB  
624 S SG  . CYS B 40 ? 0.2411 0.1122 0.1190 0.0071  -0.0335 0.0154  40   CYS B SG  
625 N N   . PRO B 41 ? 0.2501 0.1022 0.0835 0.0116  -0.0436 0.0175  41   PRO B N   
626 C CA  . PRO B 41 ? 0.2729 0.1058 0.1135 0.0193  -0.0465 0.0070  41   PRO B CA  
627 C C   . PRO B 41 ? 0.2836 0.0938 0.0879 0.0255  -0.0543 -0.0097 41   PRO B C   
628 O O   . PRO B 41 ? 0.3046 0.1032 0.0871 0.0127  -0.0613 -0.0033 41   PRO B O   
629 C CB  . PRO B 41 ? 0.2925 0.1102 0.1003 0.0097  -0.0887 0.0194  41   PRO B CB  
630 C CG  . PRO B 41 ? 0.2740 0.0983 0.1090 0.0046  -0.0734 0.0265  41   PRO B CG  
631 C CD  . PRO B 41 ? 0.2351 0.0987 0.1105 -0.0074 -0.0561 0.0225  41   PRO B CD  
632 N N   . SER B 42 ? 0.2770 0.0968 0.0886 0.0140  -0.0367 0.0038  42   SER B N   
633 C CA  . SER B 42 ? 0.2577 0.0961 0.1042 -0.0051 -0.0393 -0.0054 42   SER B CA  
634 C C   . SER B 42 ? 0.2346 0.1245 0.1227 0.0189  -0.0343 0.0126  42   SER B C   
635 O O   . SER B 42 ? 0.2256 0.1762 0.1237 0.0471  -0.0313 -0.0078 42   SER B O   
636 C CB  . SER B 42 ? 0.2473 0.1195 0.1206 -0.0380 -0.0096 -0.0174 42   SER B CB  
637 O OG  . SER B 42 ? 0.3024 0.1119 0.1450 -0.0528 -0.0146 -0.0271 42   SER B OG  
638 N N   . ASN B 43 ? 0.2536 0.0824 0.1082 0.0197  -0.0426 0.0031  43   ASN B N   
639 C CA  . ASN B 43 ? 0.2949 0.0746 0.0954 0.0131  -0.0680 -0.0067 43   ASN B CA  
640 C C   . ASN B 43 ? 0.2026 0.0885 0.1010 0.0025  -0.0458 0.0004  43   ASN B C   
641 O O   . ASN B 43 ? 0.2609 0.1086 0.1024 0.0000  -0.0558 0.0154  43   ASN B O   
642 C CB  . ASN B 43 ? 0.3008 0.0705 0.1298 0.0072  -0.0461 -0.0159 43   ASN B CB  
643 C CG  . ASN B 43 ? 0.3019 0.0826 0.1027 -0.0128 -0.0575 0.0018  43   ASN B CG  
644 O OD1 . ASN B 43 ? 0.3149 0.0818 0.0841 -0.0242 -0.0629 0.0134  43   ASN B OD1 
645 N ND2 . ASN B 43 ? 0.3093 0.0814 0.0993 -0.0145 -0.0643 0.0255  43   ASN B ND2 
646 N N   . TYR B 44 ? 0.2125 0.0950 0.1172 0.0114  -0.0465 -0.0109 44   TYR B N   
647 C CA  . TYR B 44 ? 0.2251 0.0937 0.1000 0.0314  -0.0596 0.0014  44   TYR B CA  
648 C C   . TYR B 44 ? 0.2472 0.1016 0.0708 0.0174  -0.0389 -0.0085 44   TYR B C   
649 O O   . TYR B 44 ? 0.2480 0.0924 0.0977 0.0112  -0.0476 0.0022  44   TYR B O   
650 C CB  . TYR B 44 ? 0.2442 0.0971 0.1115 0.0244  -0.0362 -0.0061 44   TYR B CB  
651 C CG  . TYR B 44 ? 0.2524 0.1115 0.0968 0.0061  -0.0691 0.0137  44   TYR B CG  
652 C CD1 . TYR B 44 ? 0.2544 0.1411 0.0846 -0.0190 -0.0765 0.0269  44   TYR B CD1 
653 C CD2 . TYR B 44 ? 0.2626 0.1444 0.0875 0.0012  -0.0806 0.0160  44   TYR B CD2 
654 C CE1 . TYR B 44 ? 0.2579 0.1571 0.1078 -0.0436 -0.0471 0.0137  44   TYR B CE1 
655 C CE2 . TYR B 44 ? 0.2388 0.1647 0.1174 -0.0060 -0.0750 0.0460  44   TYR B CE2 
656 C CZ  . TYR B 44 ? 0.2343 0.1572 0.1267 -0.0393 -0.0437 0.0347  44   TYR B CZ  
657 O OH  . TYR B 44 ? 0.2954 0.1522 0.1897 -0.0429 0.0008  0.0325  44   TYR B OH  
658 N N   . PRO B 45 ? 0.2479 0.1150 0.0824 0.0093  -0.0265 0.0048  45   PRO B N   
659 C CA  . PRO B 45 ? 0.2645 0.1421 0.0871 -0.0017 -0.0334 0.0246  45   PRO B CA  
660 C C   . PRO B 45 ? 0.2596 0.1178 0.1051 -0.0206 -0.0190 0.0223  45   PRO B C   
661 O O   . PRO B 45 ? 0.3230 0.1251 0.1600 -0.0204 0.0072  0.0418  45   PRO B O   
662 C CB  . PRO B 45 ? 0.2654 0.1579 0.1101 -0.0309 -0.0208 -0.0049 45   PRO B CB  
663 C CG  . PRO B 45 ? 0.2495 0.1679 0.1230 0.0016  -0.0024 -0.0105 45   PRO B CG  
664 C CD  . PRO B 45 ? 0.2342 0.1323 0.0738 0.0058  -0.0320 -0.0066 45   PRO B CD  
665 N N   . LYS B 46 ? 0.2491 0.1189 0.0904 -0.0457 0.0086  0.0022  46   LYS B N   
666 C CA  . LYS B 46 ? 0.2462 0.1054 0.0945 -0.0404 0.0133  -0.0008 46   LYS B CA  
667 C C   . LYS B 46 ? 0.2209 0.1128 0.1008 -0.0697 0.0250  -0.0027 46   LYS B C   
668 O O   . LYS B 46 ? 0.2208 0.1125 0.1460 -0.0490 -0.0011 0.0152  46   LYS B O   
669 C CB  . LYS B 46 ? 0.2799 0.1433 0.1222 -0.0307 -0.0229 0.0050  46   LYS B CB  
670 C CG  . LYS B 46 ? 0.3134 0.2048 0.2343 0.0329  0.0160  0.0460  46   LYS B CG  
671 C CD  . LYS B 46 ? 0.3760 0.3138 0.3619 0.0038  0.1439  0.0598  46   LYS B CD  
672 C CE  . LYS B 46 ? 0.3769 0.3684 0.5199 0.0273  0.1572  0.0471  46   LYS B CE  
673 N NZ  . LYS B 46 ? 0.3893 0.5454 0.7003 0.0558  0.1054  -0.0623 46   LYS B NZ  
674 O OXT . LYS B 46 ? 0.2358 0.1665 0.1316 -0.0586 0.0321  -0.0535 46   LYS B OXT 
675 O O   . HOH C .  ? 0.8381 0.3118 0.1785 0.1448  -0.0251 0.0229  3001 HOH A O   
676 O O   . HOH C .  ? 0.2179 0.0917 0.1333 -0.0188 -0.0445 0.0065  3002 HOH A O   
677 O O   . HOH C .  ? 0.1820 0.0989 0.1896 -0.0239 0.0277  0.0268  3004 HOH A O   
678 O O   . HOH C .  ? 0.1496 0.1584 0.1665 0.0070  0.0323  0.0350  3005 HOH A O   
679 O O   . HOH C .  ? 0.1668 0.1338 0.2010 -0.0123 -0.0159 0.0045  3007 HOH A O   
680 O O   . HOH C .  ? 0.2843 0.1187 0.0880 -0.0299 -0.0307 0.0015  3009 HOH A O   
681 O O   . HOH C .  ? 0.2646 0.1048 0.2588 -0.0250 -0.1153 0.0168  3014 HOH A O   
682 O O   . HOH C .  ? 0.2715 0.1542 0.2632 0.0521  -0.0686 -0.0094 3017 HOH A O   
683 O O   . HOH C .  ? 0.2753 0.2967 0.1702 -0.0279 0.0051  -0.0350 3021 HOH A O   
684 O O   . HOH C .  ? 0.2742 0.1864 0.3413 -0.0115 -0.0376 0.0431  3024 HOH A O   
685 O O   . HOH C .  ? 0.3800 0.2422 0.1943 0.0661  -0.0986 -0.0340 3026 HOH A O   
686 O O   . HOH C .  ? 0.3113 0.2642 0.2301 -0.1262 0.0074  0.0155  3027 HOH A O   
687 O O   . HOH C .  ? 0.2559 0.2349 0.3904 -0.0093 0.0958  0.1185  3029 HOH A O   
688 O O   . HOH C .  ? 0.1589 0.3885 0.3626 -0.0915 -0.0094 0.0268  3031 HOH A O   
689 O O   . HOH C .  ? 0.3183 0.3648 0.2111 0.1244  -0.0097 -0.0237 3033 HOH A O   
690 O O   . HOH C .  ? 0.2766 0.2940 0.4013 0.0281  -0.0848 -0.0420 3037 HOH A O   
691 O O   . HOH C .  ? 0.2048 0.2649 0.5362 0.0519  0.0086  0.1415  3038 HOH A O   
692 O O   . HOH C .  ? 0.2427 0.2633 0.4670 -0.0845 0.1258  -0.0082 3045 HOH A O   
693 O O   . HOH C .  ? 0.4414 0.2122 0.4234 0.0924  -0.1036 -0.1181 3046 HOH A O   
694 O O   . HOH C .  ? 0.3675 0.2941 0.3900 0.1026  -0.0052 -0.0556 3047 HOH A O   
695 O O   . HOH C .  ? 0.5118 0.2740 0.2667 0.1915  -0.0144 0.0069  3050 HOH A O   
696 O O   . HOH C .  ? 0.4203 0.2538 0.3865 -0.1620 -0.0988 0.1241  3052 HOH A O   
697 O O   . HOH C .  ? 0.3841 0.4633 0.2450 0.0775  0.1431  0.0159  3053 HOH A O   
698 O O   . HOH C .  ? 0.4599 0.3195 0.3591 -0.0306 0.0846  -0.0208 3054 HOH A O   
699 O O   . HOH C .  ? 0.5383 0.2342 0.3253 -0.0491 -0.0176 0.0747  3055 HOH A O   
700 O O   . HOH C .  ? 0.4249 0.3828 0.3807 -0.0156 0.0959  -0.0202 3059 HOH A O   
701 O O   . HOH C .  ? 0.3809 0.3920 0.4682 0.1752  -0.0222 -0.0318 3060 HOH A O   
702 O O   . HOH C .  ? 0.2380 0.6492 0.4028 0.0941  -0.0107 -0.1348 3062 HOH A O   
703 O O   . HOH C .  ? 0.3677 0.4214 0.4405 -0.0600 0.0311  0.2374  3063 HOH A O   
704 O O   . HOH C .  ? 0.3110 0.5183 0.4463 -0.1626 -0.1018 0.1437  3064 HOH A O   
705 O O   . HOH C .  ? 0.5247 0.2399 0.4949 -0.0505 -0.1272 0.1711  3066 HOH A O   
706 O O   . HOH C .  ? 0.3737 0.3706 0.4514 0.0436  -0.0383 0.0139  3067 HOH A O   
707 O O   . HOH C .  ? 0.2657 0.4598 0.5704 -0.0455 0.0525  -0.0729 3068 HOH A O   
708 O O   . HOH C .  ? 0.2593 0.4133 0.5528 0.0866  0.0830  0.0936  3069 HOH A O   
709 O O   . HOH C .  ? 0.4136 0.4643 0.4493 0.1316  -0.0358 0.1371  3072 HOH A O   
710 O O   . HOH C .  ? 0.3439 0.3456 0.6176 -0.2174 0.0702  0.1198  3073 HOH A O   
711 O O   . HOH C .  ? 0.5142 0.3900 0.4936 0.0203  -0.1062 -0.0541 3074 HOH A O   
712 O O   . HOH C .  ? 0.4628 0.5157 0.5082 0.1512  -0.0341 -0.0755 3084 HOH A O   
713 O O   . HOH C .  ? 0.5744 0.4953 0.3610 -0.0582 -0.2236 0.1425  3086 HOH A O   
714 O O   . HOH C .  ? 0.5075 0.3173 0.5286 0.0266  -0.1259 -0.0588 3087 HOH A O   
715 O O   . HOH C .  ? 0.5094 0.5045 0.4904 -0.1433 0.0057  -0.0736 3090 HOH A O   
716 O O   . HOH C .  ? 0.6127 0.4725 0.5316 0.2437  -0.0471 0.2211  3091 HOH A O   
717 O O   . HOH C .  ? 0.5133 0.4556 0.5455 0.0633  -0.0122 0.0666  3093 HOH A O   
718 O O   . HOH C .  ? 0.3997 0.9656 0.3991 -0.2106 0.0028  0.2137  3094 HOH A O   
719 O O   . HOH C .  ? 0.4818 0.4639 0.7655 0.0820  0.2135  -0.1298 3098 HOH A O   
720 O O   . HOH C .  ? 0.5935 0.4869 0.6169 -0.0244 -0.0362 -0.1124 3101 HOH A O   
721 O O   . HOH C .  ? 0.6804 0.4332 0.5541 -0.1443 -0.1274 0.0076  3103 HOH A O   
722 O O   . HOH C .  ? 0.5342 0.6303 0.6314 -0.1257 -0.0911 -0.0557 3104 HOH A O   
723 O O   . HOH C .  ? 0.4627 0.2912 1.0246 0.0221  -0.0334 -0.0514 3105 HOH A O   
724 O O   . HOH C .  ? 0.5872 0.6047 0.6152 -0.1913 0.1069  0.0148  3107 HOH A O   
725 O O   . HOH C .  ? 0.7305 0.5352 0.6148 0.3819  -0.0576 -0.0182 3111 HOH A O   
726 O O   . HOH C .  ? 0.3986 0.6631 0.8188 0.0499  0.0531  0.1462  3113 HOH A O   
727 O O   . HOH C .  ? 0.5219 0.5216 0.8996 0.0481  0.0133  -0.0728 3115 HOH A O   
728 O O   . HOH C .  ? 0.7271 0.9628 0.5516 0.0427  0.1139  0.0688  3120 HOH A O   
729 O O   . HOH C .  ? 0.7225 0.8172 0.6586 -0.0432 0.0656  0.1295  3121 HOH A O   
730 O O   . HOH C .  ? 0.4970 0.7755 0.7418 0.0801  -0.0545 0.0323  3122 HOH A O   
731 O O   . HOH C .  ? 0.8796 0.8124 0.5618 0.0015  0.0655  0.1069  3123 HOH A O   
732 O O   . HOH C .  ? 0.8817 0.7517 0.6834 -0.0658 0.0115  -0.0862 3124 HOH A O   
733 O O   . HOH C .  ? 0.8111 0.5659 0.7027 -0.0374 -0.0312 -0.2069 3126 HOH A O   
734 O O   . HOH C .  ? 0.2204 0.1719 0.2941 -0.0673 -0.0043 -0.1269 3127 HOH A O   
735 O O   . HOH C .  ? 0.2035 0.2630 0.1896 0.0375  0.0537  -0.0211 3128 HOH A O   
736 O O   . HOH C .  ? 0.1526 0.3306 0.4422 -0.0961 -0.0732 0.1287  3130 HOH A O   
737 O O   . HOH C .  ? 0.4037 0.2323 0.3999 0.0401  0.0122  0.0465  3133 HOH A O   
738 O O   . HOH C .  ? 0.3177 0.2728 0.5289 0.0714  -0.0746 -0.1297 3134 HOH A O   
739 O O   . HOH C .  ? 0.5707 0.2619 0.4710 -0.1535 -0.1107 -0.1617 3135 HOH A O   
740 O O   . HOH C .  ? 0.7326 0.6546 0.5574 0.0419  0.0565  0.0137  3136 HOH A O   
741 O O   . HOH D .  ? 0.1211 0.1185 0.2097 0.0253  0.0257  0.0604  3003 HOH B O   
742 O O   . HOH D .  ? 0.1657 0.1314 0.1843 -0.0075 0.0132  0.0119  3006 HOH B O   
743 O O   . HOH D .  ? 0.1499 0.1562 0.2057 0.0010  -0.0049 0.0147  3008 HOH B O   
744 O O   . HOH D .  ? 0.1729 0.1504 0.1949 0.0547  -0.0128 -0.0088 3010 HOH B O   
745 O O   . HOH D .  ? 0.2698 0.1122 0.1444 -0.0074 -0.0946 -0.0016 3011 HOH B O   
746 O O   . HOH D .  ? 0.2838 0.1945 0.1325 -0.0100 -0.0165 0.0019  3012 HOH B O   
747 O O   . HOH D .  ? 0.2661 0.1561 0.1845 -0.0765 -0.0522 0.0401  3013 HOH B O   
748 O O   . HOH D .  ? 0.2611 0.2191 0.1118 -0.0652 -0.0217 0.0309  3015 HOH B O   
749 O O   . HOH D .  ? 0.3611 0.1563 0.1681 -0.0633 -0.0051 -0.0268 3016 HOH B O   
750 O O   . HOH D .  ? 0.2378 0.2967 0.1707 -0.0029 0.0017  -0.0212 3018 HOH B O   
751 O O   . HOH D .  ? 0.3124 0.1450 0.2559 0.0286  0.0120  -0.0261 3019 HOH B O   
752 O O   . HOH D .  ? 0.3865 0.1788 0.1346 -0.0136 -0.0170 0.0194  3020 HOH B O   
753 O O   . HOH D .  ? 0.1963 0.2970 0.2828 -0.0122 0.0633  -0.0001 3022 HOH B O   
754 O O   . HOH D .  ? 0.2316 0.2254 0.3418 -0.0230 -0.0180 0.1417  3023 HOH B O   
755 O O   . HOH D .  ? 0.2387 0.2771 0.2544 -0.1026 0.0007  -0.0056 3025 HOH B O   
756 O O   . HOH D .  ? 0.2819 0.2010 0.3657 0.0034  -0.0622 0.0091  3028 HOH B O   
757 O O   . HOH D .  ? 0.2391 0.1435 0.5031 -0.0174 -0.0085 -0.0246 3030 HOH B O   
758 O O   . HOH D .  ? 0.4867 0.1855 0.2052 -0.0707 -0.1875 0.0416  3032 HOH B O   
759 O O   . HOH D .  ? 0.5187 0.1583 0.2724 -0.0249 -0.0027 0.0728  3034 HOH B O   
760 O O   . HOH D .  ? 0.2759 0.2971 0.3330 0.0371  0.1072  -0.0680 3035 HOH B O   
761 O O   . HOH D .  ? 0.2357 0.2587 0.4004 0.0537  -0.0817 -0.0288 3036 HOH B O   
762 O O   . HOH D .  ? 0.4054 0.2022 0.3660 0.0365  0.0675  0.0374  3039 HOH B O   
763 O O   . HOH D .  ? 0.2482 0.2241 0.4708 -0.0623 -0.0300 0.0982  3040 HOH B O   
764 O O   . HOH D .  ? 0.3250 0.2157 0.4557 0.0047  -0.1204 0.0571  3041 HOH B O   
765 O O   . HOH D .  ? 0.3168 0.2318 0.4019 0.1010  -0.0343 0.0469  3042 HOH B O   
766 O O   . HOH D .  ? 0.3825 0.3136 0.2948 -0.1250 0.0606  -0.0562 3043 HOH B O   
767 O O   . HOH D .  ? 0.3594 0.3434 0.2883 0.0485  -0.0266 0.0843  3044 HOH B O   
768 O O   . HOH D .  ? 0.4446 0.3120 0.3472 -0.2244 -0.1853 0.1404  3048 HOH B O   
769 O O   . HOH D .  ? 0.3950 0.3635 0.2629 -0.0571 -0.0507 -0.0569 3049 HOH B O   
770 O O   . HOH D .  ? 0.4301 0.2436 0.4188 0.0260  -0.0938 -0.0478 3051 HOH B O   
771 O O   . HOH D .  ? 0.2211 0.5922 0.3008 -0.0735 0.0338  0.0117  3056 HOH B O   
772 O O   . HOH D .  ? 0.5468 0.4080 0.2547 -0.0453 -0.1815 0.0688  3057 HOH B O   
773 O O   . HOH D .  ? 0.4495 0.2541 0.5086 -0.0041 -0.2385 0.0194  3058 HOH B O   
774 O O   . HOH D .  ? 0.7079 0.1956 0.3802 -0.0516 0.1894  0.0257  3061 HOH B O   
775 O O   . HOH D .  ? 0.6873 0.3449 0.2493 0.1124  -0.1221 0.0223  3065 HOH B O   
776 O O   . HOH D .  ? 0.4434 0.2813 0.6144 0.1688  -0.1432 0.1605  3070 HOH B O   
777 O O   . HOH D .  ? 0.3737 0.6110 0.3543 0.0905  0.0131  0.2228  3071 HOH B O   
778 O O   . HOH D .  ? 0.3141 0.4274 0.4987 -0.1415 -0.0470 0.1140  3075 HOH B O   
779 O O   . HOH D .  ? 0.4471 0.3766 0.5208 -0.1298 -0.0148 -0.0248 3076 HOH B O   
780 O O   . HOH D .  ? 0.5289 0.6686 0.2188 0.0422  -0.1130 -0.0733 3077 HOH B O   
781 O O   . HOH D .  ? 0.5827 0.3011 0.3727 -0.1744 0.0350  0.0260  3078 HOH B O   
782 O O   . HOH D .  ? 0.3592 0.4318 0.5947 -0.0850 -0.0234 -0.0011 3079 HOH B O   
783 O O   . HOH D .  ? 0.5308 0.3925 0.5031 -0.0428 0.0253  0.1257  3080 HOH B O   
784 O O   . HOH D .  ? 0.6412 0.2884 0.4712 -0.1168 0.1404  -0.0347 3081 HOH B O   
785 O O   . HOH D .  ? 0.4465 0.4824 0.4957 -0.1433 0.0252  -0.0419 3082 HOH B O   
786 O O   . HOH D .  ? 0.5017 0.5412 0.3693 0.1324  -0.1579 -0.0773 3083 HOH B O   
787 O O   . HOH D .  ? 0.5553 0.4785 0.4128 0.0919  0.0381  -0.0481 3085 HOH B O   
788 O O   . HOH D .  ? 0.2926 0.2937 0.8287 -0.0570 0.0979  -0.1122 3088 HOH B O   
789 O O   . HOH D .  ? 0.7183 0.4082 0.4633 0.0664  0.0309  -0.0411 3092 HOH B O   
790 O O   . HOH D .  ? 0.3340 0.8501 0.4951 0.0748  0.0390  -0.1505 3095 HOH B O   
791 O O   . HOH D .  ? 0.5414 0.6963 0.3927 -0.1866 -0.0195 -0.0019 3096 HOH B O   
792 O O   . HOH D .  ? 0.4192 0.5238 0.6556 0.1386  0.0292  -0.0388 3097 HOH B O   
793 O O   . HOH D .  ? 0.6299 0.4930 0.4847 0.2415  -0.2051 0.0328  3099 HOH B O   
794 O O   . HOH D .  ? 0.3416 0.7025 0.6346 0.0364  0.0099  -0.0034 3100 HOH B O   
795 O O   . HOH D .  ? 0.4537 0.5033 0.6678 0.2033  0.3427  0.3004  3102 HOH B O   
796 O O   . HOH D .  ? 0.7342 0.6487 0.4645 -0.0410 -0.0634 -0.0852 3106 HOH B O   
797 O O   . HOH D .  ? 0.6982 0.5224 0.5693 -0.0391 0.0575  0.1642  3108 HOH B O   
798 O O   . HOH D .  ? 0.7530 0.3976 0.6729 0.0981  -0.1597 -0.0505 3109 HOH B O   
799 O O   . HOH D .  ? 0.5826 0.5787 0.6426 -0.0775 0.1908  0.2714  3110 HOH B O   
800 O O   . HOH D .  ? 0.6489 0.5875 0.6290 -0.0951 0.0467  -0.0803 3112 HOH B O   
801 O O   . HOH D .  ? 0.9197 0.6693 0.3121 -0.0313 -0.2053 0.0770  3114 HOH B O   
802 O O   . HOH D .  ? 0.7101 0.7707 0.3439 0.1431  -0.1709 -0.1638 3116 HOH B O   
803 O O   . HOH D .  ? 0.8576 0.7129 0.4819 -0.1983 -0.0637 -0.0472 3117 HOH B O   
804 O O   . HOH D .  ? 0.5768 0.7480 0.7154 0.3202  -0.0450 0.1521  3118 HOH B O   
805 O O   . HOH D .  ? 0.4190 0.7844 0.8286 0.3213  -0.0598 -0.1444 3119 HOH B O   
806 O O   . HOH D .  ? 0.8231 0.6859 0.7603 0.1820  -0.1540 -0.2171 3125 HOH B O   
807 O O   . HOH D .  ? 0.2647 0.5539 0.2212 0.1832  -0.0797 -0.0867 3129 HOH B O   
808 O O   . HOH D .  ? 0.6988 0.2372 0.1958 -0.0306 -0.2033 0.1634  3131 HOH B O   
809 O O   . HOH D .  ? 0.3272 0.3953 0.3220 0.0172  0.1043  0.0699  3132 HOH B O   
# 
